data_1O7Z
# 
_entry.id   1O7Z 
# 
_audit_conform.dict_name       mmcif_pdbx.dic 
_audit_conform.dict_version    5.398 
_audit_conform.dict_location   http://mmcif.pdb.org/dictionaries/ascii/mmcif_pdbx.dic 
# 
loop_
_database_2.database_id 
_database_2.database_code 
_database_2.pdbx_database_accession 
_database_2.pdbx_DOI 
PDB   1O7Z         pdb_00001o7z 10.2210/pdb1o7z/pdb 
PDBE  EBI-11730    ?            ?                   
WWPDB D_1290011730 ?            ?                   
# 
loop_
_pdbx_audit_revision_history.ordinal 
_pdbx_audit_revision_history.data_content_type 
_pdbx_audit_revision_history.major_revision 
_pdbx_audit_revision_history.minor_revision 
_pdbx_audit_revision_history.revision_date 
1 'Structure model' 1 0 2003-05-08 
2 'Structure model' 1 1 2011-05-08 
3 'Structure model' 1 2 2011-07-13 
4 'Structure model' 1 3 2023-12-13 
5 'Structure model' 1 4 2024-11-13 
# 
_pdbx_audit_revision_details.ordinal             1 
_pdbx_audit_revision_details.revision_ordinal    1 
_pdbx_audit_revision_details.data_content_type   'Structure model' 
_pdbx_audit_revision_details.provider            repository 
_pdbx_audit_revision_details.type                'Initial release' 
_pdbx_audit_revision_details.description         ? 
_pdbx_audit_revision_details.details             ? 
# 
loop_
_pdbx_audit_revision_group.ordinal 
_pdbx_audit_revision_group.revision_ordinal 
_pdbx_audit_revision_group.data_content_type 
_pdbx_audit_revision_group.group 
1 2 'Structure model' 'Version format compliance' 
2 3 'Structure model' 'Version format compliance' 
3 4 'Structure model' 'Data collection'           
4 4 'Structure model' 'Database references'       
5 4 'Structure model' 'Refinement description'    
6 5 'Structure model' 'Structure summary'         
# 
loop_
_pdbx_audit_revision_category.ordinal 
_pdbx_audit_revision_category.revision_ordinal 
_pdbx_audit_revision_category.data_content_type 
_pdbx_audit_revision_category.category 
1 4 'Structure model' chem_comp_atom                
2 4 'Structure model' chem_comp_bond                
3 4 'Structure model' database_2                    
4 4 'Structure model' pdbx_initial_refinement_model 
5 5 'Structure model' pdbx_entry_details            
6 5 'Structure model' pdbx_modification_feature     
# 
loop_
_pdbx_audit_revision_item.ordinal 
_pdbx_audit_revision_item.revision_ordinal 
_pdbx_audit_revision_item.data_content_type 
_pdbx_audit_revision_item.item 
1 4 'Structure model' '_database_2.pdbx_DOI'                         
2 4 'Structure model' '_database_2.pdbx_database_accession'          
3 5 'Structure model' '_pdbx_entry_details.has_protein_modification' 
# 
_pdbx_database_status.status_code                     REL 
_pdbx_database_status.entry_id                        1O7Z 
_pdbx_database_status.deposit_site                    PDBE 
_pdbx_database_status.process_site                    PDBE 
_pdbx_database_status.SG_entry                        . 
_pdbx_database_status.recvd_initial_deposition_date   2002-11-20 
_pdbx_database_status.pdb_format_compatible           Y 
_pdbx_database_status.status_code_sf                  ? 
_pdbx_database_status.status_code_mr                  ? 
_pdbx_database_status.status_code_cs                  ? 
_pdbx_database_status.methods_development_category    ? 
_pdbx_database_status.status_code_nmr_data            ? 
# 
loop_
_pdbx_database_related.db_name 
_pdbx_database_related.db_id 
_pdbx_database_related.content_type 
_pdbx_database_related.details 
PDB 1LV9 unspecified 'CXCR3 BINDING CHEMOKINE IP-10/CXCL10'       
PDB 1O7Y unspecified 'CRYSTAL STRUCTURE OF IP-10 M-FORM TETRAMER' 
PDB 1O80 unspecified 'CRYSTAL STRUCTURE OF IP-10 H-FORM TETRAMER' 
# 
loop_
_audit_author.name 
_audit_author.pdbx_ordinal 
'Swaminathan, G.J.'  1 
'Holloway, D.E.'     2 
'Papageorgiou, A.C.' 3 
'Acharya, K.R.'      4 
# 
_citation.id                        primary 
_citation.title                     'Crystal Structures of Oligomeric Forms of the Ip-10/Cxcl10 Chemokine' 
_citation.journal_abbrev            Structure 
_citation.journal_volume            11 
_citation.page_first                521 
_citation.page_last                 ? 
_citation.year                      2003 
_citation.journal_id_ASTM           STRUE6 
_citation.country                   UK 
_citation.journal_id_ISSN           0969-2126 
_citation.journal_id_CSD            2005 
_citation.book_publisher            ? 
_citation.pdbx_database_id_PubMed   12737818 
_citation.pdbx_database_id_DOI      '10.1016/S0969-2126(03)00070-4' 
# 
loop_
_citation_author.citation_id 
_citation_author.name 
_citation_author.ordinal 
_citation_author.identifier_ORCID 
primary 'Swaminathan, G.J.'  1 ? 
primary 'Holloway, D.E.'     2 ? 
primary 'Colvin, R.A.'       3 ? 
primary 'Campanella, G.K.'   4 ? 
primary 'Papageorgiou, A.C.' 5 ? 
primary 'Luster, A.D.'       6 ? 
primary 'Acharya, K.R.'      7 ? 
# 
loop_
_entity.id 
_entity.type 
_entity.src_method 
_entity.pdbx_description 
_entity.formula_weight 
_entity.pdbx_number_of_molecules 
_entity.pdbx_ec 
_entity.pdbx_mutation 
_entity.pdbx_fragment 
_entity.details 
1 polymer syn 'SMALL INDUCIBLE CYTOKINE B10' 8637.345 2  ? ? ? ? 
2 water   nat water                          18.015   42 ? ? ? ? 
# 
_entity_name_com.entity_id   1 
_entity_name_com.name        'IP-10, CXCL10, GAMMA-IP10, IP-10, INTERFERON-GAMMA INDUCED PROTEIN' 
# 
_entity_poly.entity_id                      1 
_entity_poly.type                           'polypeptide(L)' 
_entity_poly.nstd_linkage                   no 
_entity_poly.nstd_monomer                   no 
_entity_poly.pdbx_seq_one_letter_code       VPLSRTVRCTCISISNQPVNPRSLEKLEIIPASQFCPRVEIIATMKKKGEKRCLNPESKAIKNLLKAVSKEMSKRSP 
_entity_poly.pdbx_seq_one_letter_code_can   VPLSRTVRCTCISISNQPVNPRSLEKLEIIPASQFCPRVEIIATMKKKGEKRCLNPESKAIKNLLKAVSKEMSKRSP 
_entity_poly.pdbx_strand_id                 A,B 
_entity_poly.pdbx_target_identifier         ? 
# 
_pdbx_entity_nonpoly.entity_id   2 
_pdbx_entity_nonpoly.name        water 
_pdbx_entity_nonpoly.comp_id     HOH 
# 
loop_
_entity_poly_seq.entity_id 
_entity_poly_seq.num 
_entity_poly_seq.mon_id 
_entity_poly_seq.hetero 
1 1  VAL n 
1 2  PRO n 
1 3  LEU n 
1 4  SER n 
1 5  ARG n 
1 6  THR n 
1 7  VAL n 
1 8  ARG n 
1 9  CYS n 
1 10 THR n 
1 11 CYS n 
1 12 ILE n 
1 13 SER n 
1 14 ILE n 
1 15 SER n 
1 16 ASN n 
1 17 GLN n 
1 18 PRO n 
1 19 VAL n 
1 20 ASN n 
1 21 PRO n 
1 22 ARG n 
1 23 SER n 
1 24 LEU n 
1 25 GLU n 
1 26 LYS n 
1 27 LEU n 
1 28 GLU n 
1 29 ILE n 
1 30 ILE n 
1 31 PRO n 
1 32 ALA n 
1 33 SER n 
1 34 GLN n 
1 35 PHE n 
1 36 CYS n 
1 37 PRO n 
1 38 ARG n 
1 39 VAL n 
1 40 GLU n 
1 41 ILE n 
1 42 ILE n 
1 43 ALA n 
1 44 THR n 
1 45 MET n 
1 46 LYS n 
1 47 LYS n 
1 48 LYS n 
1 49 GLY n 
1 50 GLU n 
1 51 LYS n 
1 52 ARG n 
1 53 CYS n 
1 54 LEU n 
1 55 ASN n 
1 56 PRO n 
1 57 GLU n 
1 58 SER n 
1 59 LYS n 
1 60 ALA n 
1 61 ILE n 
1 62 LYS n 
1 63 ASN n 
1 64 LEU n 
1 65 LEU n 
1 66 LYS n 
1 67 ALA n 
1 68 VAL n 
1 69 SER n 
1 70 LYS n 
1 71 GLU n 
1 72 MET n 
1 73 SER n 
1 74 LYS n 
1 75 ARG n 
1 76 SER n 
1 77 PRO n 
# 
_pdbx_entity_src_syn.entity_id              1 
_pdbx_entity_src_syn.pdbx_src_id            1 
_pdbx_entity_src_syn.pdbx_alt_source_flag   sample 
_pdbx_entity_src_syn.pdbx_beg_seq_num       ? 
_pdbx_entity_src_syn.pdbx_end_seq_num       ? 
_pdbx_entity_src_syn.organism_scientific    'HOMO SAPIENS' 
_pdbx_entity_src_syn.organism_common_name   HUMAN 
_pdbx_entity_src_syn.ncbi_taxonomy_id       9606 
_pdbx_entity_src_syn.details                ? 
# 
loop_
_chem_comp.id 
_chem_comp.type 
_chem_comp.mon_nstd_flag 
_chem_comp.name 
_chem_comp.pdbx_synonyms 
_chem_comp.formula 
_chem_comp.formula_weight 
ALA 'L-peptide linking' y ALANINE         ? 'C3 H7 N O2'     89.093  
ARG 'L-peptide linking' y ARGININE        ? 'C6 H15 N4 O2 1' 175.209 
ASN 'L-peptide linking' y ASPARAGINE      ? 'C4 H8 N2 O3'    132.118 
CYS 'L-peptide linking' y CYSTEINE        ? 'C3 H7 N O2 S'   121.158 
GLN 'L-peptide linking' y GLUTAMINE       ? 'C5 H10 N2 O3'   146.144 
GLU 'L-peptide linking' y 'GLUTAMIC ACID' ? 'C5 H9 N O4'     147.129 
GLY 'peptide linking'   y GLYCINE         ? 'C2 H5 N O2'     75.067  
HOH non-polymer         . WATER           ? 'H2 O'           18.015  
ILE 'L-peptide linking' y ISOLEUCINE      ? 'C6 H13 N O2'    131.173 
LEU 'L-peptide linking' y LEUCINE         ? 'C6 H13 N O2'    131.173 
LYS 'L-peptide linking' y LYSINE          ? 'C6 H15 N2 O2 1' 147.195 
MET 'L-peptide linking' y METHIONINE      ? 'C5 H11 N O2 S'  149.211 
PHE 'L-peptide linking' y PHENYLALANINE   ? 'C9 H11 N O2'    165.189 
PRO 'L-peptide linking' y PROLINE         ? 'C5 H9 N O2'     115.130 
SER 'L-peptide linking' y SERINE          ? 'C3 H7 N O3'     105.093 
THR 'L-peptide linking' y THREONINE       ? 'C4 H9 N O3'     119.119 
VAL 'L-peptide linking' y VALINE          ? 'C5 H11 N O2'    117.146 
# 
loop_
_pdbx_poly_seq_scheme.asym_id 
_pdbx_poly_seq_scheme.entity_id 
_pdbx_poly_seq_scheme.seq_id 
_pdbx_poly_seq_scheme.mon_id 
_pdbx_poly_seq_scheme.ndb_seq_num 
_pdbx_poly_seq_scheme.pdb_seq_num 
_pdbx_poly_seq_scheme.auth_seq_num 
_pdbx_poly_seq_scheme.pdb_mon_id 
_pdbx_poly_seq_scheme.auth_mon_id 
_pdbx_poly_seq_scheme.pdb_strand_id 
_pdbx_poly_seq_scheme.pdb_ins_code 
_pdbx_poly_seq_scheme.hetero 
A 1 1  VAL 1  1  ?  ?   ?   A . n 
A 1 2  PRO 2  2  ?  ?   ?   A . n 
A 1 3  LEU 3  3  ?  ?   ?   A . n 
A 1 4  SER 4  4  ?  ?   ?   A . n 
A 1 5  ARG 5  5  ?  ?   ?   A . n 
A 1 6  THR 6  6  ?  ?   ?   A . n 
A 1 7  VAL 7  7  ?  ?   ?   A . n 
A 1 8  ARG 8  8  ?  ?   ?   A . n 
A 1 9  CYS 9  9  9  CYS CYS A . n 
A 1 10 THR 10 10 10 THR THR A . n 
A 1 11 CYS 11 11 11 CYS CYS A . n 
A 1 12 ILE 12 12 12 ILE ILE A . n 
A 1 13 SER 13 13 13 SER SER A . n 
A 1 14 ILE 14 14 14 ILE ILE A . n 
A 1 15 SER 15 15 15 SER SER A . n 
A 1 16 ASN 16 16 16 ASN ASN A . n 
A 1 17 GLN 17 17 17 GLN GLN A . n 
A 1 18 PRO 18 18 18 PRO PRO A . n 
A 1 19 VAL 19 19 19 VAL VAL A . n 
A 1 20 ASN 20 20 20 ASN ASN A . n 
A 1 21 PRO 21 21 21 PRO PRO A . n 
A 1 22 ARG 22 22 22 ARG ARG A . n 
A 1 23 SER 23 23 23 SER SER A . n 
A 1 24 LEU 24 24 24 LEU LEU A . n 
A 1 25 GLU 25 25 25 GLU GLU A . n 
A 1 26 LYS 26 26 26 LYS LYS A . n 
A 1 27 LEU 27 27 27 LEU LEU A . n 
A 1 28 GLU 28 28 28 GLU GLU A . n 
A 1 29 ILE 29 29 29 ILE ILE A . n 
A 1 30 ILE 30 30 30 ILE ILE A . n 
A 1 31 PRO 31 31 31 PRO PRO A . n 
A 1 32 ALA 32 32 32 ALA ALA A . n 
A 1 33 SER 33 33 33 SER SER A . n 
A 1 34 GLN 34 34 34 GLN GLN A . n 
A 1 35 PHE 35 35 35 PHE PHE A . n 
A 1 36 CYS 36 36 36 CYS CYS A . n 
A 1 37 PRO 37 37 37 PRO PRO A . n 
A 1 38 ARG 38 38 38 ARG ARG A . n 
A 1 39 VAL 39 39 39 VAL VAL A . n 
A 1 40 GLU 40 40 40 GLU GLU A . n 
A 1 41 ILE 41 41 41 ILE ILE A . n 
A 1 42 ILE 42 42 42 ILE ILE A . n 
A 1 43 ALA 43 43 43 ALA ALA A . n 
A 1 44 THR 44 44 44 THR THR A . n 
A 1 45 MET 45 45 45 MET MET A . n 
A 1 46 LYS 46 46 46 LYS LYS A . n 
A 1 47 LYS 47 47 47 LYS LYS A . n 
A 1 48 LYS 48 48 48 LYS LYS A . n 
A 1 49 GLY 49 49 49 GLY GLY A . n 
A 1 50 GLU 50 50 50 GLU GLU A . n 
A 1 51 LYS 51 51 51 LYS LYS A . n 
A 1 52 ARG 52 52 52 ARG ARG A . n 
A 1 53 CYS 53 53 53 CYS CYS A . n 
A 1 54 LEU 54 54 54 LEU LEU A . n 
A 1 55 ASN 55 55 55 ASN ASN A . n 
A 1 56 PRO 56 56 56 PRO PRO A . n 
A 1 57 GLU 57 57 57 GLU GLU A . n 
A 1 58 SER 58 58 58 SER SER A . n 
A 1 59 LYS 59 59 59 LYS LYS A . n 
A 1 60 ALA 60 60 60 ALA ALA A . n 
A 1 61 ILE 61 61 61 ILE ILE A . n 
A 1 62 LYS 62 62 62 LYS LYS A . n 
A 1 63 ASN 63 63 63 ASN ASN A . n 
A 1 64 LEU 64 64 64 LEU LEU A . n 
A 1 65 LEU 65 65 65 LEU LEU A . n 
A 1 66 LYS 66 66 66 LYS LYS A . n 
A 1 67 ALA 67 67 67 ALA ALA A . n 
A 1 68 VAL 68 68 68 VAL VAL A . n 
A 1 69 SER 69 69 69 SER SER A . n 
A 1 70 LYS 70 70 ?  ?   ?   A . n 
A 1 71 GLU 71 71 ?  ?   ?   A . n 
A 1 72 MET 72 72 ?  ?   ?   A . n 
A 1 73 SER 73 73 ?  ?   ?   A . n 
A 1 74 LYS 74 74 ?  ?   ?   A . n 
A 1 75 ARG 75 75 ?  ?   ?   A . n 
A 1 76 SER 76 76 ?  ?   ?   A . n 
A 1 77 PRO 77 77 ?  ?   ?   A . n 
B 1 1  VAL 1  1  ?  ?   ?   B . n 
B 1 2  PRO 2  2  ?  ?   ?   B . n 
B 1 3  LEU 3  3  ?  ?   ?   B . n 
B 1 4  SER 4  4  ?  ?   ?   B . n 
B 1 5  ARG 5  5  ?  ?   ?   B . n 
B 1 6  THR 6  6  ?  ?   ?   B . n 
B 1 7  VAL 7  7  ?  ?   ?   B . n 
B 1 8  ARG 8  8  ?  ?   ?   B . n 
B 1 9  CYS 9  9  9  CYS CYS B . n 
B 1 10 THR 10 10 10 THR THR B . n 
B 1 11 CYS 11 11 11 CYS CYS B . n 
B 1 12 ILE 12 12 12 ILE ILE B . n 
B 1 13 SER 13 13 13 SER SER B . n 
B 1 14 ILE 14 14 14 ILE ILE B . n 
B 1 15 SER 15 15 15 SER SER B . n 
B 1 16 ASN 16 16 16 ASN ASN B . n 
B 1 17 GLN 17 17 17 GLN GLN B . n 
B 1 18 PRO 18 18 18 PRO PRO B . n 
B 1 19 VAL 19 19 19 VAL VAL B . n 
B 1 20 ASN 20 20 20 ASN ASN B . n 
B 1 21 PRO 21 21 21 PRO PRO B . n 
B 1 22 ARG 22 22 22 ARG ARG B . n 
B 1 23 SER 23 23 23 SER SER B . n 
B 1 24 LEU 24 24 24 LEU LEU B . n 
B 1 25 GLU 25 25 25 GLU GLU B . n 
B 1 26 LYS 26 26 26 LYS LYS B . n 
B 1 27 LEU 27 27 27 LEU LEU B . n 
B 1 28 GLU 28 28 28 GLU GLU B . n 
B 1 29 ILE 29 29 29 ILE ILE B . n 
B 1 30 ILE 30 30 30 ILE ILE B . n 
B 1 31 PRO 31 31 31 PRO PRO B . n 
B 1 32 ALA 32 32 32 ALA ALA B . n 
B 1 33 SER 33 33 33 SER SER B . n 
B 1 34 GLN 34 34 34 GLN GLN B . n 
B 1 35 PHE 35 35 35 PHE PHE B . n 
B 1 36 CYS 36 36 36 CYS CYS B . n 
B 1 37 PRO 37 37 37 PRO PRO B . n 
B 1 38 ARG 38 38 38 ARG ARG B . n 
B 1 39 VAL 39 39 39 VAL VAL B . n 
B 1 40 GLU 40 40 40 GLU GLU B . n 
B 1 41 ILE 41 41 41 ILE ILE B . n 
B 1 42 ILE 42 42 42 ILE ILE B . n 
B 1 43 ALA 43 43 43 ALA ALA B . n 
B 1 44 THR 44 44 44 THR THR B . n 
B 1 45 MET 45 45 45 MET MET B . n 
B 1 46 LYS 46 46 46 LYS LYS B . n 
B 1 47 LYS 47 47 47 LYS LYS B . n 
B 1 48 LYS 48 48 48 LYS LYS B . n 
B 1 49 GLY 49 49 49 GLY GLY B . n 
B 1 50 GLU 50 50 50 GLU GLU B . n 
B 1 51 LYS 51 51 51 LYS LYS B . n 
B 1 52 ARG 52 52 52 ARG ARG B . n 
B 1 53 CYS 53 53 53 CYS CYS B . n 
B 1 54 LEU 54 54 54 LEU LEU B . n 
B 1 55 ASN 55 55 55 ASN ASN B . n 
B 1 56 PRO 56 56 56 PRO PRO B . n 
B 1 57 GLU 57 57 57 GLU GLU B . n 
B 1 58 SER 58 58 58 SER SER B . n 
B 1 59 LYS 59 59 59 LYS LYS B . n 
B 1 60 ALA 60 60 60 ALA ALA B . n 
B 1 61 ILE 61 61 61 ILE ILE B . n 
B 1 62 LYS 62 62 62 LYS LYS B . n 
B 1 63 ASN 63 63 63 ASN ASN B . n 
B 1 64 LEU 64 64 64 LEU LEU B . n 
B 1 65 LEU 65 65 ?  ?   ?   B . n 
B 1 66 LYS 66 66 ?  ?   ?   B . n 
B 1 67 ALA 67 67 ?  ?   ?   B . n 
B 1 68 VAL 68 68 ?  ?   ?   B . n 
B 1 69 SER 69 69 ?  ?   ?   B . n 
B 1 70 LYS 70 70 ?  ?   ?   B . n 
B 1 71 GLU 71 71 ?  ?   ?   B . n 
B 1 72 MET 72 72 ?  ?   ?   B . n 
B 1 73 SER 73 73 ?  ?   ?   B . n 
B 1 74 LYS 74 74 ?  ?   ?   B . n 
B 1 75 ARG 75 75 ?  ?   ?   B . n 
B 1 76 SER 76 76 ?  ?   ?   B . n 
B 1 77 PRO 77 77 ?  ?   ?   B . n 
# 
loop_
_pdbx_nonpoly_scheme.asym_id 
_pdbx_nonpoly_scheme.entity_id 
_pdbx_nonpoly_scheme.mon_id 
_pdbx_nonpoly_scheme.ndb_seq_num 
_pdbx_nonpoly_scheme.pdb_seq_num 
_pdbx_nonpoly_scheme.auth_seq_num 
_pdbx_nonpoly_scheme.pdb_mon_id 
_pdbx_nonpoly_scheme.auth_mon_id 
_pdbx_nonpoly_scheme.pdb_strand_id 
_pdbx_nonpoly_scheme.pdb_ins_code 
C 2 HOH 1  2001 2001 HOH HOH A . 
C 2 HOH 2  2002 2002 HOH HOH A . 
C 2 HOH 3  2003 2003 HOH HOH A . 
C 2 HOH 4  2004 2004 HOH HOH A . 
C 2 HOH 5  2005 2005 HOH HOH A . 
C 2 HOH 6  2006 2006 HOH HOH A . 
C 2 HOH 7  2007 2007 HOH HOH A . 
C 2 HOH 8  2008 2008 HOH HOH A . 
C 2 HOH 9  2009 2009 HOH HOH A . 
C 2 HOH 10 2010 2010 HOH HOH A . 
C 2 HOH 11 2011 2011 HOH HOH A . 
C 2 HOH 12 2012 2012 HOH HOH A . 
C 2 HOH 13 2013 2013 HOH HOH A . 
D 2 HOH 1  2001 2001 HOH HOH B . 
D 2 HOH 2  2002 2002 HOH HOH B . 
D 2 HOH 3  2003 2003 HOH HOH B . 
D 2 HOH 4  2004 2004 HOH HOH B . 
D 2 HOH 5  2005 2005 HOH HOH B . 
D 2 HOH 6  2006 2006 HOH HOH B . 
D 2 HOH 7  2007 2007 HOH HOH B . 
D 2 HOH 8  2008 2008 HOH HOH B . 
D 2 HOH 9  2009 2009 HOH HOH B . 
D 2 HOH 10 2010 2010 HOH HOH B . 
D 2 HOH 11 2011 2011 HOH HOH B . 
D 2 HOH 12 2012 2012 HOH HOH B . 
D 2 HOH 13 2013 2013 HOH HOH B . 
D 2 HOH 14 2014 2014 HOH HOH B . 
D 2 HOH 15 2015 2015 HOH HOH B . 
D 2 HOH 16 2016 2016 HOH HOH B . 
D 2 HOH 17 2017 2017 HOH HOH B . 
D 2 HOH 18 2018 2018 HOH HOH B . 
D 2 HOH 19 2019 2019 HOH HOH B . 
D 2 HOH 20 2020 2020 HOH HOH B . 
D 2 HOH 21 2021 2021 HOH HOH B . 
D 2 HOH 22 2022 2022 HOH HOH B . 
D 2 HOH 23 2023 2023 HOH HOH B . 
D 2 HOH 24 2024 2024 HOH HOH B . 
D 2 HOH 25 2025 2025 HOH HOH B . 
D 2 HOH 26 2026 2026 HOH HOH B . 
D 2 HOH 27 2027 2027 HOH HOH B . 
D 2 HOH 28 2028 2028 HOH HOH B . 
D 2 HOH 29 2029 2029 HOH HOH B . 
# 
loop_
_pdbx_unobs_or_zero_occ_atoms.id 
_pdbx_unobs_or_zero_occ_atoms.PDB_model_num 
_pdbx_unobs_or_zero_occ_atoms.polymer_flag 
_pdbx_unobs_or_zero_occ_atoms.occupancy_flag 
_pdbx_unobs_or_zero_occ_atoms.auth_asym_id 
_pdbx_unobs_or_zero_occ_atoms.auth_comp_id 
_pdbx_unobs_or_zero_occ_atoms.auth_seq_id 
_pdbx_unobs_or_zero_occ_atoms.PDB_ins_code 
_pdbx_unobs_or_zero_occ_atoms.auth_atom_id 
_pdbx_unobs_or_zero_occ_atoms.label_alt_id 
_pdbx_unobs_or_zero_occ_atoms.label_asym_id 
_pdbx_unobs_or_zero_occ_atoms.label_comp_id 
_pdbx_unobs_or_zero_occ_atoms.label_seq_id 
_pdbx_unobs_or_zero_occ_atoms.label_atom_id 
1  1 Y 1 A ILE 61 ? CG1 ? A ILE 61 CG1 
2  1 Y 1 A ILE 61 ? CG2 ? A ILE 61 CG2 
3  1 Y 1 A ILE 61 ? CD1 ? A ILE 61 CD1 
4  1 Y 1 A SER 69 ? CA  ? A SER 69 CA  
5  1 Y 1 A SER 69 ? C   ? A SER 69 C   
6  1 Y 1 A SER 69 ? O   ? A SER 69 O   
7  1 Y 1 A SER 69 ? CB  ? A SER 69 CB  
8  1 Y 1 A SER 69 ? OG  ? A SER 69 OG  
9  1 Y 1 B LEU 64 ? CA  ? B LEU 64 CA  
10 1 Y 1 B LEU 64 ? C   ? B LEU 64 C   
11 1 Y 1 B LEU 64 ? O   ? B LEU 64 O   
12 1 Y 1 B LEU 64 ? CB  ? B LEU 64 CB  
13 1 Y 1 B LEU 64 ? CG  ? B LEU 64 CG  
14 1 Y 1 B LEU 64 ? CD1 ? B LEU 64 CD1 
15 1 Y 1 B LEU 64 ? CD2 ? B LEU 64 CD2 
# 
loop_
_software.name 
_software.classification 
_software.version 
_software.citation_id 
_software.pdbx_ordinal 
CNS       refinement       1.1 ? 1 
DENZO     'data reduction' .   ? 2 
SCALEPACK 'data scaling'   .   ? 3 
AMoRE     phasing          .   ? 4 
# 
_cell.entry_id           1O7Z 
_cell.length_a           59.437 
_cell.length_b           59.437 
_cell.length_c           121.708 
_cell.angle_alpha        90.00 
_cell.angle_beta         90.00 
_cell.angle_gamma        90.00 
_cell.Z_PDB              16 
_cell.pdbx_unique_axis   ? 
# 
_symmetry.entry_id                         1O7Z 
_symmetry.space_group_name_H-M             'P 41 21 2' 
_symmetry.pdbx_full_space_group_name_H-M   ? 
_symmetry.cell_setting                     ? 
_symmetry.Int_Tables_number                92 
# 
_exptl.entry_id          1O7Z 
_exptl.method            'X-RAY DIFFRACTION' 
_exptl.crystals_number   1 
# 
_exptl_crystal.id                    1 
_exptl_crystal.density_meas          ? 
_exptl_crystal.density_Matthews      3.12 
_exptl_crystal.density_percent_sol   60.3 
_exptl_crystal.description           ? 
# 
_exptl_crystal_grow.crystal_id      1 
_exptl_crystal_grow.method          ? 
_exptl_crystal_grow.temp            ? 
_exptl_crystal_grow.temp_details    ? 
_exptl_crystal_grow.pH              8.75 
_exptl_crystal_grow.pdbx_pH_range   ? 
_exptl_crystal_grow.pdbx_details    '10MG/ML PROTEIN,0.1M TRIS-HCL BUFFER, PH 8.75,3.3M SODIUM FORMATE' 
# 
_diffrn.id                     1 
_diffrn.ambient_temp           100.0 
_diffrn.ambient_temp_details   ? 
_diffrn.crystal_id             1 
# 
_diffrn_detector.diffrn_id              1 
_diffrn_detector.detector               CCD 
_diffrn_detector.type                   'ADSC CCD' 
_diffrn_detector.pdbx_collection_date   2002-02-25 
_diffrn_detector.details                MIRRORS 
# 
_diffrn_radiation.diffrn_id                        1 
_diffrn_radiation.wavelength_id                    1 
_diffrn_radiation.pdbx_monochromatic_or_laue_m_l   M 
_diffrn_radiation.monochromator                    'SI(111)' 
_diffrn_radiation.pdbx_diffrn_protocol             'SINGLE WAVELENGTH' 
_diffrn_radiation.pdbx_scattering_type             x-ray 
# 
_diffrn_radiation_wavelength.id           1 
_diffrn_radiation_wavelength.wavelength   1.488 
_diffrn_radiation_wavelength.wt           1.0 
# 
_diffrn_source.diffrn_id                   1 
_diffrn_source.source                      SYNCHROTRON 
_diffrn_source.type                        'SRS BEAMLINE PX14.1' 
_diffrn_source.pdbx_synchrotron_site       SRS 
_diffrn_source.pdbx_synchrotron_beamline   PX14.1 
_diffrn_source.pdbx_wavelength             1.488 
_diffrn_source.pdbx_wavelength_list        ? 
# 
_reflns.pdbx_diffrn_id               1 
_reflns.pdbx_ordinal                 1 
_reflns.entry_id                     1O7Z 
_reflns.observed_criterion_sigma_I   ? 
_reflns.observed_criterion_sigma_F   ? 
_reflns.d_resolution_low             50.000 
_reflns.d_resolution_high            1.920 
_reflns.number_obs                   17435 
_reflns.number_all                   ? 
_reflns.percent_possible_obs         99.8 
_reflns.pdbx_Rmerge_I_obs            0.08700 
_reflns.pdbx_Rsym_value              ? 
_reflns.pdbx_netI_over_sigmaI        21.7000 
_reflns.B_iso_Wilson_estimate        46.8 
_reflns.pdbx_redundancy              17.800 
# 
_reflns_shell.pdbx_diffrn_id         1 
_reflns_shell.pdbx_ordinal           1 
_reflns_shell.d_res_high             1.92 
_reflns_shell.d_res_low              1.97 
_reflns_shell.percent_possible_all   100.0 
_reflns_shell.Rmerge_I_obs           0.47400 
_reflns_shell.pdbx_Rsym_value        ? 
_reflns_shell.meanI_over_sigI_obs    3.200 
_reflns_shell.pdbx_redundancy        ? 
# 
_refine.pdbx_refine_id                           'X-RAY DIFFRACTION' 
_refine.entry_id                                 1O7Z 
_refine.pdbx_diffrn_id                           1 
_refine.pdbx_TLS_residual_ADP_flag               ? 
_refine.ls_number_reflns_obs                     15343 
_refine.ls_number_reflns_all                     ? 
_refine.pdbx_ls_sigma_I                          ? 
_refine.pdbx_ls_sigma_F                          0.0 
_refine.pdbx_data_cutoff_high_absF               874079.2 
_refine.pdbx_data_cutoff_low_absF                ? 
_refine.pdbx_data_cutoff_high_rms_absF           ? 
_refine.ls_d_res_low                             34.58 
_refine.ls_d_res_high                            1.92 
_refine.ls_percent_reflns_obs                    88.3 
_refine.ls_R_factor_obs                          0.279 
_refine.ls_R_factor_all                          ? 
_refine.ls_R_factor_R_work                       0.279 
_refine.ls_R_factor_R_free                       0.298 
_refine.ls_R_factor_R_free_error                 0.008 
_refine.ls_R_factor_R_free_error_details         ? 
_refine.ls_percent_reflns_R_free                 5.8 
_refine.ls_number_reflns_R_free                  887 
_refine.ls_number_parameters                     ? 
_refine.ls_number_restraints                     ? 
_refine.occupancy_min                            ? 
_refine.occupancy_max                            ? 
_refine.correlation_coeff_Fo_to_Fc               ? 
_refine.correlation_coeff_Fo_to_Fc_free          ? 
_refine.B_iso_mean                               60.1 
_refine.aniso_B[1][1]                            8.58 
_refine.aniso_B[2][2]                            8.58 
_refine.aniso_B[3][3]                            -17.15 
_refine.aniso_B[1][2]                            0.00 
_refine.aniso_B[1][3]                            0.00 
_refine.aniso_B[2][3]                            0.00 
_refine.solvent_model_details                    'FLAT MODEL' 
_refine.solvent_model_param_ksol                 0.35472 
_refine.solvent_model_param_bsol                 52.5121 
_refine.pdbx_solvent_vdw_probe_radii             ? 
_refine.pdbx_solvent_ion_probe_radii             ? 
_refine.pdbx_solvent_shrinkage_radii             ? 
_refine.pdbx_ls_cross_valid_method               THROUGHOUT 
_refine.details                                  ? 
_refine.pdbx_starting_model                      'PDB ENTRY 1RHP' 
_refine.pdbx_method_to_determine_struct          'MOLECULAR REPLACEMENT' 
_refine.pdbx_isotropic_thermal_model             RESTRAINED 
_refine.pdbx_stereochemistry_target_values       ? 
_refine.pdbx_stereochem_target_val_spec_case     ? 
_refine.pdbx_R_Free_selection_details            RANDOM 
_refine.pdbx_overall_ESU_R                       ? 
_refine.pdbx_overall_ESU_R_Free                  ? 
_refine.overall_SU_ML                            ? 
_refine.pdbx_overall_phase_error                 ? 
_refine.overall_SU_B                             ? 
_refine.overall_SU_R_Cruickshank_DPI             ? 
_refine.pdbx_overall_SU_R_free_Cruickshank_DPI   ? 
_refine.pdbx_overall_SU_R_Blow_DPI               ? 
_refine.pdbx_overall_SU_R_free_Blow_DPI          ? 
# 
_refine_analyze.pdbx_refine_id                  'X-RAY DIFFRACTION' 
_refine_analyze.entry_id                        1O7Z 
_refine_analyze.Luzzati_coordinate_error_obs    0.36 
_refine_analyze.Luzzati_sigma_a_obs             0.25 
_refine_analyze.Luzzati_d_res_low_obs           35 
_refine_analyze.Luzzati_coordinate_error_free   0.40 
_refine_analyze.Luzzati_sigma_a_free            0.22 
_refine_analyze.Luzzati_d_res_low_free          ? 
_refine_analyze.number_disordered_residues      ? 
_refine_analyze.occupancy_sum_hydrogen          ? 
_refine_analyze.occupancy_sum_non_hydrogen      ? 
# 
_refine_hist.pdbx_refine_id                   'X-RAY DIFFRACTION' 
_refine_hist.cycle_id                         LAST 
_refine_hist.pdbx_number_atoms_protein        888 
_refine_hist.pdbx_number_atoms_nucleic_acid   0 
_refine_hist.pdbx_number_atoms_ligand         0 
_refine_hist.number_atoms_solvent             42 
_refine_hist.number_atoms_total               930 
_refine_hist.d_res_high                       1.92 
_refine_hist.d_res_low                        34.58 
# 
loop_
_refine_ls_restr.type 
_refine_ls_restr.dev_ideal 
_refine_ls_restr.dev_ideal_target 
_refine_ls_restr.weight 
_refine_ls_restr.number 
_refine_ls_restr.pdbx_refine_id 
_refine_ls_restr.pdbx_restraint_function 
c_bond_d                0.006 ?    ? ? 'X-RAY DIFFRACTION' ? 
c_bond_d_na             ?     ?    ? ? 'X-RAY DIFFRACTION' ? 
c_bond_d_prot           ?     ?    ? ? 'X-RAY DIFFRACTION' ? 
c_angle_d               ?     ?    ? ? 'X-RAY DIFFRACTION' ? 
c_angle_d_na            ?     ?    ? ? 'X-RAY DIFFRACTION' ? 
c_angle_d_prot          ?     ?    ? ? 'X-RAY DIFFRACTION' ? 
c_angle_deg             1.2   ?    ? ? 'X-RAY DIFFRACTION' ? 
c_angle_deg_na          ?     ?    ? ? 'X-RAY DIFFRACTION' ? 
c_angle_deg_prot        ?     ?    ? ? 'X-RAY DIFFRACTION' ? 
c_dihedral_angle_d      25.1  ?    ? ? 'X-RAY DIFFRACTION' ? 
c_dihedral_angle_d_na   ?     ?    ? ? 'X-RAY DIFFRACTION' ? 
c_dihedral_angle_d_prot ?     ?    ? ? 'X-RAY DIFFRACTION' ? 
c_improper_angle_d      0.77  ?    ? ? 'X-RAY DIFFRACTION' ? 
c_improper_angle_d_na   ?     ?    ? ? 'X-RAY DIFFRACTION' ? 
c_improper_angle_d_prot ?     ?    ? ? 'X-RAY DIFFRACTION' ? 
c_mcbond_it             1.87  1.50 ? ? 'X-RAY DIFFRACTION' ? 
c_mcangle_it            3.19  2.00 ? ? 'X-RAY DIFFRACTION' ? 
c_scbond_it             3.39  2.00 ? ? 'X-RAY DIFFRACTION' ? 
c_scangle_it            4.28  2.50 ? ? 'X-RAY DIFFRACTION' ? 
# 
_refine_ls_shell.pdbx_refine_id                   'X-RAY DIFFRACTION' 
_refine_ls_shell.pdbx_total_number_of_bins_used   10 
_refine_ls_shell.d_res_high                       1.92 
_refine_ls_shell.d_res_low                        1.99 
_refine_ls_shell.number_reflns_R_work             1241 
_refine_ls_shell.R_factor_R_work                  0.405 
_refine_ls_shell.percent_reflns_obs               77.9 
_refine_ls_shell.R_factor_R_free                  0.378 
_refine_ls_shell.R_factor_R_free_error            0.046 
_refine_ls_shell.percent_reflns_R_free            5.1 
_refine_ls_shell.number_reflns_R_free             67 
_refine_ls_shell.number_reflns_all                ? 
_refine_ls_shell.R_factor_all                     ? 
# 
loop_
_pdbx_xplor_file.pdbx_refine_id 
_pdbx_xplor_file.serial_no 
_pdbx_xplor_file.param_file 
_pdbx_xplor_file.topol_file 
'X-RAY DIFFRACTION' 1 PROTEIN_REP.PARAM PROTEIN.TOP 
'X-RAY DIFFRACTION' 2 WATER_REP.PARAM   WATER.TOP   
# 
_struct.entry_id                  1O7Z 
_struct.title                     'Crystal structure of IP-10 T-form' 
_struct.pdbx_model_details        ? 
_struct.pdbx_CASP_flag            ? 
_struct.pdbx_model_type_details   ? 
# 
_struct_keywords.entry_id        1O7Z 
_struct_keywords.pdbx_keywords   CHEMOKINE 
_struct_keywords.text            'CHEMOKINE, INTERFERON INDUCTION, CHEMOTAXIS, INFLAMMATORY RESPONSE' 
# 
loop_
_struct_asym.id 
_struct_asym.pdbx_blank_PDB_chainid_flag 
_struct_asym.pdbx_modified 
_struct_asym.entity_id 
_struct_asym.details 
A N N 1 ? 
B N N 1 ? 
C N N 2 ? 
D N N 2 ? 
# 
_struct_ref.id                         1 
_struct_ref.db_name                    UNP 
_struct_ref.db_code                    SZ10_HUMAN 
_struct_ref.entity_id                  1 
_struct_ref.pdbx_seq_one_letter_code   ? 
_struct_ref.pdbx_align_begin           ? 
_struct_ref.pdbx_db_accession          P02778 
_struct_ref.pdbx_db_isoform            ? 
# 
loop_
_struct_ref_seq.align_id 
_struct_ref_seq.ref_id 
_struct_ref_seq.pdbx_PDB_id_code 
_struct_ref_seq.pdbx_strand_id 
_struct_ref_seq.seq_align_beg 
_struct_ref_seq.pdbx_seq_align_beg_ins_code 
_struct_ref_seq.seq_align_end 
_struct_ref_seq.pdbx_seq_align_end_ins_code 
_struct_ref_seq.pdbx_db_accession 
_struct_ref_seq.db_align_beg 
_struct_ref_seq.pdbx_db_align_beg_ins_code 
_struct_ref_seq.db_align_end 
_struct_ref_seq.pdbx_db_align_end_ins_code 
_struct_ref_seq.pdbx_auth_seq_align_beg 
_struct_ref_seq.pdbx_auth_seq_align_end 
1 1 1O7Z A 1 ? 77 ? P02778 22 ? 98 ? 1 77 
2 1 1O7Z B 1 ? 77 ? P02778 22 ? 98 ? 1 77 
# 
loop_
_struct_ref_seq_dif.align_id 
_struct_ref_seq_dif.pdbx_pdb_id_code 
_struct_ref_seq_dif.mon_id 
_struct_ref_seq_dif.pdbx_pdb_strand_id 
_struct_ref_seq_dif.seq_num 
_struct_ref_seq_dif.pdbx_pdb_ins_code 
_struct_ref_seq_dif.pdbx_seq_db_name 
_struct_ref_seq_dif.pdbx_seq_db_accession_code 
_struct_ref_seq_dif.db_mon_id 
_struct_ref_seq_dif.pdbx_seq_db_seq_num 
_struct_ref_seq_dif.details 
_struct_ref_seq_dif.pdbx_auth_seq_num 
_struct_ref_seq_dif.pdbx_ordinal 
1 1O7Z MET A 72 ? UNP P02778 ARG 93 conflict 72 1 
2 1O7Z MET B 72 ? UNP P02778 ARG 93 conflict 72 2 
# 
_pdbx_struct_assembly.id                   1 
_pdbx_struct_assembly.details              author_and_software_defined_assembly 
_pdbx_struct_assembly.method_details       PQS 
_pdbx_struct_assembly.oligomeric_details   dimeric 
_pdbx_struct_assembly.oligomeric_count     2 
# 
_pdbx_struct_assembly_gen.assembly_id       1 
_pdbx_struct_assembly_gen.oper_expression   1 
_pdbx_struct_assembly_gen.asym_id_list      A,B,C,D 
# 
_pdbx_struct_oper_list.id                   1 
_pdbx_struct_oper_list.type                 'identity operation' 
_pdbx_struct_oper_list.name                 1_555 
_pdbx_struct_oper_list.symmetry_operation   x,y,z 
_pdbx_struct_oper_list.matrix[1][1]         1.0000000000 
_pdbx_struct_oper_list.matrix[1][2]         0.0000000000 
_pdbx_struct_oper_list.matrix[1][3]         0.0000000000 
_pdbx_struct_oper_list.vector[1]            0.0000000000 
_pdbx_struct_oper_list.matrix[2][1]         0.0000000000 
_pdbx_struct_oper_list.matrix[2][2]         1.0000000000 
_pdbx_struct_oper_list.matrix[2][3]         0.0000000000 
_pdbx_struct_oper_list.vector[2]            0.0000000000 
_pdbx_struct_oper_list.matrix[3][1]         0.0000000000 
_pdbx_struct_oper_list.matrix[3][2]         0.0000000000 
_pdbx_struct_oper_list.matrix[3][3]         1.0000000000 
_pdbx_struct_oper_list.vector[3]            0.0000000000 
# 
_struct_biol.id   1 
# 
loop_
_struct_conf.conf_type_id 
_struct_conf.id 
_struct_conf.pdbx_PDB_helix_id 
_struct_conf.beg_label_comp_id 
_struct_conf.beg_label_asym_id 
_struct_conf.beg_label_seq_id 
_struct_conf.pdbx_beg_PDB_ins_code 
_struct_conf.end_label_comp_id 
_struct_conf.end_label_asym_id 
_struct_conf.end_label_seq_id 
_struct_conf.pdbx_end_PDB_ins_code 
_struct_conf.beg_auth_comp_id 
_struct_conf.beg_auth_asym_id 
_struct_conf.beg_auth_seq_id 
_struct_conf.end_auth_comp_id 
_struct_conf.end_auth_asym_id 
_struct_conf.end_auth_seq_id 
_struct_conf.pdbx_PDB_helix_class 
_struct_conf.details 
_struct_conf.pdbx_PDB_helix_length 
HELX_P HELX_P1 1 SER A 58 ? VAL A 68 ? SER A 58 VAL A 68 1 ? 11 
HELX_P HELX_P2 2 SER B 58 ? ASN B 63 ? SER B 58 ASN B 63 5 ? 6  
# 
_struct_conf_type.id          HELX_P 
_struct_conf_type.criteria    ? 
_struct_conf_type.reference   ? 
# 
loop_
_struct_conn.id 
_struct_conn.conn_type_id 
_struct_conn.pdbx_leaving_atom_flag 
_struct_conn.pdbx_PDB_id 
_struct_conn.ptnr1_label_asym_id 
_struct_conn.ptnr1_label_comp_id 
_struct_conn.ptnr1_label_seq_id 
_struct_conn.ptnr1_label_atom_id 
_struct_conn.pdbx_ptnr1_label_alt_id 
_struct_conn.pdbx_ptnr1_PDB_ins_code 
_struct_conn.pdbx_ptnr1_standard_comp_id 
_struct_conn.ptnr1_symmetry 
_struct_conn.ptnr2_label_asym_id 
_struct_conn.ptnr2_label_comp_id 
_struct_conn.ptnr2_label_seq_id 
_struct_conn.ptnr2_label_atom_id 
_struct_conn.pdbx_ptnr2_label_alt_id 
_struct_conn.pdbx_ptnr2_PDB_ins_code 
_struct_conn.ptnr1_auth_asym_id 
_struct_conn.ptnr1_auth_comp_id 
_struct_conn.ptnr1_auth_seq_id 
_struct_conn.ptnr2_auth_asym_id 
_struct_conn.ptnr2_auth_comp_id 
_struct_conn.ptnr2_auth_seq_id 
_struct_conn.ptnr2_symmetry 
_struct_conn.pdbx_ptnr3_label_atom_id 
_struct_conn.pdbx_ptnr3_label_seq_id 
_struct_conn.pdbx_ptnr3_label_comp_id 
_struct_conn.pdbx_ptnr3_label_asym_id 
_struct_conn.pdbx_ptnr3_label_alt_id 
_struct_conn.pdbx_ptnr3_PDB_ins_code 
_struct_conn.details 
_struct_conn.pdbx_dist_value 
_struct_conn.pdbx_value_order 
_struct_conn.pdbx_role 
disulf1 disulf ? ? A CYS 9  SG ? ? ? 1_555 A CYS 36 SG ? ? A CYS 9  A CYS 36 1_555 ? ? ? ? ? ? ? 2.031 ? ? 
disulf2 disulf ? ? A CYS 11 SG ? ? ? 1_555 A CYS 53 SG ? ? A CYS 11 A CYS 53 1_555 ? ? ? ? ? ? ? 2.029 ? ? 
disulf3 disulf ? ? B CYS 9  SG ? ? ? 1_555 B CYS 36 SG ? ? B CYS 9  B CYS 36 1_555 ? ? ? ? ? ? ? 2.032 ? ? 
disulf4 disulf ? ? B CYS 11 SG ? ? ? 1_555 B CYS 53 SG ? ? B CYS 11 B CYS 53 1_555 ? ? ? ? ? ? ? 2.056 ? ? 
# 
_struct_conn_type.id          disulf 
_struct_conn_type.criteria    ? 
_struct_conn_type.reference   ? 
# 
loop_
_pdbx_modification_feature.ordinal 
_pdbx_modification_feature.label_comp_id 
_pdbx_modification_feature.label_asym_id 
_pdbx_modification_feature.label_seq_id 
_pdbx_modification_feature.label_alt_id 
_pdbx_modification_feature.modified_residue_label_comp_id 
_pdbx_modification_feature.modified_residue_label_asym_id 
_pdbx_modification_feature.modified_residue_label_seq_id 
_pdbx_modification_feature.modified_residue_label_alt_id 
_pdbx_modification_feature.auth_comp_id 
_pdbx_modification_feature.auth_asym_id 
_pdbx_modification_feature.auth_seq_id 
_pdbx_modification_feature.PDB_ins_code 
_pdbx_modification_feature.symmetry 
_pdbx_modification_feature.modified_residue_auth_comp_id 
_pdbx_modification_feature.modified_residue_auth_asym_id 
_pdbx_modification_feature.modified_residue_auth_seq_id 
_pdbx_modification_feature.modified_residue_PDB_ins_code 
_pdbx_modification_feature.modified_residue_symmetry 
_pdbx_modification_feature.comp_id_linking_atom 
_pdbx_modification_feature.modified_residue_id_linking_atom 
_pdbx_modification_feature.modified_residue_id 
_pdbx_modification_feature.ref_pcm_id 
_pdbx_modification_feature.ref_comp_id 
_pdbx_modification_feature.type 
_pdbx_modification_feature.category 
1 CYS A 9  ? CYS A 36 ? CYS A 9  ? 1_555 CYS A 36 ? 1_555 SG SG . . . None 'Disulfide bridge' 
2 CYS A 11 ? CYS A 53 ? CYS A 11 ? 1_555 CYS A 53 ? 1_555 SG SG . . . None 'Disulfide bridge' 
3 CYS B 9  ? CYS B 36 ? CYS B 9  ? 1_555 CYS B 36 ? 1_555 SG SG . . . None 'Disulfide bridge' 
4 CYS B 11 ? CYS B 53 ? CYS B 11 ? 1_555 CYS B 53 ? 1_555 SG SG . . . None 'Disulfide bridge' 
# 
_struct_sheet.id               AA 
_struct_sheet.type             ? 
_struct_sheet.number_strands   6 
_struct_sheet.details          ? 
# 
loop_
_struct_sheet_order.sheet_id 
_struct_sheet_order.range_id_1 
_struct_sheet_order.range_id_2 
_struct_sheet_order.offset 
_struct_sheet_order.sense 
AA 1 2 ? anti-parallel 
AA 2 3 ? anti-parallel 
AA 3 4 ? anti-parallel 
AA 4 5 ? anti-parallel 
AA 5 6 ? anti-parallel 
# 
loop_
_struct_sheet_range.sheet_id 
_struct_sheet_range.id 
_struct_sheet_range.beg_label_comp_id 
_struct_sheet_range.beg_label_asym_id 
_struct_sheet_range.beg_label_seq_id 
_struct_sheet_range.pdbx_beg_PDB_ins_code 
_struct_sheet_range.end_label_comp_id 
_struct_sheet_range.end_label_asym_id 
_struct_sheet_range.end_label_seq_id 
_struct_sheet_range.pdbx_end_PDB_ins_code 
_struct_sheet_range.beg_auth_comp_id 
_struct_sheet_range.beg_auth_asym_id 
_struct_sheet_range.beg_auth_seq_id 
_struct_sheet_range.end_auth_comp_id 
_struct_sheet_range.end_auth_asym_id 
_struct_sheet_range.end_auth_seq_id 
AA 1 LYS A 51 ? LEU A 54 ? LYS A 51 LEU A 54 
AA 2 GLU A 40 ? MET A 45 ? GLU A 40 MET A 45 
AA 3 LEU A 24 ? ILE A 30 ? LEU A 24 ILE A 30 
AA 4 LEU B 24 ? ILE B 30 ? LEU B 24 ILE B 30 
AA 5 GLU B 40 ? MET B 45 ? GLU B 40 MET B 45 
AA 6 LYS B 51 ? LEU B 54 ? LYS B 51 LEU B 54 
# 
loop_
_pdbx_struct_sheet_hbond.sheet_id 
_pdbx_struct_sheet_hbond.range_id_1 
_pdbx_struct_sheet_hbond.range_id_2 
_pdbx_struct_sheet_hbond.range_1_label_atom_id 
_pdbx_struct_sheet_hbond.range_1_label_comp_id 
_pdbx_struct_sheet_hbond.range_1_label_asym_id 
_pdbx_struct_sheet_hbond.range_1_label_seq_id 
_pdbx_struct_sheet_hbond.range_1_PDB_ins_code 
_pdbx_struct_sheet_hbond.range_1_auth_atom_id 
_pdbx_struct_sheet_hbond.range_1_auth_comp_id 
_pdbx_struct_sheet_hbond.range_1_auth_asym_id 
_pdbx_struct_sheet_hbond.range_1_auth_seq_id 
_pdbx_struct_sheet_hbond.range_2_label_atom_id 
_pdbx_struct_sheet_hbond.range_2_label_comp_id 
_pdbx_struct_sheet_hbond.range_2_label_asym_id 
_pdbx_struct_sheet_hbond.range_2_label_seq_id 
_pdbx_struct_sheet_hbond.range_2_PDB_ins_code 
_pdbx_struct_sheet_hbond.range_2_auth_atom_id 
_pdbx_struct_sheet_hbond.range_2_auth_comp_id 
_pdbx_struct_sheet_hbond.range_2_auth_asym_id 
_pdbx_struct_sheet_hbond.range_2_auth_seq_id 
AA 1 2 N LEU A 54 ? N LEU A 54 O ILE A 41 ? O ILE A 41 
AA 2 3 O THR A 44 ? O THR A 44 N GLU A 25 ? N GLU A 25 
AA 3 4 N ILE A 29 ? N ILE A 29 O LEU B 27 ? O LEU B 27 
AA 4 5 N ILE B 30 ? N ILE B 30 O GLU B 40 ? O GLU B 40 
AA 5 6 N ALA B 43 ? N ALA B 43 O ARG B 52 ? O ARG B 52 
# 
_pdbx_entry_details.entry_id                   1O7Z 
_pdbx_entry_details.compound_details           
;CHEMOTACTIC FOR MONOCYTES AND T LYMPHOCYTES. BINDS TO CXCR3.
 INDUCED BY INTERFERON GAMMA. A DIVERSE POPULATION OF CELL TYPES
 RAPIDLY INCREASES TRANSCRIPTION OF MRNA ENCODING THIS PROTEIN.
 THIS SUGGESTS THAT GAMMA-INDUCED PROTEIN MAY BE A KEY MEDIATOR
 OF THE INTERFERON GAMMA RESPONSE.
;
_pdbx_entry_details.source_details             ? 
_pdbx_entry_details.nonpolymer_details         ? 
_pdbx_entry_details.sequence_details           
;THE SEQUENCE CONFLICT INDICATED IN THE SEQADV RECORDS
 ARISES FROM A DIFFERENCE IN THE PRIMARY SEQUENCE IN
 THE SWISS-PROT DATABASE REFERENCE P02778 AT POSITION 93.
 THE SEQUENCE GIVEN HERE FOLLOWS THE SEQUENCE DESCRIBED IN
 REFERENCE: LUSTER ET AL., NATURE, 315:672 (1985).
;
_pdbx_entry_details.has_ligand_of_interest     ? 
_pdbx_entry_details.has_protein_modification   Y 
# 
loop_
_pdbx_validate_torsion.id 
_pdbx_validate_torsion.PDB_model_num 
_pdbx_validate_torsion.auth_comp_id 
_pdbx_validate_torsion.auth_asym_id 
_pdbx_validate_torsion.auth_seq_id 
_pdbx_validate_torsion.PDB_ins_code 
_pdbx_validate_torsion.label_alt_id 
_pdbx_validate_torsion.phi 
_pdbx_validate_torsion.psi 
1 1 SER A 33 ? ? -127.59 -152.32 
2 1 LYS A 47 ? ? -6.49   -86.71  
3 1 GLU B 57 ? ? -87.45  33.12   
# 
loop_
_pdbx_unobs_or_zero_occ_residues.id 
_pdbx_unobs_or_zero_occ_residues.PDB_model_num 
_pdbx_unobs_or_zero_occ_residues.polymer_flag 
_pdbx_unobs_or_zero_occ_residues.occupancy_flag 
_pdbx_unobs_or_zero_occ_residues.auth_asym_id 
_pdbx_unobs_or_zero_occ_residues.auth_comp_id 
_pdbx_unobs_or_zero_occ_residues.auth_seq_id 
_pdbx_unobs_or_zero_occ_residues.PDB_ins_code 
_pdbx_unobs_or_zero_occ_residues.label_asym_id 
_pdbx_unobs_or_zero_occ_residues.label_comp_id 
_pdbx_unobs_or_zero_occ_residues.label_seq_id 
1  1 Y 1 A VAL 1  ? A VAL 1  
2  1 Y 1 A PRO 2  ? A PRO 2  
3  1 Y 1 A LEU 3  ? A LEU 3  
4  1 Y 1 A SER 4  ? A SER 4  
5  1 Y 1 A ARG 5  ? A ARG 5  
6  1 Y 1 A THR 6  ? A THR 6  
7  1 Y 1 A VAL 7  ? A VAL 7  
8  1 Y 1 A ARG 8  ? A ARG 8  
9  1 Y 1 A LYS 70 ? A LYS 70 
10 1 Y 1 A GLU 71 ? A GLU 71 
11 1 Y 1 A MET 72 ? A MET 72 
12 1 Y 1 A SER 73 ? A SER 73 
13 1 Y 1 A LYS 74 ? A LYS 74 
14 1 Y 1 A ARG 75 ? A ARG 75 
15 1 Y 1 A SER 76 ? A SER 76 
16 1 Y 1 A PRO 77 ? A PRO 77 
17 1 Y 1 B VAL 1  ? B VAL 1  
18 1 Y 1 B PRO 2  ? B PRO 2  
19 1 Y 1 B LEU 3  ? B LEU 3  
20 1 Y 1 B SER 4  ? B SER 4  
21 1 Y 1 B ARG 5  ? B ARG 5  
22 1 Y 1 B THR 6  ? B THR 6  
23 1 Y 1 B VAL 7  ? B VAL 7  
24 1 Y 1 B ARG 8  ? B ARG 8  
25 1 Y 1 B LEU 65 ? B LEU 65 
26 1 Y 1 B LYS 66 ? B LYS 66 
27 1 Y 1 B ALA 67 ? B ALA 67 
28 1 Y 1 B VAL 68 ? B VAL 68 
29 1 Y 1 B SER 69 ? B SER 69 
30 1 Y 1 B LYS 70 ? B LYS 70 
31 1 Y 1 B GLU 71 ? B GLU 71 
32 1 Y 1 B MET 72 ? B MET 72 
33 1 Y 1 B SER 73 ? B SER 73 
34 1 Y 1 B LYS 74 ? B LYS 74 
35 1 Y 1 B ARG 75 ? B ARG 75 
36 1 Y 1 B SER 76 ? B SER 76 
37 1 Y 1 B PRO 77 ? B PRO 77 
# 
loop_
_chem_comp_atom.comp_id 
_chem_comp_atom.atom_id 
_chem_comp_atom.type_symbol 
_chem_comp_atom.pdbx_aromatic_flag 
_chem_comp_atom.pdbx_stereo_config 
_chem_comp_atom.pdbx_ordinal 
ALA N    N N N 1   
ALA CA   C N S 2   
ALA C    C N N 3   
ALA O    O N N 4   
ALA CB   C N N 5   
ALA OXT  O N N 6   
ALA H    H N N 7   
ALA H2   H N N 8   
ALA HA   H N N 9   
ALA HB1  H N N 10  
ALA HB2  H N N 11  
ALA HB3  H N N 12  
ALA HXT  H N N 13  
ARG N    N N N 14  
ARG CA   C N S 15  
ARG C    C N N 16  
ARG O    O N N 17  
ARG CB   C N N 18  
ARG CG   C N N 19  
ARG CD   C N N 20  
ARG NE   N N N 21  
ARG CZ   C N N 22  
ARG NH1  N N N 23  
ARG NH2  N N N 24  
ARG OXT  O N N 25  
ARG H    H N N 26  
ARG H2   H N N 27  
ARG HA   H N N 28  
ARG HB2  H N N 29  
ARG HB3  H N N 30  
ARG HG2  H N N 31  
ARG HG3  H N N 32  
ARG HD2  H N N 33  
ARG HD3  H N N 34  
ARG HE   H N N 35  
ARG HH11 H N N 36  
ARG HH12 H N N 37  
ARG HH21 H N N 38  
ARG HH22 H N N 39  
ARG HXT  H N N 40  
ASN N    N N N 41  
ASN CA   C N S 42  
ASN C    C N N 43  
ASN O    O N N 44  
ASN CB   C N N 45  
ASN CG   C N N 46  
ASN OD1  O N N 47  
ASN ND2  N N N 48  
ASN OXT  O N N 49  
ASN H    H N N 50  
ASN H2   H N N 51  
ASN HA   H N N 52  
ASN HB2  H N N 53  
ASN HB3  H N N 54  
ASN HD21 H N N 55  
ASN HD22 H N N 56  
ASN HXT  H N N 57  
CYS N    N N N 58  
CYS CA   C N R 59  
CYS C    C N N 60  
CYS O    O N N 61  
CYS CB   C N N 62  
CYS SG   S N N 63  
CYS OXT  O N N 64  
CYS H    H N N 65  
CYS H2   H N N 66  
CYS HA   H N N 67  
CYS HB2  H N N 68  
CYS HB3  H N N 69  
CYS HG   H N N 70  
CYS HXT  H N N 71  
GLN N    N N N 72  
GLN CA   C N S 73  
GLN C    C N N 74  
GLN O    O N N 75  
GLN CB   C N N 76  
GLN CG   C N N 77  
GLN CD   C N N 78  
GLN OE1  O N N 79  
GLN NE2  N N N 80  
GLN OXT  O N N 81  
GLN H    H N N 82  
GLN H2   H N N 83  
GLN HA   H N N 84  
GLN HB2  H N N 85  
GLN HB3  H N N 86  
GLN HG2  H N N 87  
GLN HG3  H N N 88  
GLN HE21 H N N 89  
GLN HE22 H N N 90  
GLN HXT  H N N 91  
GLU N    N N N 92  
GLU CA   C N S 93  
GLU C    C N N 94  
GLU O    O N N 95  
GLU CB   C N N 96  
GLU CG   C N N 97  
GLU CD   C N N 98  
GLU OE1  O N N 99  
GLU OE2  O N N 100 
GLU OXT  O N N 101 
GLU H    H N N 102 
GLU H2   H N N 103 
GLU HA   H N N 104 
GLU HB2  H N N 105 
GLU HB3  H N N 106 
GLU HG2  H N N 107 
GLU HG3  H N N 108 
GLU HE2  H N N 109 
GLU HXT  H N N 110 
GLY N    N N N 111 
GLY CA   C N N 112 
GLY C    C N N 113 
GLY O    O N N 114 
GLY OXT  O N N 115 
GLY H    H N N 116 
GLY H2   H N N 117 
GLY HA2  H N N 118 
GLY HA3  H N N 119 
GLY HXT  H N N 120 
HOH O    O N N 121 
HOH H1   H N N 122 
HOH H2   H N N 123 
ILE N    N N N 124 
ILE CA   C N S 125 
ILE C    C N N 126 
ILE O    O N N 127 
ILE CB   C N S 128 
ILE CG1  C N N 129 
ILE CG2  C N N 130 
ILE CD1  C N N 131 
ILE OXT  O N N 132 
ILE H    H N N 133 
ILE H2   H N N 134 
ILE HA   H N N 135 
ILE HB   H N N 136 
ILE HG12 H N N 137 
ILE HG13 H N N 138 
ILE HG21 H N N 139 
ILE HG22 H N N 140 
ILE HG23 H N N 141 
ILE HD11 H N N 142 
ILE HD12 H N N 143 
ILE HD13 H N N 144 
ILE HXT  H N N 145 
LEU N    N N N 146 
LEU CA   C N S 147 
LEU C    C N N 148 
LEU O    O N N 149 
LEU CB   C N N 150 
LEU CG   C N N 151 
LEU CD1  C N N 152 
LEU CD2  C N N 153 
LEU OXT  O N N 154 
LEU H    H N N 155 
LEU H2   H N N 156 
LEU HA   H N N 157 
LEU HB2  H N N 158 
LEU HB3  H N N 159 
LEU HG   H N N 160 
LEU HD11 H N N 161 
LEU HD12 H N N 162 
LEU HD13 H N N 163 
LEU HD21 H N N 164 
LEU HD22 H N N 165 
LEU HD23 H N N 166 
LEU HXT  H N N 167 
LYS N    N N N 168 
LYS CA   C N S 169 
LYS C    C N N 170 
LYS O    O N N 171 
LYS CB   C N N 172 
LYS CG   C N N 173 
LYS CD   C N N 174 
LYS CE   C N N 175 
LYS NZ   N N N 176 
LYS OXT  O N N 177 
LYS H    H N N 178 
LYS H2   H N N 179 
LYS HA   H N N 180 
LYS HB2  H N N 181 
LYS HB3  H N N 182 
LYS HG2  H N N 183 
LYS HG3  H N N 184 
LYS HD2  H N N 185 
LYS HD3  H N N 186 
LYS HE2  H N N 187 
LYS HE3  H N N 188 
LYS HZ1  H N N 189 
LYS HZ2  H N N 190 
LYS HZ3  H N N 191 
LYS HXT  H N N 192 
MET N    N N N 193 
MET CA   C N S 194 
MET C    C N N 195 
MET O    O N N 196 
MET CB   C N N 197 
MET CG   C N N 198 
MET SD   S N N 199 
MET CE   C N N 200 
MET OXT  O N N 201 
MET H    H N N 202 
MET H2   H N N 203 
MET HA   H N N 204 
MET HB2  H N N 205 
MET HB3  H N N 206 
MET HG2  H N N 207 
MET HG3  H N N 208 
MET HE1  H N N 209 
MET HE2  H N N 210 
MET HE3  H N N 211 
MET HXT  H N N 212 
PHE N    N N N 213 
PHE CA   C N S 214 
PHE C    C N N 215 
PHE O    O N N 216 
PHE CB   C N N 217 
PHE CG   C Y N 218 
PHE CD1  C Y N 219 
PHE CD2  C Y N 220 
PHE CE1  C Y N 221 
PHE CE2  C Y N 222 
PHE CZ   C Y N 223 
PHE OXT  O N N 224 
PHE H    H N N 225 
PHE H2   H N N 226 
PHE HA   H N N 227 
PHE HB2  H N N 228 
PHE HB3  H N N 229 
PHE HD1  H N N 230 
PHE HD2  H N N 231 
PHE HE1  H N N 232 
PHE HE2  H N N 233 
PHE HZ   H N N 234 
PHE HXT  H N N 235 
PRO N    N N N 236 
PRO CA   C N S 237 
PRO C    C N N 238 
PRO O    O N N 239 
PRO CB   C N N 240 
PRO CG   C N N 241 
PRO CD   C N N 242 
PRO OXT  O N N 243 
PRO H    H N N 244 
PRO HA   H N N 245 
PRO HB2  H N N 246 
PRO HB3  H N N 247 
PRO HG2  H N N 248 
PRO HG3  H N N 249 
PRO HD2  H N N 250 
PRO HD3  H N N 251 
PRO HXT  H N N 252 
SER N    N N N 253 
SER CA   C N S 254 
SER C    C N N 255 
SER O    O N N 256 
SER CB   C N N 257 
SER OG   O N N 258 
SER OXT  O N N 259 
SER H    H N N 260 
SER H2   H N N 261 
SER HA   H N N 262 
SER HB2  H N N 263 
SER HB3  H N N 264 
SER HG   H N N 265 
SER HXT  H N N 266 
THR N    N N N 267 
THR CA   C N S 268 
THR C    C N N 269 
THR O    O N N 270 
THR CB   C N R 271 
THR OG1  O N N 272 
THR CG2  C N N 273 
THR OXT  O N N 274 
THR H    H N N 275 
THR H2   H N N 276 
THR HA   H N N 277 
THR HB   H N N 278 
THR HG1  H N N 279 
THR HG21 H N N 280 
THR HG22 H N N 281 
THR HG23 H N N 282 
THR HXT  H N N 283 
VAL N    N N N 284 
VAL CA   C N S 285 
VAL C    C N N 286 
VAL O    O N N 287 
VAL CB   C N N 288 
VAL CG1  C N N 289 
VAL CG2  C N N 290 
VAL OXT  O N N 291 
VAL H    H N N 292 
VAL H2   H N N 293 
VAL HA   H N N 294 
VAL HB   H N N 295 
VAL HG11 H N N 296 
VAL HG12 H N N 297 
VAL HG13 H N N 298 
VAL HG21 H N N 299 
VAL HG22 H N N 300 
VAL HG23 H N N 301 
VAL HXT  H N N 302 
# 
loop_
_chem_comp_bond.comp_id 
_chem_comp_bond.atom_id_1 
_chem_comp_bond.atom_id_2 
_chem_comp_bond.value_order 
_chem_comp_bond.pdbx_aromatic_flag 
_chem_comp_bond.pdbx_stereo_config 
_chem_comp_bond.pdbx_ordinal 
ALA N   CA   sing N N 1   
ALA N   H    sing N N 2   
ALA N   H2   sing N N 3   
ALA CA  C    sing N N 4   
ALA CA  CB   sing N N 5   
ALA CA  HA   sing N N 6   
ALA C   O    doub N N 7   
ALA C   OXT  sing N N 8   
ALA CB  HB1  sing N N 9   
ALA CB  HB2  sing N N 10  
ALA CB  HB3  sing N N 11  
ALA OXT HXT  sing N N 12  
ARG N   CA   sing N N 13  
ARG N   H    sing N N 14  
ARG N   H2   sing N N 15  
ARG CA  C    sing N N 16  
ARG CA  CB   sing N N 17  
ARG CA  HA   sing N N 18  
ARG C   O    doub N N 19  
ARG C   OXT  sing N N 20  
ARG CB  CG   sing N N 21  
ARG CB  HB2  sing N N 22  
ARG CB  HB3  sing N N 23  
ARG CG  CD   sing N N 24  
ARG CG  HG2  sing N N 25  
ARG CG  HG3  sing N N 26  
ARG CD  NE   sing N N 27  
ARG CD  HD2  sing N N 28  
ARG CD  HD3  sing N N 29  
ARG NE  CZ   sing N N 30  
ARG NE  HE   sing N N 31  
ARG CZ  NH1  sing N N 32  
ARG CZ  NH2  doub N N 33  
ARG NH1 HH11 sing N N 34  
ARG NH1 HH12 sing N N 35  
ARG NH2 HH21 sing N N 36  
ARG NH2 HH22 sing N N 37  
ARG OXT HXT  sing N N 38  
ASN N   CA   sing N N 39  
ASN N   H    sing N N 40  
ASN N   H2   sing N N 41  
ASN CA  C    sing N N 42  
ASN CA  CB   sing N N 43  
ASN CA  HA   sing N N 44  
ASN C   O    doub N N 45  
ASN C   OXT  sing N N 46  
ASN CB  CG   sing N N 47  
ASN CB  HB2  sing N N 48  
ASN CB  HB3  sing N N 49  
ASN CG  OD1  doub N N 50  
ASN CG  ND2  sing N N 51  
ASN ND2 HD21 sing N N 52  
ASN ND2 HD22 sing N N 53  
ASN OXT HXT  sing N N 54  
CYS N   CA   sing N N 55  
CYS N   H    sing N N 56  
CYS N   H2   sing N N 57  
CYS CA  C    sing N N 58  
CYS CA  CB   sing N N 59  
CYS CA  HA   sing N N 60  
CYS C   O    doub N N 61  
CYS C   OXT  sing N N 62  
CYS CB  SG   sing N N 63  
CYS CB  HB2  sing N N 64  
CYS CB  HB3  sing N N 65  
CYS SG  HG   sing N N 66  
CYS OXT HXT  sing N N 67  
GLN N   CA   sing N N 68  
GLN N   H    sing N N 69  
GLN N   H2   sing N N 70  
GLN CA  C    sing N N 71  
GLN CA  CB   sing N N 72  
GLN CA  HA   sing N N 73  
GLN C   O    doub N N 74  
GLN C   OXT  sing N N 75  
GLN CB  CG   sing N N 76  
GLN CB  HB2  sing N N 77  
GLN CB  HB3  sing N N 78  
GLN CG  CD   sing N N 79  
GLN CG  HG2  sing N N 80  
GLN CG  HG3  sing N N 81  
GLN CD  OE1  doub N N 82  
GLN CD  NE2  sing N N 83  
GLN NE2 HE21 sing N N 84  
GLN NE2 HE22 sing N N 85  
GLN OXT HXT  sing N N 86  
GLU N   CA   sing N N 87  
GLU N   H    sing N N 88  
GLU N   H2   sing N N 89  
GLU CA  C    sing N N 90  
GLU CA  CB   sing N N 91  
GLU CA  HA   sing N N 92  
GLU C   O    doub N N 93  
GLU C   OXT  sing N N 94  
GLU CB  CG   sing N N 95  
GLU CB  HB2  sing N N 96  
GLU CB  HB3  sing N N 97  
GLU CG  CD   sing N N 98  
GLU CG  HG2  sing N N 99  
GLU CG  HG3  sing N N 100 
GLU CD  OE1  doub N N 101 
GLU CD  OE2  sing N N 102 
GLU OE2 HE2  sing N N 103 
GLU OXT HXT  sing N N 104 
GLY N   CA   sing N N 105 
GLY N   H    sing N N 106 
GLY N   H2   sing N N 107 
GLY CA  C    sing N N 108 
GLY CA  HA2  sing N N 109 
GLY CA  HA3  sing N N 110 
GLY C   O    doub N N 111 
GLY C   OXT  sing N N 112 
GLY OXT HXT  sing N N 113 
HOH O   H1   sing N N 114 
HOH O   H2   sing N N 115 
ILE N   CA   sing N N 116 
ILE N   H    sing N N 117 
ILE N   H2   sing N N 118 
ILE CA  C    sing N N 119 
ILE CA  CB   sing N N 120 
ILE CA  HA   sing N N 121 
ILE C   O    doub N N 122 
ILE C   OXT  sing N N 123 
ILE CB  CG1  sing N N 124 
ILE CB  CG2  sing N N 125 
ILE CB  HB   sing N N 126 
ILE CG1 CD1  sing N N 127 
ILE CG1 HG12 sing N N 128 
ILE CG1 HG13 sing N N 129 
ILE CG2 HG21 sing N N 130 
ILE CG2 HG22 sing N N 131 
ILE CG2 HG23 sing N N 132 
ILE CD1 HD11 sing N N 133 
ILE CD1 HD12 sing N N 134 
ILE CD1 HD13 sing N N 135 
ILE OXT HXT  sing N N 136 
LEU N   CA   sing N N 137 
LEU N   H    sing N N 138 
LEU N   H2   sing N N 139 
LEU CA  C    sing N N 140 
LEU CA  CB   sing N N 141 
LEU CA  HA   sing N N 142 
LEU C   O    doub N N 143 
LEU C   OXT  sing N N 144 
LEU CB  CG   sing N N 145 
LEU CB  HB2  sing N N 146 
LEU CB  HB3  sing N N 147 
LEU CG  CD1  sing N N 148 
LEU CG  CD2  sing N N 149 
LEU CG  HG   sing N N 150 
LEU CD1 HD11 sing N N 151 
LEU CD1 HD12 sing N N 152 
LEU CD1 HD13 sing N N 153 
LEU CD2 HD21 sing N N 154 
LEU CD2 HD22 sing N N 155 
LEU CD2 HD23 sing N N 156 
LEU OXT HXT  sing N N 157 
LYS N   CA   sing N N 158 
LYS N   H    sing N N 159 
LYS N   H2   sing N N 160 
LYS CA  C    sing N N 161 
LYS CA  CB   sing N N 162 
LYS CA  HA   sing N N 163 
LYS C   O    doub N N 164 
LYS C   OXT  sing N N 165 
LYS CB  CG   sing N N 166 
LYS CB  HB2  sing N N 167 
LYS CB  HB3  sing N N 168 
LYS CG  CD   sing N N 169 
LYS CG  HG2  sing N N 170 
LYS CG  HG3  sing N N 171 
LYS CD  CE   sing N N 172 
LYS CD  HD2  sing N N 173 
LYS CD  HD3  sing N N 174 
LYS CE  NZ   sing N N 175 
LYS CE  HE2  sing N N 176 
LYS CE  HE3  sing N N 177 
LYS NZ  HZ1  sing N N 178 
LYS NZ  HZ2  sing N N 179 
LYS NZ  HZ3  sing N N 180 
LYS OXT HXT  sing N N 181 
MET N   CA   sing N N 182 
MET N   H    sing N N 183 
MET N   H2   sing N N 184 
MET CA  C    sing N N 185 
MET CA  CB   sing N N 186 
MET CA  HA   sing N N 187 
MET C   O    doub N N 188 
MET C   OXT  sing N N 189 
MET CB  CG   sing N N 190 
MET CB  HB2  sing N N 191 
MET CB  HB3  sing N N 192 
MET CG  SD   sing N N 193 
MET CG  HG2  sing N N 194 
MET CG  HG3  sing N N 195 
MET SD  CE   sing N N 196 
MET CE  HE1  sing N N 197 
MET CE  HE2  sing N N 198 
MET CE  HE3  sing N N 199 
MET OXT HXT  sing N N 200 
PHE N   CA   sing N N 201 
PHE N   H    sing N N 202 
PHE N   H2   sing N N 203 
PHE CA  C    sing N N 204 
PHE CA  CB   sing N N 205 
PHE CA  HA   sing N N 206 
PHE C   O    doub N N 207 
PHE C   OXT  sing N N 208 
PHE CB  CG   sing N N 209 
PHE CB  HB2  sing N N 210 
PHE CB  HB3  sing N N 211 
PHE CG  CD1  doub Y N 212 
PHE CG  CD2  sing Y N 213 
PHE CD1 CE1  sing Y N 214 
PHE CD1 HD1  sing N N 215 
PHE CD2 CE2  doub Y N 216 
PHE CD2 HD2  sing N N 217 
PHE CE1 CZ   doub Y N 218 
PHE CE1 HE1  sing N N 219 
PHE CE2 CZ   sing Y N 220 
PHE CE2 HE2  sing N N 221 
PHE CZ  HZ   sing N N 222 
PHE OXT HXT  sing N N 223 
PRO N   CA   sing N N 224 
PRO N   CD   sing N N 225 
PRO N   H    sing N N 226 
PRO CA  C    sing N N 227 
PRO CA  CB   sing N N 228 
PRO CA  HA   sing N N 229 
PRO C   O    doub N N 230 
PRO C   OXT  sing N N 231 
PRO CB  CG   sing N N 232 
PRO CB  HB2  sing N N 233 
PRO CB  HB3  sing N N 234 
PRO CG  CD   sing N N 235 
PRO CG  HG2  sing N N 236 
PRO CG  HG3  sing N N 237 
PRO CD  HD2  sing N N 238 
PRO CD  HD3  sing N N 239 
PRO OXT HXT  sing N N 240 
SER N   CA   sing N N 241 
SER N   H    sing N N 242 
SER N   H2   sing N N 243 
SER CA  C    sing N N 244 
SER CA  CB   sing N N 245 
SER CA  HA   sing N N 246 
SER C   O    doub N N 247 
SER C   OXT  sing N N 248 
SER CB  OG   sing N N 249 
SER CB  HB2  sing N N 250 
SER CB  HB3  sing N N 251 
SER OG  HG   sing N N 252 
SER OXT HXT  sing N N 253 
THR N   CA   sing N N 254 
THR N   H    sing N N 255 
THR N   H2   sing N N 256 
THR CA  C    sing N N 257 
THR CA  CB   sing N N 258 
THR CA  HA   sing N N 259 
THR C   O    doub N N 260 
THR C   OXT  sing N N 261 
THR CB  OG1  sing N N 262 
THR CB  CG2  sing N N 263 
THR CB  HB   sing N N 264 
THR OG1 HG1  sing N N 265 
THR CG2 HG21 sing N N 266 
THR CG2 HG22 sing N N 267 
THR CG2 HG23 sing N N 268 
THR OXT HXT  sing N N 269 
VAL N   CA   sing N N 270 
VAL N   H    sing N N 271 
VAL N   H2   sing N N 272 
VAL CA  C    sing N N 273 
VAL CA  CB   sing N N 274 
VAL CA  HA   sing N N 275 
VAL C   O    doub N N 276 
VAL C   OXT  sing N N 277 
VAL CB  CG1  sing N N 278 
VAL CB  CG2  sing N N 279 
VAL CB  HB   sing N N 280 
VAL CG1 HG11 sing N N 281 
VAL CG1 HG12 sing N N 282 
VAL CG1 HG13 sing N N 283 
VAL CG2 HG21 sing N N 284 
VAL CG2 HG22 sing N N 285 
VAL CG2 HG23 sing N N 286 
VAL OXT HXT  sing N N 287 
# 
_pdbx_initial_refinement_model.id               1 
_pdbx_initial_refinement_model.entity_id_list   ? 
_pdbx_initial_refinement_model.type             'experimental model' 
_pdbx_initial_refinement_model.source_name      PDB 
_pdbx_initial_refinement_model.accession_code   1RHP 
_pdbx_initial_refinement_model.details          'PDB ENTRY 1RHP' 
# 
_atom_sites.entry_id                    1O7Z 
_atom_sites.fract_transf_matrix[1][1]   0.00484870 
_atom_sites.fract_transf_matrix[1][2]   0.00031867 
_atom_sites.fract_transf_matrix[1][3]   -0.01610700 
_atom_sites.fract_transf_matrix[2][1]   -0.01497164 
_atom_sites.fract_transf_matrix[2][2]   0.00630020 
_atom_sites.fract_transf_matrix[2][3]   -0.00438228 
_atom_sites.fract_transf_matrix[3][1]   0.00290504 
_atom_sites.fract_transf_matrix[3][2]   0.00761658 
_atom_sites.fract_transf_matrix[3][3]   0.00102520 
_atom_sites.fract_transf_vector[1]      0.091675 
_atom_sites.fract_transf_vector[2]      0.656505 
_atom_sites.fract_transf_vector[3]      0.301731 
# 
loop_
_atom_type.symbol 
C 
N 
O 
S 
# 
loop_
_atom_site.group_PDB 
_atom_site.id 
_atom_site.type_symbol 
_atom_site.label_atom_id 
_atom_site.label_alt_id 
_atom_site.label_comp_id 
_atom_site.label_asym_id 
_atom_site.label_entity_id 
_atom_site.label_seq_id 
_atom_site.pdbx_PDB_ins_code 
_atom_site.Cartn_x 
_atom_site.Cartn_y 
_atom_site.Cartn_z 
_atom_site.occupancy 
_atom_site.B_iso_or_equiv 
_atom_site.pdbx_formal_charge 
_atom_site.auth_seq_id 
_atom_site.auth_comp_id 
_atom_site.auth_asym_id 
_atom_site.auth_atom_id 
_atom_site.pdbx_PDB_model_num 
ATOM   1   N N   . CYS A 1 9  ? 2.312   17.000  -3.750  1.00 62.87 ? 9    CYS A N   1 
ATOM   2   C CA  . CYS A 1 9  ? 1.833   15.836  -2.949  1.00 61.89 ? 9    CYS A CA  1 
ATOM   3   C C   . CYS A 1 9  ? 0.312   15.867  -2.867  1.00 60.88 ? 9    CYS A C   1 
ATOM   4   O O   . CYS A 1 9  ? -0.304  16.913  -3.072  1.00 61.80 ? 9    CYS A O   1 
ATOM   5   C CB  . CYS A 1 9  ? 2.415   15.898  -1.539  1.00 63.34 ? 9    CYS A CB  1 
ATOM   6   S SG  . CYS A 1 9  ? 4.216   16.139  -1.450  1.00 64.64 ? 9    CYS A SG  1 
ATOM   7   N N   . THR A 1 10 ? -0.296  14.729  -2.550  1.00 58.46 ? 10   THR A N   1 
ATOM   8   C CA  . THR A 1 10 ? -1.749  14.666  -2.454  1.00 57.27 ? 10   THR A CA  1 
ATOM   9   C C   . THR A 1 10 ? -2.274  14.905  -1.032  1.00 55.45 ? 10   THR A C   1 
ATOM   10  O O   . THR A 1 10 ? -3.424  15.309  -0.850  1.00 55.39 ? 10   THR A O   1 
ATOM   11  C CB  . THR A 1 10 ? -2.287  13.305  -2.971  1.00 58.57 ? 10   THR A CB  1 
ATOM   12  O OG1 . THR A 1 10 ? -1.954  12.262  -2.048  1.00 60.95 ? 10   THR A OG1 1 
ATOM   13  C CG2 . THR A 1 10 ? -1.666  12.977  -4.318  1.00 59.14 ? 10   THR A CG2 1 
ATOM   14  N N   . CYS A 1 11 ? -1.430  14.675  -0.031  1.00 52.71 ? 11   CYS A N   1 
ATOM   15  C CA  . CYS A 1 11 ? -1.837  14.856  1.363   1.00 51.40 ? 11   CYS A CA  1 
ATOM   16  C C   . CYS A 1 11 ? -1.724  16.296  1.865   1.00 49.55 ? 11   CYS A C   1 
ATOM   17  O O   . CYS A 1 11 ? -0.623  16.829  2.001   1.00 49.07 ? 11   CYS A O   1 
ATOM   18  C CB  . CYS A 1 11 ? -1.011  13.939  2.271   1.00 48.53 ? 11   CYS A CB  1 
ATOM   19  S SG  . CYS A 1 11 ? -1.176  12.159  1.909   1.00 50.56 ? 11   CYS A SG  1 
ATOM   20  N N   . ILE A 1 12 ? -2.867  16.922  2.138   1.00 49.44 ? 12   ILE A N   1 
ATOM   21  C CA  . ILE A 1 12 ? -2.893  18.293  2.649   1.00 49.74 ? 12   ILE A CA  1 
ATOM   22  C C   . ILE A 1 12 ? -2.538  18.229  4.134   1.00 47.62 ? 12   ILE A C   1 
ATOM   23  O O   . ILE A 1 12 ? -2.050  19.191  4.723   1.00 46.75 ? 12   ILE A O   1 
ATOM   24  C CB  . ILE A 1 12 ? -4.300  18.931  2.519   1.00 52.04 ? 12   ILE A CB  1 
ATOM   25  C CG1 . ILE A 1 12 ? -4.726  18.995  1.048   1.00 54.62 ? 12   ILE A CG1 1 
ATOM   26  C CG2 . ILE A 1 12 ? -4.298  20.323  3.115   1.00 54.21 ? 12   ILE A CG2 1 
ATOM   27  C CD1 . ILE A 1 12 ? -5.341  17.716  0.531   1.00 56.60 ? 12   ILE A CD1 1 
ATOM   28  N N   . SER A 1 13 ? -2.810  17.076  4.729   1.00 46.80 ? 13   SER A N   1 
ATOM   29  C CA  . SER A 1 13 ? -2.516  16.844  6.135   1.00 45.84 ? 13   SER A CA  1 
ATOM   30  C C   . SER A 1 13 ? -2.467  15.345  6.358   1.00 43.98 ? 13   SER A C   1 
ATOM   31  O O   . SER A 1 13 ? -2.958  14.575  5.536   1.00 44.72 ? 13   SER A O   1 
ATOM   32  C CB  . SER A 1 13 ? -3.598  17.474  7.019   1.00 45.82 ? 13   SER A CB  1 
ATOM   33  O OG  . SER A 1 13 ? -4.860  16.855  6.835   1.00 45.93 ? 13   SER A OG  1 
ATOM   34  N N   . ILE A 1 14 ? -1.843  14.920  7.449   1.00 43.54 ? 14   ILE A N   1 
ATOM   35  C CA  . ILE A 1 14 ? -1.778  13.503  7.759   1.00 42.06 ? 14   ILE A CA  1 
ATOM   36  C C   . ILE A 1 14 ? -2.322  13.276  9.157   1.00 42.56 ? 14   ILE A C   1 
ATOM   37  O O   . ILE A 1 14 ? -2.133  14.110  10.052  1.00 39.75 ? 14   ILE A O   1 
ATOM   38  C CB  . ILE A 1 14 ? -0.338  12.944  7.670   1.00 44.96 ? 14   ILE A CB  1 
ATOM   39  C CG1 . ILE A 1 14 ? 0.545   13.549  8.756   1.00 46.17 ? 14   ILE A CG1 1 
ATOM   40  C CG2 . ILE A 1 14 ? 0.257   13.268  6.299   1.00 44.01 ? 14   ILE A CG2 1 
ATOM   41  C CD1 . ILE A 1 14 ? 1.000   14.961  8.458   1.00 48.81 ? 14   ILE A CD1 1 
ATOM   42  N N   . SER A 1 15 ? -3.013  12.157  9.327   1.00 40.74 ? 15   SER A N   1 
ATOM   43  C CA  . SER A 1 15 ? -3.605  11.802  10.599  1.00 44.11 ? 15   SER A CA  1 
ATOM   44  C C   . SER A 1 15 ? -2.662  10.971  11.446  1.00 44.90 ? 15   SER A C   1 
ATOM   45  O O   . SER A 1 15 ? -1.901  10.156  10.927  1.00 43.56 ? 15   SER A O   1 
ATOM   46  C CB  . SER A 1 15 ? -4.898  11.020  10.379  1.00 42.75 ? 15   SER A CB  1 
ATOM   47  O OG  . SER A 1 15 ? -5.381  10.491  11.609  1.00 43.67 ? 15   SER A OG  1 
ATOM   48  N N   . ASN A 1 16 ? -2.723  11.194  12.755  1.00 47.34 ? 16   ASN A N   1 
ATOM   49  C CA  . ASN A 1 16 ? -1.906  10.466  13.714  1.00 51.44 ? 16   ASN A CA  1 
ATOM   50  C C   . ASN A 1 16 ? -2.787  9.485   14.484  1.00 54.82 ? 16   ASN A C   1 
ATOM   51  O O   . ASN A 1 16 ? -2.322  8.809   15.401  1.00 54.76 ? 16   ASN A O   1 
ATOM   52  C CB  . ASN A 1 16 ? -1.236  11.439  14.689  1.00 51.36 ? 16   ASN A CB  1 
ATOM   53  C CG  . ASN A 1 16 ? -0.023  12.118  14.090  1.00 50.96 ? 16   ASN A CG  1 
ATOM   54  O OD1 . ASN A 1 16 ? 0.706   11.392  13.254  1.00 51.79 ? 16   ASN A OD1 1 
ATOM   55  N ND2 . ASN A 1 16 ? 0.266   13.279  14.386  1.00 51.81 ? 16   ASN A ND2 1 
ATOM   56  N N   . GLN A 1 17 ? -4.060  9.415   14.113  1.00 57.57 ? 17   GLN A N   1 
ATOM   57  C CA  . GLN A 1 17 ? -4.990  8.509   14.776  1.00 62.05 ? 17   GLN A CA  1 
ATOM   58  C C   . GLN A 1 17 ? -4.872  7.087   14.236  1.00 63.64 ? 17   GLN A C   1 
ATOM   59  O O   . GLN A 1 17 ? -4.804  6.872   13.025  1.00 61.45 ? 17   GLN A O   1 
ATOM   60  C CB  . GLN A 1 17 ? -6.427  9.017   14.627  1.00 63.57 ? 17   GLN A CB  1 
ATOM   61  C CG  . GLN A 1 17 ? -6.771  10.086  15.651  1.00 68.54 ? 17   GLN A CG  1 
ATOM   62  C CD  . GLN A 1 17 ? -8.092  10.782  15.385  1.00 69.78 ? 17   GLN A CD  1 
ATOM   63  O OE1 . GLN A 1 17 ? -8.270  11.433  14.354  1.00 71.61 ? 17   GLN A OE1 1 
ATOM   64  N NE2 . GLN A 1 17 ? -9.021  10.661  16.325  1.00 68.99 ? 17   GLN A NE2 1 
ATOM   65  N N   . PRO A 1 18 ? -4.823  6.096   15.141  1.00 66.17 ? 18   PRO A N   1 
ATOM   66  C CA  . PRO A 1 18 ? -4.708  4.684   14.760  1.00 68.10 ? 18   PRO A CA  1 
ATOM   67  C C   . PRO A 1 18 ? -5.874  4.231   13.891  1.00 69.69 ? 18   PRO A C   1 
ATOM   68  O O   . PRO A 1 18 ? -7.025  4.572   14.156  1.00 69.30 ? 18   PRO A O   1 
ATOM   69  C CB  . PRO A 1 18 ? -4.683  3.967   16.106  1.00 68.14 ? 18   PRO A CB  1 
ATOM   70  C CG  . PRO A 1 18 ? -4.040  4.973   17.009  1.00 67.56 ? 18   PRO A CG  1 
ATOM   71  C CD  . PRO A 1 18 ? -4.744  6.246   16.604  1.00 66.60 ? 18   PRO A CD  1 
ATOM   72  N N   . VAL A 1 19 ? -5.566  3.465   12.852  1.00 71.90 ? 19   VAL A N   1 
ATOM   73  C CA  . VAL A 1 19 ? -6.586  2.958   11.946  1.00 73.93 ? 19   VAL A CA  1 
ATOM   74  C C   . VAL A 1 19 ? -6.859  1.492   12.264  1.00 75.53 ? 19   VAL A C   1 
ATOM   75  O O   . VAL A 1 19 ? -5.930  0.688   12.352  1.00 75.77 ? 19   VAL A O   1 
ATOM   76  C CB  . VAL A 1 19 ? -6.124  3.072   10.471  1.00 74.22 ? 19   VAL A CB  1 
ATOM   77  C CG1 . VAL A 1 19 ? -7.173  2.484   9.547   1.00 73.81 ? 19   VAL A CG1 1 
ATOM   78  C CG2 . VAL A 1 19 ? -5.862  4.527   10.119  1.00 73.94 ? 19   VAL A CG2 1 
ATOM   79  N N   . ASN A 1 20 ? -8.129  1.147   12.452  1.00 76.93 ? 20   ASN A N   1 
ATOM   80  C CA  . ASN A 1 20 ? -8.496  -0.235  12.736  1.00 78.93 ? 20   ASN A CA  1 
ATOM   81  C C   . ASN A 1 20 ? -8.352  -1.036  11.445  1.00 78.94 ? 20   ASN A C   1 
ATOM   82  O O   . ASN A 1 20 ? -9.146  -0.879  10.519  1.00 78.21 ? 20   ASN A O   1 
ATOM   83  C CB  . ASN A 1 20 ? -9.937  -0.318  13.244  1.00 80.65 ? 20   ASN A CB  1 
ATOM   84  C CG  . ASN A 1 20 ? -10.415 -1.750  13.401  1.00 82.33 ? 20   ASN A CG  1 
ATOM   85  O OD1 . ASN A 1 20 ? -9.758  -2.570  14.047  1.00 83.09 ? 20   ASN A OD1 1 
ATOM   86  N ND2 . ASN A 1 20 ? -11.568 -2.058  12.813  1.00 82.83 ? 20   ASN A ND2 1 
ATOM   87  N N   . PRO A 1 21 ? -7.334  -1.910  11.372  1.00 79.48 ? 21   PRO A N   1 
ATOM   88  C CA  . PRO A 1 21 ? -7.081  -2.735  10.185  1.00 79.66 ? 21   PRO A CA  1 
ATOM   89  C C   . PRO A 1 21 ? -8.308  -3.432  9.602   1.00 79.33 ? 21   PRO A C   1 
ATOM   90  O O   . PRO A 1 21 ? -8.310  -3.818  8.431   1.00 79.64 ? 21   PRO A O   1 
ATOM   91  C CB  . PRO A 1 21 ? -6.011  -3.721  10.665  1.00 79.71 ? 21   PRO A CB  1 
ATOM   92  C CG  . PRO A 1 21 ? -6.226  -3.777  12.149  1.00 79.90 ? 21   PRO A CG  1 
ATOM   93  C CD  . PRO A 1 21 ? -6.472  -2.334  12.488  1.00 79.23 ? 21   PRO A CD  1 
ATOM   94  N N   . ARG A 1 22 ? -9.349  -3.584  10.414  1.00 78.27 ? 22   ARG A N   1 
ATOM   95  C CA  . ARG A 1 22 ? -10.570 -4.231  9.955   1.00 77.56 ? 22   ARG A CA  1 
ATOM   96  C C   . ARG A 1 22 ? -11.445 -3.230  9.212   1.00 76.01 ? 22   ARG A C   1 
ATOM   97  O O   . ARG A 1 22 ? -12.380 -3.607  8.506   1.00 76.09 ? 22   ARG A O   1 
ATOM   98  C CB  . ARG A 1 22 ? -11.330 -4.818  11.146  1.00 79.57 ? 22   ARG A CB  1 
ATOM   99  C CG  . ARG A 1 22 ? -10.470 -5.725  12.014  1.00 81.07 ? 22   ARG A CG  1 
ATOM   100 C CD  . ARG A 1 22 ? -9.957  -6.922  11.228  1.00 82.82 ? 22   ARG A CD  1 
ATOM   101 N NE  . ARG A 1 22 ? -8.564  -7.234  11.542  1.00 84.07 ? 22   ARG A NE  1 
ATOM   102 C CZ  . ARG A 1 22 ? -8.107  -7.504  12.760  1.00 84.99 ? 22   ARG A CZ  1 
ATOM   103 N NH1 . ARG A 1 22 ? -8.931  -7.503  13.799  1.00 85.14 ? 22   ARG A NH1 1 
ATOM   104 N NH2 . ARG A 1 22 ? -6.820  -7.773  12.942  1.00 85.32 ? 22   ARG A NH2 1 
ATOM   105 N N   . SER A 1 23 ? -11.133 -1.948  9.373   1.00 74.08 ? 23   SER A N   1 
ATOM   106 C CA  . SER A 1 23 ? -11.886 -0.889  8.711   1.00 72.18 ? 23   SER A CA  1 
ATOM   107 C C   . SER A 1 23 ? -11.149 -0.446  7.452   1.00 70.27 ? 23   SER A C   1 
ATOM   108 O O   . SER A 1 23 ? -11.694 0.288   6.622   1.00 69.25 ? 23   SER A O   1 
ATOM   109 C CB  . SER A 1 23 ? -12.062 0.306   9.654   1.00 73.05 ? 23   SER A CB  1 
ATOM   110 O OG  . SER A 1 23 ? -10.806 0.865   10.002  1.00 73.28 ? 23   SER A OG  1 
ATOM   111 N N   . LEU A 1 24 ? -9.905  -0.904  7.322   1.00 67.80 ? 24   LEU A N   1 
ATOM   112 C CA  . LEU A 1 24 ? -9.067  -0.576  6.173   1.00 65.72 ? 24   LEU A CA  1 
ATOM   113 C C   . LEU A 1 24 ? -9.441  -1.397  4.946   1.00 63.48 ? 24   LEU A C   1 
ATOM   114 O O   . LEU A 1 24 ? -9.416  -2.624  4.982   1.00 63.98 ? 24   LEU A O   1 
ATOM   115 C CB  . LEU A 1 24 ? -7.591  -0.825  6.504   1.00 65.32 ? 24   LEU A CB  1 
ATOM   116 C CG  . LEU A 1 24 ? -6.683  0.398   6.647   1.00 66.05 ? 24   LEU A CG  1 
ATOM   117 C CD1 . LEU A 1 24 ? -5.292  -0.047  7.087   1.00 66.20 ? 24   LEU A CD1 1 
ATOM   118 C CD2 . LEU A 1 24 ? -6.616  1.148   5.320   1.00 65.17 ? 24   LEU A CD2 1 
ATOM   119 N N   . GLU A 1 25 ? -9.788  -0.711  3.864   1.00 61.71 ? 25   GLU A N   1 
ATOM   120 C CA  . GLU A 1 25 ? -10.143 -1.380  2.622   1.00 59.51 ? 25   GLU A CA  1 
ATOM   121 C C   . GLU A 1 25 ? -8.881  -1.531  1.778   1.00 58.13 ? 25   GLU A C   1 
ATOM   122 O O   . GLU A 1 25 ? -8.658  -2.570  1.153   1.00 56.70 ? 25   GLU A O   1 
ATOM   123 C CB  . GLU A 1 25 ? -11.170 -0.558  1.846   1.00 61.20 ? 25   GLU A CB  1 
ATOM   124 C CG  . GLU A 1 25 ? -11.665 -1.232  0.579   1.00 63.70 ? 25   GLU A CG  1 
ATOM   125 C CD  . GLU A 1 25 ? -12.698 -0.404  -0.157  1.00 65.16 ? 25   GLU A CD  1 
ATOM   126 O OE1 . GLU A 1 25 ? -12.329 0.635   -0.743  1.00 67.02 ? 25   GLU A OE1 1 
ATOM   127 O OE2 . GLU A 1 25 ? -13.886 -0.791  -0.143  1.00 67.37 ? 25   GLU A OE2 1 
ATOM   128 N N   . LYS A 1 26 ? -8.057  -0.487  1.778   1.00 55.93 ? 26   LYS A N   1 
ATOM   129 C CA  . LYS A 1 26 ? -6.818  -0.485  1.009   1.00 54.08 ? 26   LYS A CA  1 
ATOM   130 C C   . LYS A 1 26 ? -5.812  0.519   1.556   1.00 52.41 ? 26   LYS A C   1 
ATOM   131 O O   . LYS A 1 26 ? -6.183  1.537   2.138   1.00 51.44 ? 26   LYS A O   1 
ATOM   132 C CB  . LYS A 1 26 ? -7.116  -0.138  -0.449  1.00 54.85 ? 26   LYS A CB  1 
ATOM   133 C CG  . LYS A 1 26 ? -5.899  -0.144  -1.344  1.00 54.82 ? 26   LYS A CG  1 
ATOM   134 C CD  . LYS A 1 26 ? -6.257  0.184   -2.778  1.00 56.16 ? 26   LYS A CD  1 
ATOM   135 C CE  . LYS A 1 26 ? -6.749  1.615   -2.919  1.00 58.16 ? 26   LYS A CE  1 
ATOM   136 N NZ  . LYS A 1 26 ? -6.964  1.982   -4.352  1.00 59.60 ? 26   LYS A NZ  1 
ATOM   137 N N   . LEU A 1 27 ? -4.534  0.226   1.360   1.00 50.02 ? 27   LEU A N   1 
ATOM   138 C CA  . LEU A 1 27 ? -3.473  1.116   1.802   1.00 48.78 ? 27   LEU A CA  1 
ATOM   139 C C   . LEU A 1 27 ? -2.510  1.297   0.633   1.00 47.39 ? 27   LEU A C   1 
ATOM   140 O O   . LEU A 1 27 ? -2.030  0.317   0.055   1.00 45.42 ? 27   LEU A O   1 
ATOM   141 C CB  . LEU A 1 27 ? -2.727  0.512   2.994   1.00 50.00 ? 27   LEU A CB  1 
ATOM   142 C CG  . LEU A 1 27 ? -1.766  1.449   3.732   1.00 53.75 ? 27   LEU A CG  1 
ATOM   143 C CD1 . LEU A 1 27 ? -2.569  2.540   4.436   1.00 53.73 ? 27   LEU A CD1 1 
ATOM   144 C CD2 . LEU A 1 27 ? -0.937  0.655   4.748   1.00 53.36 ? 27   LEU A CD2 1 
ATOM   145 N N   . GLU A 1 28 ? -2.253  2.542   0.256   1.00 46.43 ? 28   GLU A N   1 
ATOM   146 C CA  . GLU A 1 28 ? -1.311  2.784   -0.827  1.00 46.98 ? 28   GLU A CA  1 
ATOM   147 C C   . GLU A 1 28 ? -0.109  3.582   -0.355  1.00 45.67 ? 28   GLU A C   1 
ATOM   148 O O   . GLU A 1 28 ? -0.233  4.614   0.324   1.00 43.57 ? 28   GLU A O   1 
ATOM   149 C CB  . GLU A 1 28 ? -1.992  3.466   -2.013  1.00 49.86 ? 28   GLU A CB  1 
ATOM   150 C CG  . GLU A 1 28 ? -2.974  4.533   -1.668  1.00 55.24 ? 28   GLU A CG  1 
ATOM   151 C CD  . GLU A 1 28 ? -4.028  4.680   -2.748  1.00 57.91 ? 28   GLU A CD  1 
ATOM   152 O OE1 . GLU A 1 28 ? -3.656  4.764   -3.942  1.00 57.89 ? 28   GLU A OE1 1 
ATOM   153 O OE2 . GLU A 1 28 ? -5.227  4.715   -2.398  1.00 57.82 ? 28   GLU A OE2 1 
ATOM   154 N N   . ILE A 1 29 ? 1.063   3.055   -0.684  1.00 42.10 ? 29   ILE A N   1 
ATOM   155 C CA  . ILE A 1 29 ? 2.318   3.669   -0.320  1.00 41.85 ? 29   ILE A CA  1 
ATOM   156 C C   . ILE A 1 29 ? 2.892   4.279   -1.580  1.00 42.56 ? 29   ILE A C   1 
ATOM   157 O O   . ILE A 1 29 ? 3.097   3.590   -2.578  1.00 39.86 ? 29   ILE A O   1 
ATOM   158 C CB  . ILE A 1 29 ? 3.316   2.640   0.212   1.00 43.51 ? 29   ILE A CB  1 
ATOM   159 C CG1 . ILE A 1 29 ? 2.657   1.786   1.295   1.00 45.82 ? 29   ILE A CG1 1 
ATOM   160 C CG2 . ILE A 1 29 ? 4.564   3.359   0.744   1.00 43.15 ? 29   ILE A CG2 1 
ATOM   161 C CD1 . ILE A 1 29 ? 2.228   2.559   2.507   1.00 49.83 ? 29   ILE A CD1 1 
ATOM   162 N N   . ILE A 1 30 ? 3.139   5.577   -1.525  1.00 42.54 ? 30   ILE A N   1 
ATOM   163 C CA  . ILE A 1 30 ? 3.680   6.305   -2.656  1.00 44.89 ? 30   ILE A CA  1 
ATOM   164 C C   . ILE A 1 30 ? 5.071   6.819   -2.312  1.00 47.14 ? 30   ILE A C   1 
ATOM   165 O O   . ILE A 1 30 ? 5.234   7.794   -1.569  1.00 46.60 ? 30   ILE A O   1 
ATOM   166 C CB  . ILE A 1 30 ? 2.748   7.468   -3.043  1.00 44.30 ? 30   ILE A CB  1 
ATOM   167 C CG1 . ILE A 1 30 ? 1.330   6.917   -3.241  1.00 43.53 ? 30   ILE A CG1 1 
ATOM   168 C CG2 . ILE A 1 30 ? 3.255   8.156   -4.314  1.00 45.85 ? 30   ILE A CG2 1 
ATOM   169 C CD1 . ILE A 1 30 ? 0.269   7.955   -3.514  1.00 45.24 ? 30   ILE A CD1 1 
ATOM   170 N N   . PRO A 1 31 ? 6.103   6.146   -2.845  1.00 49.72 ? 31   PRO A N   1 
ATOM   171 C CA  . PRO A 1 31 ? 7.500   6.509   -2.610  1.00 52.19 ? 31   PRO A CA  1 
ATOM   172 C C   . PRO A 1 31 ? 7.788   7.974   -2.905  1.00 54.28 ? 31   PRO A C   1 
ATOM   173 O O   . PRO A 1 31 ? 7.115   8.605   -3.719  1.00 53.08 ? 31   PRO A O   1 
ATOM   174 C CB  . PRO A 1 31 ? 8.258   5.564   -3.545  1.00 51.79 ? 31   PRO A CB  1 
ATOM   175 C CG  . PRO A 1 31 ? 7.413   4.346   -3.508  1.00 52.39 ? 31   PRO A CG  1 
ATOM   176 C CD  . PRO A 1 31 ? 6.021   4.929   -3.670  1.00 50.36 ? 31   PRO A CD  1 
ATOM   177 N N   . ALA A 1 32 ? 8.789   8.515   -2.222  1.00 59.64 ? 32   ALA A N   1 
ATOM   178 C CA  . ALA A 1 32 ? 9.177   9.903   -2.424  1.00 63.52 ? 32   ALA A CA  1 
ATOM   179 C C   . ALA A 1 32 ? 9.625   10.060  -3.869  1.00 65.43 ? 32   ALA A C   1 
ATOM   180 O O   . ALA A 1 32 ? 10.439  9.279   -4.361  1.00 67.25 ? 32   ALA A O   1 
ATOM   181 C CB  . ALA A 1 32 ? 10.317  10.274  -1.474  1.00 64.47 ? 32   ALA A CB  1 
ATOM   182 N N   . SER A 1 33 ? 9.086   11.061  -4.554  1.00 67.53 ? 33   SER A N   1 
ATOM   183 C CA  . SER A 1 33 ? 9.449   11.286  -5.945  1.00 69.53 ? 33   SER A CA  1 
ATOM   184 C C   . SER A 1 33 ? 9.894   12.721  -6.204  1.00 71.41 ? 33   SER A C   1 
ATOM   185 O O   . SER A 1 33 ? 10.420  13.400  -5.316  1.00 72.32 ? 33   SER A O   1 
ATOM   186 C CB  . SER A 1 33 ? 8.271   10.955  -6.862  1.00 69.83 ? 33   SER A CB  1 
ATOM   187 O OG  . SER A 1 33 ? 7.184   11.840  -6.643  1.00 68.28 ? 33   SER A OG  1 
ATOM   188 N N   . GLN A 1 34 ? 9.690   13.161  -7.440  1.00 72.30 ? 34   GLN A N   1 
ATOM   189 C CA  . GLN A 1 34 ? 10.042  14.508  -7.857  1.00 73.45 ? 34   GLN A CA  1 
ATOM   190 C C   . GLN A 1 34 ? 8.808   15.381  -7.673  1.00 73.56 ? 34   GLN A C   1 
ATOM   191 O O   . GLN A 1 34 ? 8.910   16.572  -7.388  1.00 73.67 ? 34   GLN A O   1 
ATOM   192 C CB  . GLN A 1 34 ? 10.474  14.504  -9.326  1.00 74.17 ? 34   GLN A CB  1 
ATOM   193 C CG  . GLN A 1 34 ? 9.387   14.064  -10.298 1.00 75.27 ? 34   GLN A CG  1 
ATOM   194 C CD  . GLN A 1 34 ? 9.917   13.838  -11.700 1.00 76.13 ? 34   GLN A CD  1 
ATOM   195 O OE1 . GLN A 1 34 ? 9.149   13.616  -12.640 1.00 76.26 ? 34   GLN A OE1 1 
ATOM   196 N NE2 . GLN A 1 34 ? 11.239  13.889  -11.850 1.00 76.05 ? 34   GLN A NE2 1 
ATOM   197 N N   . PHE A 1 35 ? 7.640   14.769  -7.834  1.00 73.13 ? 35   PHE A N   1 
ATOM   198 C CA  . PHE A 1 35 ? 6.369   15.468  -7.678  1.00 73.44 ? 35   PHE A CA  1 
ATOM   199 C C   . PHE A 1 35 ? 6.122   15.755  -6.190  1.00 71.66 ? 35   PHE A C   1 
ATOM   200 O O   . PHE A 1 35 ? 5.526   16.773  -5.832  1.00 71.32 ? 35   PHE A O   1 
ATOM   201 C CB  . PHE A 1 35 ? 5.232   14.607  -8.242  1.00 75.44 ? 35   PHE A CB  1 
ATOM   202 C CG  . PHE A 1 35 ? 5.488   14.099  -9.637  1.00 78.03 ? 35   PHE A CG  1 
ATOM   203 C CD1 . PHE A 1 35 ? 5.565   14.981  -10.713 1.00 79.12 ? 35   PHE A CD1 1 
ATOM   204 C CD2 . PHE A 1 35 ? 5.668   12.738  -9.875  1.00 78.96 ? 35   PHE A CD2 1 
ATOM   205 C CE1 . PHE A 1 35 ? 5.820   14.514  -12.006 1.00 79.81 ? 35   PHE A CE1 1 
ATOM   206 C CE2 . PHE A 1 35 ? 5.924   12.261  -11.165 1.00 79.46 ? 35   PHE A CE2 1 
ATOM   207 C CZ  . PHE A 1 35 ? 6.000   13.151  -12.229 1.00 79.73 ? 35   PHE A CZ  1 
ATOM   208 N N   . CYS A 1 36 ? 6.600   14.852  -5.335  1.00 69.87 ? 36   CYS A N   1 
ATOM   209 C CA  . CYS A 1 36 ? 6.450   14.975  -3.885  1.00 67.22 ? 36   CYS A CA  1 
ATOM   210 C C   . CYS A 1 36 ? 7.736   14.542  -3.176  1.00 65.84 ? 36   CYS A C   1 
ATOM   211 O O   . CYS A 1 36 ? 8.238   13.448  -3.410  1.00 65.72 ? 36   CYS A O   1 
ATOM   212 C CB  . CYS A 1 36 ? 5.283   14.111  -3.403  1.00 66.83 ? 36   CYS A CB  1 
ATOM   213 S SG  . CYS A 1 36 ? 4.981   14.264  -1.616  1.00 64.72 ? 36   CYS A SG  1 
ATOM   214 N N   . PRO A 1 37 ? 8.272   15.392  -2.281  1.00 65.14 ? 37   PRO A N   1 
ATOM   215 C CA  . PRO A 1 37 ? 9.504   15.120  -1.530  1.00 63.87 ? 37   PRO A CA  1 
ATOM   216 C C   . PRO A 1 37 ? 9.456   14.093  -0.397  1.00 63.08 ? 37   PRO A C   1 
ATOM   217 O O   . PRO A 1 37 ? 10.491  13.779  0.196   1.00 64.17 ? 37   PRO A O   1 
ATOM   218 C CB  . PRO A 1 37 ? 9.899   16.503  -1.024  1.00 63.78 ? 37   PRO A CB  1 
ATOM   219 C CG  . PRO A 1 37 ? 8.572   17.124  -0.749  1.00 65.10 ? 37   PRO A CG  1 
ATOM   220 C CD  . PRO A 1 37 ? 7.783   16.753  -1.991  1.00 65.13 ? 37   PRO A CD  1 
ATOM   221 N N   . ARG A 1 38 ? 8.277   13.566  -0.090  1.00 60.75 ? 38   ARG A N   1 
ATOM   222 C CA  . ARG A 1 38 ? 8.168   12.586  0.990   1.00 58.94 ? 38   ARG A CA  1 
ATOM   223 C C   . ARG A 1 38 ? 7.260   11.420  0.632   1.00 56.46 ? 38   ARG A C   1 
ATOM   224 O O   . ARG A 1 38 ? 6.410   11.531  -0.248  1.00 54.88 ? 38   ARG A O   1 
ATOM   225 C CB  . ARG A 1 38 ? 7.634   13.258  2.254   1.00 59.11 ? 38   ARG A CB  1 
ATOM   226 C CG  . ARG A 1 38 ? 6.352   14.024  2.014   1.00 59.55 ? 38   ARG A CG  1 
ATOM   227 C CD  . ARG A 1 38 ? 5.839   14.706  3.270   1.00 60.72 ? 38   ARG A CD  1 
ATOM   228 N NE  . ARG A 1 38 ? 4.732   15.595  2.941   1.00 60.72 ? 38   ARG A NE  1 
ATOM   229 C CZ  . ARG A 1 38 ? 4.879   16.809  2.423   1.00 61.91 ? 38   ARG A CZ  1 
ATOM   230 N NH1 . ARG A 1 38 ? 6.092   17.293  2.181   1.00 61.86 ? 38   ARG A NH1 1 
ATOM   231 N NH2 . ARG A 1 38 ? 3.809   17.537  2.132   1.00 62.30 ? 38   ARG A NH2 1 
ATOM   232 N N   . VAL A 1 39 ? 7.447   10.306  1.330   1.00 55.32 ? 39   VAL A N   1 
ATOM   233 C CA  . VAL A 1 39 ? 6.630   9.125   1.102   1.00 54.42 ? 39   VAL A CA  1 
ATOM   234 C C   . VAL A 1 39 ? 5.252   9.400   1.686   1.00 52.72 ? 39   VAL A C   1 
ATOM   235 O O   . VAL A 1 39 ? 5.128   9.916   2.800   1.00 53.46 ? 39   VAL A O   1 
ATOM   236 C CB  . VAL A 1 39 ? 7.240   7.870   1.777   1.00 54.32 ? 39   VAL A CB  1 
ATOM   237 C CG1 . VAL A 1 39 ? 7.440   8.115   3.264   1.00 58.61 ? 39   VAL A CG1 1 
ATOM   238 C CG2 . VAL A 1 39 ? 6.330   6.666   1.565   1.00 55.13 ? 39   VAL A CG2 1 
ATOM   239 N N   . GLU A 1 40 ? 4.217   9.079   0.924   1.00 49.33 ? 40   GLU A N   1 
ATOM   240 C CA  . GLU A 1 40 ? 2.858   9.288   1.394   1.00 47.92 ? 40   GLU A CA  1 
ATOM   241 C C   . GLU A 1 40 ? 2.154   7.950   1.557   1.00 47.34 ? 40   GLU A C   1 
ATOM   242 O O   . GLU A 1 40 ? 2.270   7.073   0.701   1.00 47.86 ? 40   GLU A O   1 
ATOM   243 C CB  . GLU A 1 40 ? 2.088   10.189  0.421   1.00 47.29 ? 40   GLU A CB  1 
ATOM   244 C CG  . GLU A 1 40 ? 2.672   11.592  0.309   1.00 50.31 ? 40   GLU A CG  1 
ATOM   245 C CD  . GLU A 1 40 ? 1.728   12.587  -0.348  1.00 50.09 ? 40   GLU A CD  1 
ATOM   246 O OE1 . GLU A 1 40 ? 1.425   12.439  -1.548  1.00 53.49 ? 40   GLU A OE1 1 
ATOM   247 O OE2 . GLU A 1 40 ? 1.289   13.528  0.338   1.00 50.92 ? 40   GLU A OE2 1 
ATOM   248 N N   . ILE A 1 41 ? 1.457   7.793   2.681   1.00 45.58 ? 41   ILE A N   1 
ATOM   249 C CA  . ILE A 1 41 ? 0.705   6.582   2.980   1.00 44.09 ? 41   ILE A CA  1 
ATOM   250 C C   . ILE A 1 41 ? -0.756  7.009   2.992   1.00 45.47 ? 41   ILE A C   1 
ATOM   251 O O   . ILE A 1 41 ? -1.177  7.805   3.845   1.00 46.41 ? 41   ILE A O   1 
ATOM   252 C CB  . ILE A 1 41 ? 1.072   5.987   4.377   1.00 44.23 ? 41   ILE A CB  1 
ATOM   253 C CG1 . ILE A 1 41 ? 2.518   5.471   4.394   1.00 44.46 ? 41   ILE A CG1 1 
ATOM   254 C CG2 . ILE A 1 41 ? 0.150   4.809   4.693   1.00 41.56 ? 41   ILE A CG2 1 
ATOM   255 C CD1 . ILE A 1 41 ? 3.555   6.508   4.071   1.00 50.52 ? 41   ILE A CD1 1 
ATOM   256 N N   . ILE A 1 42 ? -1.527  6.502   2.039   1.00 45.31 ? 42   ILE A N   1 
ATOM   257 C CA  . ILE A 1 42 ? -2.936  6.856   1.947   1.00 44.85 ? 42   ILE A CA  1 
ATOM   258 C C   . ILE A 1 42 ? -3.811  5.651   2.226   1.00 46.15 ? 42   ILE A C   1 
ATOM   259 O O   . ILE A 1 42 ? -3.723  4.626   1.544   1.00 45.03 ? 42   ILE A O   1 
ATOM   260 C CB  . ILE A 1 42 ? -3.283  7.411   0.549   1.00 46.36 ? 42   ILE A CB  1 
ATOM   261 C CG1 . ILE A 1 42 ? -2.408  8.626   0.249   1.00 46.14 ? 42   ILE A CG1 1 
ATOM   262 C CG2 . ILE A 1 42 ? -4.762  7.784   0.482   1.00 44.33 ? 42   ILE A CG2 1 
ATOM   263 C CD1 . ILE A 1 42 ? -2.610  9.194   -1.130  1.00 51.33 ? 42   ILE A CD1 1 
ATOM   264 N N   . ALA A 1 43 ? -4.659  5.773   3.237   1.00 45.69 ? 43   ALA A N   1 
ATOM   265 C CA  . ALA A 1 43 ? -5.542  4.677   3.590   1.00 48.54 ? 43   ALA A CA  1 
ATOM   266 C C   . ALA A 1 43 ? -6.957  4.931   3.089   1.00 50.50 ? 43   ALA A C   1 
ATOM   267 O O   . ALA A 1 43 ? -7.492  6.027   3.247   1.00 50.78 ? 43   ALA A O   1 
ATOM   268 C CB  . ALA A 1 43 ? -5.552  4.482   5.099   1.00 46.93 ? 43   ALA A CB  1 
ATOM   269 N N   . THR A 1 44 ? -7.539  3.921   2.454   1.00 53.13 ? 44   THR A N   1 
ATOM   270 C CA  . THR A 1 44 ? -8.911  4.001   1.970   1.00 55.58 ? 44   THR A CA  1 
ATOM   271 C C   . THR A 1 44 ? -9.706  3.145   2.944   1.00 58.13 ? 44   THR A C   1 
ATOM   272 O O   . THR A 1 44 ? -9.514  1.934   3.016   1.00 57.93 ? 44   THR A O   1 
ATOM   273 C CB  . THR A 1 44 ? -9.073  3.415   0.555   1.00 55.76 ? 44   THR A CB  1 
ATOM   274 O OG1 . THR A 1 44 ? -8.348  4.216   -0.390  1.00 54.36 ? 44   THR A OG1 1 
ATOM   275 C CG2 . THR A 1 44 ? -10.547 3.391   0.163   1.00 55.49 ? 44   THR A CG2 1 
ATOM   276 N N   . MET A 1 45 ? -10.588 3.781   3.704   1.00 61.44 ? 45   MET A N   1 
ATOM   277 C CA  . MET A 1 45 ? -11.390 3.075   4.695   1.00 64.67 ? 45   MET A CA  1 
ATOM   278 C C   . MET A 1 45 ? -12.644 2.454   4.084   1.00 66.96 ? 45   MET A C   1 
ATOM   279 O O   . MET A 1 45 ? -13.211 2.984   3.125   1.00 66.48 ? 45   MET A O   1 
ATOM   280 C CB  . MET A 1 45 ? -11.791 4.047   5.809   1.00 65.79 ? 45   MET A CB  1 
ATOM   281 C CG  . MET A 1 45 ? -10.641 4.879   6.350   1.00 66.46 ? 45   MET A CG  1 
ATOM   282 S SD  . MET A 1 45 ? -9.395  3.883   7.185   1.00 70.61 ? 45   MET A SD  1 
ATOM   283 C CE  . MET A 1 45 ? -10.028 3.895   8.854   1.00 70.42 ? 45   MET A CE  1 
ATOM   284 N N   . LYS A 1 46 ? -13.067 1.323   4.640   1.00 69.50 ? 46   LYS A N   1 
ATOM   285 C CA  . LYS A 1 46 ? -14.272 0.656   4.162   1.00 73.56 ? 46   LYS A CA  1 
ATOM   286 C C   . LYS A 1 46 ? -15.427 1.621   4.421   1.00 75.77 ? 46   LYS A C   1 
ATOM   287 O O   . LYS A 1 46 ? -16.130 2.027   3.494   1.00 75.94 ? 46   LYS A O   1 
ATOM   288 C CB  . LYS A 1 46 ? -14.500 -0.649  4.928   1.00 74.06 ? 46   LYS A CB  1 
ATOM   289 C CG  . LYS A 1 46 ? -13.379 -1.665  4.776   1.00 74.84 ? 46   LYS A CG  1 
ATOM   290 C CD  . LYS A 1 46 ? -13.618 -2.896  5.637   1.00 75.13 ? 46   LYS A CD  1 
ATOM   291 C CE  . LYS A 1 46 ? -12.455 -3.873  5.529   1.00 75.64 ? 46   LYS A CE  1 
ATOM   292 N NZ  . LYS A 1 46 ? -12.643 -5.089  6.369   1.00 75.01 ? 46   LYS A NZ  1 
ATOM   293 N N   . LYS A 1 47 ? -15.590 1.992   5.689   1.00 77.98 ? 47   LYS A N   1 
ATOM   294 C CA  . LYS A 1 47 ? -16.631 2.918   6.137   1.00 80.57 ? 47   LYS A CA  1 
ATOM   295 C C   . LYS A 1 47 ? -17.424 3.547   4.997   1.00 81.27 ? 47   LYS A C   1 
ATOM   296 O O   . LYS A 1 47 ? -18.475 3.041   4.603   1.00 81.75 ? 47   LYS A O   1 
ATOM   297 C CB  . LYS A 1 47 ? -16.008 4.033   6.983   1.00 81.70 ? 47   LYS A CB  1 
ATOM   298 C CG  . LYS A 1 47 ? -15.324 3.561   8.256   1.00 84.43 ? 47   LYS A CG  1 
ATOM   299 C CD  . LYS A 1 47 ? -16.321 2.949   9.232   1.00 85.61 ? 47   LYS A CD  1 
ATOM   300 C CE  . LYS A 1 47 ? -15.658 2.614   10.559  1.00 86.28 ? 47   LYS A CE  1 
ATOM   301 N NZ  . LYS A 1 47 ? -16.615 2.000   11.520  1.00 86.40 ? 47   LYS A NZ  1 
ATOM   302 N N   . LYS A 1 48 ? -16.906 4.653   4.472   1.00 81.99 ? 48   LYS A N   1 
ATOM   303 C CA  . LYS A 1 48 ? -17.556 5.371   3.380   1.00 82.54 ? 48   LYS A CA  1 
ATOM   304 C C   . LYS A 1 48 ? -16.536 5.722   2.297   1.00 81.90 ? 48   LYS A C   1 
ATOM   305 O O   . LYS A 1 48 ? -16.570 6.814   1.725   1.00 81.93 ? 48   LYS A O   1 
ATOM   306 C CB  . LYS A 1 48 ? -18.215 6.647   3.923   1.00 83.78 ? 48   LYS A CB  1 
ATOM   307 C CG  . LYS A 1 48 ? -19.012 7.452   2.904   1.00 85.69 ? 48   LYS A CG  1 
ATOM   308 C CD  . LYS A 1 48 ? -20.169 6.651   2.324   1.00 87.06 ? 48   LYS A CD  1 
ATOM   309 C CE  . LYS A 1 48 ? -20.940 7.469   1.300   1.00 87.94 ? 48   LYS A CE  1 
ATOM   310 N NZ  . LYS A 1 48 ? -22.060 6.696   0.696   1.00 88.23 ? 48   LYS A NZ  1 
ATOM   311 N N   . GLY A 1 49 ? -15.629 4.787   2.022   1.00 80.96 ? 49   GLY A N   1 
ATOM   312 C CA  . GLY A 1 49 ? -14.606 5.010   1.010   1.00 79.52 ? 49   GLY A CA  1 
ATOM   313 C C   . GLY A 1 49 ? -13.806 6.275   1.262   1.00 77.88 ? 49   GLY A C   1 
ATOM   314 O O   . GLY A 1 49 ? -13.249 6.868   0.335   1.00 77.77 ? 49   GLY A O   1 
ATOM   315 N N   . GLU A 1 50 ? -13.746 6.682   2.527   1.00 76.11 ? 50   GLU A N   1 
ATOM   316 C CA  . GLU A 1 50 ? -13.030 7.887   2.931   1.00 74.29 ? 50   GLU A CA  1 
ATOM   317 C C   . GLU A 1 50 ? -11.517 7.705   2.927   1.00 71.38 ? 50   GLU A C   1 
ATOM   318 O O   . GLU A 1 50 ? -10.991 6.761   3.518   1.00 71.20 ? 50   GLU A O   1 
ATOM   319 C CB  . GLU A 1 50 ? -13.466 8.304   4.334   1.00 75.64 ? 50   GLU A CB  1 
ATOM   320 C CG  . GLU A 1 50 ? -13.302 7.191   5.353   1.00 78.92 ? 50   GLU A CG  1 
ATOM   321 C CD  . GLU A 1 50 ? -13.416 7.678   6.779   1.00 80.65 ? 50   GLU A CD  1 
ATOM   322 O OE1 . GLU A 1 50 ? -12.550 8.475   7.209   1.00 81.73 ? 50   GLU A OE1 1 
ATOM   323 O OE2 . GLU A 1 50 ? -14.370 7.261   7.470   1.00 81.74 ? 50   GLU A OE2 1 
ATOM   324 N N   . LYS A 1 51 ? -10.823 8.624   2.264   1.00 67.83 ? 51   LYS A N   1 
ATOM   325 C CA  . LYS A 1 51 ? -9.371  8.574   2.195   1.00 64.52 ? 51   LYS A CA  1 
ATOM   326 C C   . LYS A 1 51 ? -8.787  9.293   3.409   1.00 61.88 ? 51   LYS A C   1 
ATOM   327 O O   . LYS A 1 51 ? -9.405  10.201  3.972   1.00 61.44 ? 51   LYS A O   1 
ATOM   328 C CB  . LYS A 1 51 ? -8.872  9.242   0.911   1.00 65.54 ? 51   LYS A CB  1 
ATOM   329 C CG  . LYS A 1 51 ? -9.453  8.661   -0.369  1.00 67.22 ? 51   LYS A CG  1 
ATOM   330 C CD  . LYS A 1 51 ? -9.235  7.160   -0.457  1.00 68.18 ? 51   LYS A CD  1 
ATOM   331 C CE  . LYS A 1 51 ? -9.743  6.603   -1.779  1.00 68.89 ? 51   LYS A CE  1 
ATOM   332 N NZ  . LYS A 1 51 ? -9.008  7.196   -2.933  1.00 69.72 ? 51   LYS A NZ  1 
ATOM   333 N N   . ARG A 1 52 ? -7.592  8.882   3.810   1.00 57.79 ? 52   ARG A N   1 
ATOM   334 C CA  . ARG A 1 52 ? -6.932  9.486   4.953   1.00 53.72 ? 52   ARG A CA  1 
ATOM   335 C C   . ARG A 1 52 ? -5.449  9.171   4.905   1.00 49.83 ? 52   ARG A C   1 
ATOM   336 O O   . ARG A 1 52 ? -5.066  8.012   4.799   1.00 45.90 ? 52   ARG A O   1 
ATOM   337 C CB  . ARG A 1 52 ? -7.519  8.930   6.245   1.00 56.15 ? 52   ARG A CB  1 
ATOM   338 C CG  . ARG A 1 52 ? -6.914  9.525   7.498   1.00 57.68 ? 52   ARG A CG  1 
ATOM   339 C CD  . ARG A 1 52 ? -7.172  8.631   8.689   1.00 61.19 ? 52   ARG A CD  1 
ATOM   340 N NE  . ARG A 1 52 ? -8.597  8.390   8.892   1.00 62.53 ? 52   ARG A NE  1 
ATOM   341 C CZ  . ARG A 1 52 ? -9.086  7.522   9.771   1.00 62.13 ? 52   ARG A CZ  1 
ATOM   342 N NH1 . ARG A 1 52 ? -8.263  6.812   10.530  1.00 63.20 ? 52   ARG A NH1 1 
ATOM   343 N NH2 . ARG A 1 52 ? -10.396 7.358   9.882   1.00 63.05 ? 52   ARG A NH2 1 
ATOM   344 N N   . CYS A 1 53 ? -4.615  10.198  4.985   1.00 48.31 ? 53   CYS A N   1 
ATOM   345 C CA  . CYS A 1 53 ? -3.178  9.975   4.963   1.00 46.38 ? 53   CYS A CA  1 
ATOM   346 C C   . CYS A 1 53 ? -2.699  9.597   6.354   1.00 47.25 ? 53   CYS A C   1 
ATOM   347 O O   . CYS A 1 53 ? -3.188  10.125  7.353   1.00 45.71 ? 53   CYS A O   1 
ATOM   348 C CB  . CYS A 1 53 ? -2.472  11.225  4.471   1.00 47.75 ? 53   CYS A CB  1 
ATOM   349 S SG  . CYS A 1 53 ? -2.946  11.654  2.764   1.00 48.32 ? 53   CYS A SG  1 
ATOM   350 N N   . LEU A 1 54 ? -1.758  8.663   6.411   1.00 46.58 ? 54   LEU A N   1 
ATOM   351 C CA  . LEU A 1 54 ? -1.202  8.195   7.675   1.00 47.18 ? 54   LEU A CA  1 
ATOM   352 C C   . LEU A 1 54 ? 0.240   8.674   7.801   1.00 47.77 ? 54   LEU A C   1 
ATOM   353 O O   . LEU A 1 54 ? 0.874   9.007   6.808   1.00 45.64 ? 54   LEU A O   1 
ATOM   354 C CB  . LEU A 1 54 ? -1.274  6.672   7.734   1.00 46.66 ? 54   LEU A CB  1 
ATOM   355 C CG  . LEU A 1 54 ? -2.677  6.112   7.485   1.00 46.65 ? 54   LEU A CG  1 
ATOM   356 C CD1 . LEU A 1 54 ? -2.653  4.599   7.617   1.00 46.44 ? 54   LEU A CD1 1 
ATOM   357 C CD2 . LEU A 1 54 ? -3.664  6.730   8.488   1.00 45.01 ? 54   LEU A CD2 1 
ATOM   358 N N   . ASN A 1 55 ? 0.757   8.716   9.023   1.00 49.92 ? 55   ASN A N   1 
ATOM   359 C CA  . ASN A 1 55 ? 2.118   9.190   9.252   1.00 53.46 ? 55   ASN A CA  1 
ATOM   360 C C   . ASN A 1 55 ? 3.164   8.096   9.040   1.00 56.86 ? 55   ASN A C   1 
ATOM   361 O O   . ASN A 1 55 ? 3.259   7.160   9.830   1.00 57.33 ? 55   ASN A O   1 
ATOM   362 C CB  . ASN A 1 55 ? 2.233   9.744   10.675  1.00 53.72 ? 55   ASN A CB  1 
ATOM   363 C CG  . ASN A 1 55 ? 3.510   10.535  10.896  1.00 54.11 ? 55   ASN A CG  1 
ATOM   364 O OD1 . ASN A 1 55 ? 4.560   10.218  10.334  1.00 53.35 ? 55   ASN A OD1 1 
ATOM   365 N ND2 . ASN A 1 55 ? 3.427   11.563  11.733  1.00 52.04 ? 55   ASN A ND2 1 
ATOM   366 N N   . PRO A 1 56 ? 3.971   8.204   7.965   1.00 60.10 ? 56   PRO A N   1 
ATOM   367 C CA  . PRO A 1 56 ? 5.008   7.205   7.677   1.00 63.96 ? 56   PRO A CA  1 
ATOM   368 C C   . PRO A 1 56 ? 6.072   7.101   8.771   1.00 68.53 ? 56   PRO A C   1 
ATOM   369 O O   . PRO A 1 56 ? 6.843   6.142   8.809   1.00 68.98 ? 56   PRO A O   1 
ATOM   370 C CB  . PRO A 1 56 ? 5.585   7.680   6.345   1.00 63.13 ? 56   PRO A CB  1 
ATOM   371 C CG  . PRO A 1 56 ? 5.358   9.160   6.378   1.00 62.25 ? 56   PRO A CG  1 
ATOM   372 C CD  . PRO A 1 56 ? 3.971   9.265   6.945   1.00 60.37 ? 56   PRO A CD  1 
ATOM   373 N N   . GLU A 1 57 ? 6.105   8.094   9.655   1.00 73.05 ? 57   GLU A N   1 
ATOM   374 C CA  . GLU A 1 57 ? 7.063   8.124   10.758  1.00 77.15 ? 57   GLU A CA  1 
ATOM   375 C C   . GLU A 1 57 ? 6.452   7.567   12.040  1.00 79.65 ? 57   GLU A C   1 
ATOM   376 O O   . GLU A 1 57 ? 7.158   7.013   12.882  1.00 80.42 ? 57   GLU A O   1 
ATOM   377 C CB  . GLU A 1 57 ? 7.539   9.559   11.008  1.00 77.76 ? 57   GLU A CB  1 
ATOM   378 C CG  . GLU A 1 57 ? 8.888   9.903   10.393  1.00 79.15 ? 57   GLU A CG  1 
ATOM   379 C CD  . GLU A 1 57 ? 8.909   9.742   8.889   1.00 79.50 ? 57   GLU A CD  1 
ATOM   380 O OE1 . GLU A 1 57 ? 8.755   8.598   8.413   1.00 80.13 ? 57   GLU A OE1 1 
ATOM   381 O OE2 . GLU A 1 57 ? 9.077   10.760  8.184   1.00 79.89 ? 57   GLU A OE2 1 
ATOM   382 N N   . SER A 1 58 ? 5.139   7.723   12.186  1.00 82.55 ? 58   SER A N   1 
ATOM   383 C CA  . SER A 1 58 ? 4.430   7.239   13.366  1.00 85.01 ? 58   SER A CA  1 
ATOM   384 C C   . SER A 1 58 ? 4.707   5.759   13.600  1.00 86.56 ? 58   SER A C   1 
ATOM   385 O O   . SER A 1 58 ? 4.990   5.013   12.661  1.00 87.50 ? 58   SER A O   1 
ATOM   386 C CB  . SER A 1 58 ? 2.924   7.460   13.203  1.00 85.65 ? 58   SER A CB  1 
ATOM   387 O OG  . SER A 1 58 ? 2.209   6.975   14.327  1.00 86.24 ? 58   SER A OG  1 
ATOM   388 N N   . LYS A 1 59 ? 4.629   5.341   14.861  1.00 88.37 ? 59   LYS A N   1 
ATOM   389 C CA  . LYS A 1 59 ? 4.868   3.946   15.218  1.00 89.69 ? 59   LYS A CA  1 
ATOM   390 C C   . LYS A 1 59 ? 3.617   3.126   14.923  1.00 90.46 ? 59   LYS A C   1 
ATOM   391 O O   . LYS A 1 59 ? 3.702   1.966   14.517  1.00 90.14 ? 59   LYS A O   1 
ATOM   392 C CB  . LYS A 1 59 ? 5.224   3.832   16.705  1.00 89.84 ? 59   LYS A CB  1 
ATOM   393 C CG  . LYS A 1 59 ? 5.705   2.451   17.125  1.00 89.87 ? 59   LYS A CG  1 
ATOM   394 C CD  . LYS A 1 59 ? 6.963   2.056   16.361  1.00 89.63 ? 59   LYS A CD  1 
ATOM   395 C CE  . LYS A 1 59 ? 7.449   0.671   16.761  1.00 89.56 ? 59   LYS A CE  1 
ATOM   396 N NZ  . LYS A 1 59 ? 8.661   0.270   15.991  1.00 89.25 ? 59   LYS A NZ  1 
ATOM   397 N N   . ALA A 1 60 ? 2.457   3.743   15.129  1.00 91.29 ? 60   ALA A N   1 
ATOM   398 C CA  . ALA A 1 60 ? 1.180   3.087   14.879  1.00 92.27 ? 60   ALA A CA  1 
ATOM   399 C C   . ALA A 1 60 ? 1.090   2.678   13.410  1.00 92.80 ? 60   ALA A C   1 
ATOM   400 O O   . ALA A 1 60 ? 0.439   1.689   13.068  1.00 92.98 ? 60   ALA A O   1 
ATOM   401 C CB  . ALA A 1 60 ? 0.029   4.027   15.237  1.00 91.73 ? 60   ALA A CB  1 
ATOM   402 N N   . ILE A 1 61 ? 1.751   3.447   12.550  1.00 93.43 ? 61   ILE A N   1 
ATOM   403 C CA  . ILE A 1 61 ? 1.754   3.177   11.116  1.00 93.93 ? 61   ILE A CA  1 
ATOM   404 C C   . ILE A 1 61 ? 2.805   2.129   10.761  1.00 94.14 ? 61   ILE A C   1 
ATOM   405 O O   . ILE A 1 61 ? 2.534   1.200   10.002  1.00 93.88 ? 61   ILE A O   1 
ATOM   406 C CB  . ILE A 1 61 ? 2.019   4.467   10.342  1.00 93.57 ? 61   ILE A CB  1 
ATOM   407 N N   . LYS A 1 62 ? 4.004   2.283   11.314  1.00 94.59 ? 62   LYS A N   1 
ATOM   408 C CA  . LYS A 1 62 ? 5.092   1.345   11.058  1.00 95.19 ? 62   LYS A CA  1 
ATOM   409 C C   . LYS A 1 62 ? 4.650   -0.092  11.319  1.00 95.30 ? 62   LYS A C   1 
ATOM   410 O O   . LYS A 1 62 ? 5.037   -1.009  10.591  1.00 95.57 ? 62   LYS A O   1 
ATOM   411 C CB  . LYS A 1 62 ? 6.300   1.675   11.943  1.00 95.50 ? 62   LYS A CB  1 
ATOM   412 C CG  . LYS A 1 62 ? 6.964   3.010   11.636  1.00 95.62 ? 62   LYS A CG  1 
ATOM   413 C CD  . LYS A 1 62 ? 8.122   3.281   12.588  1.00 95.36 ? 62   LYS A CD  1 
ATOM   414 C CE  . LYS A 1 62 ? 8.811   4.599   12.265  1.00 95.32 ? 62   LYS A CE  1 
ATOM   415 N NZ  . LYS A 1 62 ? 9.911   4.910   13.222  1.00 94.30 ? 62   LYS A NZ  1 
ATOM   416 N N   . ASN A 1 63 ? 3.838   -0.282  12.356  1.00 95.15 ? 63   ASN A N   1 
ATOM   417 C CA  . ASN A 1 63 ? 3.346   -1.610  12.713  1.00 94.94 ? 63   ASN A CA  1 
ATOM   418 C C   . ASN A 1 63 ? 2.196   -2.047  11.814  1.00 94.14 ? 63   ASN A C   1 
ATOM   419 O O   . ASN A 1 63 ? 2.139   -3.200  11.389  1.00 94.24 ? 63   ASN A O   1 
ATOM   420 C CB  . ASN A 1 63 ? 2.889   -1.643  14.176  1.00 95.53 ? 63   ASN A CB  1 
ATOM   421 C CG  . ASN A 1 63 ? 4.033   -1.428  15.154  1.00 96.27 ? 63   ASN A CG  1 
ATOM   422 O OD1 . ASN A 1 63 ? 5.048   -2.125  15.106  1.00 96.38 ? 63   ASN A OD1 1 
ATOM   423 N ND2 . ASN A 1 63 ? 3.868   -0.463  16.054  1.00 96.48 ? 63   ASN A ND2 1 
ATOM   424 N N   . LEU A 1 64 ? 1.281   -1.124  11.530  1.00 93.23 ? 64   LEU A N   1 
ATOM   425 C CA  . LEU A 1 64 ? 0.131   -1.416  10.677  1.00 92.28 ? 64   LEU A CA  1 
ATOM   426 C C   . LEU A 1 64 ? 0.546   -2.200  9.432   1.00 91.80 ? 64   LEU A C   1 
ATOM   427 O O   . LEU A 1 64 ? -0.098  -3.183  9.062   1.00 91.37 ? 64   LEU A O   1 
ATOM   428 C CB  . LEU A 1 64 ? -0.558  -0.112  10.259  1.00 92.08 ? 64   LEU A CB  1 
ATOM   429 C CG  . LEU A 1 64 ? -1.755  -0.232  9.310   1.00 91.51 ? 64   LEU A CG  1 
ATOM   430 C CD1 . LEU A 1 64 ? -2.862  -1.034  9.974   1.00 91.54 ? 64   LEU A CD1 1 
ATOM   431 C CD2 . LEU A 1 64 ? -2.252  1.155   8.936   1.00 91.27 ? 64   LEU A CD2 1 
ATOM   432 N N   . LEU A 1 65 ? 1.625   -1.761  8.789   1.00 91.26 ? 65   LEU A N   1 
ATOM   433 C CA  . LEU A 1 65 ? 2.125   -2.433  7.594   1.00 91.04 ? 65   LEU A CA  1 
ATOM   434 C C   . LEU A 1 65 ? 2.659   -3.812  7.957   1.00 91.11 ? 65   LEU A C   1 
ATOM   435 O O   . LEU A 1 65 ? 2.496   -4.770  7.204   1.00 91.20 ? 65   LEU A O   1 
ATOM   436 C CB  . LEU A 1 65 ? 3.238   -1.611  6.938   1.00 90.72 ? 65   LEU A CB  1 
ATOM   437 C CG  . LEU A 1 65 ? 2.862   -0.310  6.224   1.00 90.09 ? 65   LEU A CG  1 
ATOM   438 C CD1 . LEU A 1 65 ? 2.161   0.639   7.178   1.00 90.36 ? 65   LEU A CD1 1 
ATOM   439 C CD2 . LEU A 1 65 ? 4.120   0.333   5.666   1.00 90.11 ? 65   LEU A CD2 1 
ATOM   440 N N   . LYS A 1 66 ? 3.303   -3.901  9.118   1.00 91.25 ? 66   LYS A N   1 
ATOM   441 C CA  . LYS A 1 66 ? 3.867   -5.158  9.598   1.00 91.09 ? 66   LYS A CA  1 
ATOM   442 C C   . LYS A 1 66 ? 2.782   -6.224  9.695   1.00 90.78 ? 66   LYS A C   1 
ATOM   443 O O   . LYS A 1 66 ? 2.925   -7.320  9.153   1.00 90.49 ? 66   LYS A O   1 
ATOM   444 C CB  . LYS A 1 66 ? 4.509   -4.955  10.972  1.00 91.69 ? 66   LYS A CB  1 
ATOM   445 C CG  . LYS A 1 66 ? 5.581   -3.875  11.002  1.00 92.35 ? 66   LYS A CG  1 
ATOM   446 C CD  . LYS A 1 66 ? 6.051   -3.586  12.420  1.00 92.80 ? 66   LYS A CD  1 
ATOM   447 C CE  . LYS A 1 66 ? 7.044   -2.432  12.442  1.00 93.22 ? 66   LYS A CE  1 
ATOM   448 N NZ  . LYS A 1 66 ? 7.438   -2.054  13.827  1.00 93.40 ? 66   LYS A NZ  1 
ATOM   449 N N   . ALA A 1 67 ? 1.699   -5.892  10.392  1.00 90.72 ? 67   ALA A N   1 
ATOM   450 C CA  . ALA A 1 67 ? 0.583   -6.813  10.571  1.00 90.73 ? 67   ALA A CA  1 
ATOM   451 C C   . ALA A 1 67 ? 0.175   -7.435  9.240   1.00 91.02 ? 67   ALA A C   1 
ATOM   452 O O   . ALA A 1 67 ? -0.036  -8.646  9.150   1.00 91.03 ? 67   ALA A O   1 
ATOM   453 C CB  . ALA A 1 67 ? -0.602  -6.083  11.194  1.00 90.13 ? 67   ALA A CB  1 
ATOM   454 N N   . VAL A 1 68 ? 0.072   -6.604  8.207   1.00 90.79 ? 68   VAL A N   1 
ATOM   455 C CA  . VAL A 1 68 ? -0.314  -7.080  6.884   1.00 91.00 ? 68   VAL A CA  1 
ATOM   456 C C   . VAL A 1 68 ? 0.889   -7.592  6.092   1.00 90.80 ? 68   VAL A C   1 
ATOM   457 O O   . VAL A 1 68 ? 0.844   -8.761  5.649   1.00 90.82 ? 68   VAL A O   1 
ATOM   458 C CB  . VAL A 1 68 ? -1.002  -5.967  6.067   1.00 90.91 ? 68   VAL A CB  1 
ATOM   459 C CG1 . VAL A 1 68 ? -1.495  -6.531  4.747   1.00 90.48 ? 68   VAL A CG1 1 
ATOM   460 C CG2 . VAL A 1 68 ? -2.158  -5.372  6.859   1.00 89.94 ? 68   VAL A CG2 1 
ATOM   461 N N   . SER A 1 69 ? 1.857   -6.822  5.918   1.00 90.81 ? 69   SER A N   1 
ATOM   462 N N   . CYS B 1 9  ? -11.087 -11.265 -5.807  1.00 49.07 ? 9    CYS B N   1 
ATOM   463 C CA  . CYS B 1 9  ? -9.597  -11.193 -5.879  1.00 47.21 ? 9    CYS B CA  1 
ATOM   464 C C   . CYS B 1 9  ? -9.203  -10.658 -7.254  1.00 45.31 ? 9    CYS B C   1 
ATOM   465 O O   . CYS B 1 9  ? -9.852  -10.959 -8.253  1.00 47.02 ? 9    CYS B O   1 
ATOM   466 C CB  . CYS B 1 9  ? -8.981  -12.580 -5.680  1.00 47.06 ? 9    CYS B CB  1 
ATOM   467 S SG  . CYS B 1 9  ? -9.139  -13.330 -4.014  1.00 51.18 ? 9    CYS B SG  1 
ATOM   468 N N   . THR B 1 10 ? -8.145  -9.865  -7.313  1.00 42.81 ? 10   THR B N   1 
ATOM   469 C CA  . THR B 1 10 ? -7.733  -9.312  -8.593  1.00 41.94 ? 10   THR B CA  1 
ATOM   470 C C   . THR B 1 10 ? -6.445  -9.944  -9.109  1.00 40.23 ? 10   THR B C   1 
ATOM   471 O O   . THR B 1 10 ? -6.135  -9.862  -10.289 1.00 37.44 ? 10   THR B O   1 
ATOM   472 C CB  . THR B 1 10 ? -7.542  -7.785  -8.512  1.00 42.08 ? 10   THR B CB  1 
ATOM   473 O OG1 . THR B 1 10 ? -7.374  -7.261  -9.833  1.00 45.40 ? 10   THR B OG1 1 
ATOM   474 C CG2 . THR B 1 10 ? -6.318  -7.431  -7.681  1.00 42.10 ? 10   THR B CG2 1 
ATOM   475 N N   . CYS B 1 11 ? -5.707  -10.584 -8.214  1.00 39.00 ? 11   CYS B N   1 
ATOM   476 C CA  . CYS B 1 11 ? -4.452  -11.208 -8.589  1.00 39.18 ? 11   CYS B CA  1 
ATOM   477 C C   . CYS B 1 11 ? -4.609  -12.702 -8.833  1.00 39.88 ? 11   CYS B C   1 
ATOM   478 O O   . CYS B 1 11 ? -4.725  -13.502 -7.899  1.00 40.54 ? 11   CYS B O   1 
ATOM   479 C CB  . CYS B 1 11 ? -3.401  -10.929 -7.518  1.00 36.76 ? 11   CYS B CB  1 
ATOM   480 S SG  . CYS B 1 11 ? -2.851  -9.199  -7.427  1.00 36.71 ? 11   CYS B SG  1 
ATOM   481 N N   . ILE B 1 12 ? -4.618  -13.063 -10.110 1.00 38.73 ? 12   ILE B N   1 
ATOM   482 C CA  . ILE B 1 12 ? -4.769  -14.443 -10.533 1.00 41.21 ? 12   ILE B CA  1 
ATOM   483 C C   . ILE B 1 12 ? -3.403  -15.130 -10.513 1.00 40.68 ? 12   ILE B C   1 
ATOM   484 O O   . ILE B 1 12 ? -3.302  -16.356 -10.429 1.00 39.59 ? 12   ILE B O   1 
ATOM   485 C CB  . ILE B 1 12 ? -5.390  -14.493 -11.943 1.00 45.45 ? 12   ILE B CB  1 
ATOM   486 C CG1 . ILE B 1 12 ? -5.943  -15.886 -12.214 1.00 48.99 ? 12   ILE B CG1 1 
ATOM   487 C CG2 . ILE B 1 12 ? -4.347  -14.123 -12.998 1.00 45.05 ? 12   ILE B CG2 1 
ATOM   488 C CD1 . ILE B 1 12 ? -6.955  -15.899 -13.337 1.00 54.61 ? 12   ILE B CD1 1 
ATOM   489 N N   . SER B 1 13 ? -2.366  -14.308 -10.575 1.00 38.65 ? 13   SER B N   1 
ATOM   490 C CA  . SER B 1 13 ? -0.986  -14.755 -10.547 1.00 40.00 ? 13   SER B CA  1 
ATOM   491 C C   . SER B 1 13 ? -0.225  -13.809 -9.640  1.00 39.42 ? 13   SER B C   1 
ATOM   492 O O   . SER B 1 13 ? -0.506  -12.610 -9.593  1.00 38.10 ? 13   SER B O   1 
ATOM   493 C CB  . SER B 1 13 ? -0.375  -14.716 -11.951 1.00 38.65 ? 13   SER B CB  1 
ATOM   494 O OG  . SER B 1 13 ? 1.031   -14.905 -11.879 1.00 39.47 ? 13   SER B OG  1 
ATOM   495 N N   . ILE B 1 14 ? 0.754   -14.344 -8.927  1.00 41.05 ? 14   ILE B N   1 
ATOM   496 C CA  . ILE B 1 14 ? 1.551   -13.542 -8.025  1.00 41.15 ? 14   ILE B CA  1 
ATOM   497 C C   . ILE B 1 14 ? 3.016   -13.766 -8.377  1.00 42.97 ? 14   ILE B C   1 
ATOM   498 O O   . ILE B 1 14 ? 3.431   -14.901 -8.598  1.00 40.56 ? 14   ILE B O   1 
ATOM   499 C CB  . ILE B 1 14 ? 1.309   -13.959 -6.570  1.00 45.08 ? 14   ILE B CB  1 
ATOM   500 C CG1 . ILE B 1 14 ? -0.184  -13.888 -6.232  1.00 47.66 ? 14   ILE B CG1 1 
ATOM   501 C CG2 . ILE B 1 14 ? 2.097   -13.081 -5.671  1.00 48.55 ? 14   ILE B CG2 1 
ATOM   502 C CD1 . ILE B 1 14 ? -0.773  -12.514 -6.302  1.00 51.16 ? 14   ILE B CD1 1 
ATOM   503 N N   . SER B 1 15 ? 3.792   -12.686 -8.418  1.00 44.62 ? 15   SER B N   1 
ATOM   504 C CA  . SER B 1 15 ? 5.204   -12.772 -8.779  1.00 44.75 ? 15   SER B CA  1 
ATOM   505 C C   . SER B 1 15 ? 6.175   -12.814 -7.606  1.00 46.62 ? 15   SER B C   1 
ATOM   506 O O   . SER B 1 15 ? 5.960   -12.183 -6.572  1.00 45.36 ? 15   SER B O   1 
ATOM   507 C CB  . SER B 1 15 ? 5.571   -11.598 -9.695  1.00 45.65 ? 15   SER B CB  1 
ATOM   508 O OG  . SER B 1 15 ? 6.963   -11.572 -9.982  1.00 44.35 ? 15   SER B OG  1 
ATOM   509 N N   . ASN B 1 16 ? 7.255   -13.569 -7.788  1.00 48.47 ? 16   ASN B N   1 
ATOM   510 C CA  . ASN B 1 16 ? 8.294   -13.689 -6.778  1.00 51.30 ? 16   ASN B CA  1 
ATOM   511 C C   . ASN B 1 16 ? 9.500   -12.855 -7.196  1.00 54.31 ? 16   ASN B C   1 
ATOM   512 O O   . ASN B 1 16 ? 10.493  -12.771 -6.477  1.00 55.58 ? 16   ASN B O   1 
ATOM   513 C CB  . ASN B 1 16 ? 8.713   -15.156 -6.608  1.00 50.70 ? 16   ASN B CB  1 
ATOM   514 C CG  . ASN B 1 16 ? 7.670   -15.976 -5.877  1.00 49.00 ? 16   ASN B CG  1 
ATOM   515 O OD1 . ASN B 1 16 ? 7.159   -15.558 -4.839  1.00 49.78 ? 16   ASN B OD1 1 
ATOM   516 N ND2 . ASN B 1 16 ? 7.356   -17.152 -6.408  1.00 47.57 ? 16   ASN B ND2 1 
ATOM   517 N N   . GLN B 1 17 ? 9.407   -12.229 -8.365  1.00 57.18 ? 17   GLN B N   1 
ATOM   518 C CA  . GLN B 1 17 ? 10.500  -11.404 -8.858  1.00 59.50 ? 17   GLN B CA  1 
ATOM   519 C C   . GLN B 1 17 ? 10.441  -10.000 -8.264  1.00 60.52 ? 17   GLN B C   1 
ATOM   520 O O   . GLN B 1 17 ? 9.456   -9.270  -8.441  1.00 59.67 ? 17   GLN B O   1 
ATOM   521 C CB  . GLN B 1 17 ? 10.459  -11.334 -10.384 1.00 61.41 ? 17   GLN B CB  1 
ATOM   522 C CG  . GLN B 1 17 ? 10.418  -12.703 -11.047 1.00 66.06 ? 17   GLN B CG  1 
ATOM   523 C CD  . GLN B 1 17 ? 11.480  -13.652 -10.516 1.00 68.54 ? 17   GLN B CD  1 
ATOM   524 O OE1 . GLN B 1 17 ? 12.681  -13.401 -10.644 1.00 70.38 ? 17   GLN B OE1 1 
ATOM   525 N NE2 . GLN B 1 17 ? 11.039  -14.752 -9.915  1.00 69.96 ? 17   GLN B NE2 1 
ATOM   526 N N   . PRO B 1 18 ? 11.507  -9.604  -7.548  1.00 61.23 ? 18   PRO B N   1 
ATOM   527 C CA  . PRO B 1 18 ? 11.634  -8.296  -6.901  1.00 61.32 ? 18   PRO B CA  1 
ATOM   528 C C   . PRO B 1 18 ? 11.456  -7.133  -7.862  1.00 60.47 ? 18   PRO B C   1 
ATOM   529 O O   . PRO B 1 18 ? 11.797  -7.222  -9.043  1.00 59.84 ? 18   PRO B O   1 
ATOM   530 C CB  . PRO B 1 18 ? 13.037  -8.343  -6.304  1.00 61.78 ? 18   PRO B CB  1 
ATOM   531 C CG  . PRO B 1 18 ? 13.219  -9.795  -6.004  1.00 62.13 ? 18   PRO B CG  1 
ATOM   532 C CD  . PRO B 1 18 ? 12.690  -10.434 -7.262  1.00 61.96 ? 18   PRO B CD  1 
ATOM   533 N N   . VAL B 1 19 ? 10.915  -6.039  -7.344  1.00 60.47 ? 19   VAL B N   1 
ATOM   534 C CA  . VAL B 1 19 ? 10.685  -4.851  -8.141  1.00 61.04 ? 19   VAL B CA  1 
ATOM   535 C C   . VAL B 1 19 ? 11.805  -3.841  -7.931  1.00 62.09 ? 19   VAL B C   1 
ATOM   536 O O   . VAL B 1 19 ? 12.338  -3.705  -6.829  1.00 61.08 ? 19   VAL B O   1 
ATOM   537 C CB  . VAL B 1 19 ? 9.333   -4.191  -7.762  1.00 61.49 ? 19   VAL B CB  1 
ATOM   538 C CG1 . VAL B 1 19 ? 9.168   -2.867  -8.484  1.00 60.29 ? 19   VAL B CG1 1 
ATOM   539 C CG2 . VAL B 1 19 ? 8.189   -5.131  -8.108  1.00 61.38 ? 19   VAL B CG2 1 
ATOM   540 N N   . ASN B 1 20 ? 12.174  -3.145  -8.998  1.00 63.14 ? 20   ASN B N   1 
ATOM   541 C CA  . ASN B 1 20 ? 13.206  -2.129  -8.893  1.00 65.21 ? 20   ASN B CA  1 
ATOM   542 C C   . ASN B 1 20 ? 12.544  -0.948  -8.188  1.00 65.64 ? 20   ASN B C   1 
ATOM   543 O O   . ASN B 1 20 ? 11.725  -0.243  -8.780  1.00 65.11 ? 20   ASN B O   1 
ATOM   544 C CB  . ASN B 1 20 ? 13.689  -1.715  -10.284 1.00 66.78 ? 20   ASN B CB  1 
ATOM   545 C CG  . ASN B 1 20 ? 14.707  -0.597  -10.233 1.00 68.23 ? 20   ASN B CG  1 
ATOM   546 O OD1 . ASN B 1 20 ? 15.722  -0.701  -9.546  1.00 69.43 ? 20   ASN B OD1 1 
ATOM   547 N ND2 . ASN B 1 20 ? 14.442  0.481   -10.960 1.00 69.27 ? 20   ASN B ND2 1 
ATOM   548 N N   . PRO B 1 21 ? 12.886  -0.722  -6.908  1.00 65.79 ? 21   PRO B N   1 
ATOM   549 C CA  . PRO B 1 21 ? 12.306  0.380   -6.133  1.00 65.75 ? 21   PRO B CA  1 
ATOM   550 C C   . PRO B 1 21 ? 12.259  1.723   -6.851  1.00 64.92 ? 21   PRO B C   1 
ATOM   551 O O   . PRO B 1 21 ? 11.417  2.564   -6.541  1.00 65.03 ? 21   PRO B O   1 
ATOM   552 C CB  . PRO B 1 21 ? 13.171  0.411   -4.867  1.00 66.52 ? 21   PRO B CB  1 
ATOM   553 C CG  . PRO B 1 21 ? 14.463  -0.222  -5.303  1.00 66.65 ? 21   PRO B CG  1 
ATOM   554 C CD  . PRO B 1 21 ? 13.984  -1.356  -6.161  1.00 65.65 ? 21   PRO B CD  1 
ATOM   555 N N   . ARG B 1 22 ? 13.151  1.921   -7.816  1.00 63.90 ? 22   ARG B N   1 
ATOM   556 C CA  . ARG B 1 22 ? 13.189  3.174   -8.563  1.00 63.31 ? 22   ARG B CA  1 
ATOM   557 C C   . ARG B 1 22 ? 12.070  3.225   -9.600  1.00 60.40 ? 22   ARG B C   1 
ATOM   558 O O   . ARG B 1 22 ? 11.595  4.301   -9.966  1.00 59.41 ? 22   ARG B O   1 
ATOM   559 C CB  . ARG B 1 22 ? 14.540  3.333   -9.271  1.00 66.12 ? 22   ARG B CB  1 
ATOM   560 C CG  . ARG B 1 22 ? 15.735  2.863   -8.451  1.00 71.29 ? 22   ARG B CG  1 
ATOM   561 C CD  . ARG B 1 22 ? 16.821  3.925   -8.345  1.00 74.63 ? 22   ARG B CD  1 
ATOM   562 N NE  . ARG B 1 22 ? 16.388  5.074   -7.553  1.00 78.22 ? 22   ARG B NE  1 
ATOM   563 C CZ  . ARG B 1 22 ? 17.186  6.073   -7.185  1.00 79.77 ? 22   ARG B CZ  1 
ATOM   564 N NH1 . ARG B 1 22 ? 18.465  6.070   -7.537  1.00 81.40 ? 22   ARG B NH1 1 
ATOM   565 N NH2 . ARG B 1 22 ? 16.706  7.078   -6.462  1.00 80.40 ? 22   ARG B NH2 1 
ATOM   566 N N   . SER B 1 23 ? 11.650  2.056   -10.071 1.00 57.54 ? 23   SER B N   1 
ATOM   567 C CA  . SER B 1 23 ? 10.597  1.976   -11.079 1.00 53.83 ? 23   SER B CA  1 
ATOM   568 C C   . SER B 1 23 ? 9.209   1.973   -10.448 1.00 51.56 ? 23   SER B C   1 
ATOM   569 O O   . SER B 1 23 ? 8.201   2.030   -11.153 1.00 48.74 ? 23   SER B O   1 
ATOM   570 C CB  . SER B 1 23 ? 10.777  0.709   -11.921 1.00 55.38 ? 23   SER B CB  1 
ATOM   571 O OG  . SER B 1 23 ? 12.064  0.672   -12.521 1.00 57.57 ? 23   SER B OG  1 
ATOM   572 N N   . LEU B 1 24 ? 9.171   1.922   -9.120  1.00 49.81 ? 24   LEU B N   1 
ATOM   573 C CA  . LEU B 1 24 ? 7.918   1.883   -8.371  1.00 50.51 ? 24   LEU B CA  1 
ATOM   574 C C   . LEU B 1 24 ? 7.238   3.246   -8.244  1.00 48.98 ? 24   LEU B C   1 
ATOM   575 O O   . LEU B 1 24 ? 7.817   4.204   -7.729  1.00 48.96 ? 24   LEU B O   1 
ATOM   576 C CB  . LEU B 1 24 ? 8.180   1.289   -6.975  1.00 50.95 ? 24   LEU B CB  1 
ATOM   577 C CG  . LEU B 1 24 ? 7.032   0.842   -6.057  1.00 52.62 ? 24   LEU B CG  1 
ATOM   578 C CD1 . LEU B 1 24 ? 6.266   2.043   -5.560  1.00 54.07 ? 24   LEU B CD1 1 
ATOM   579 C CD2 . LEU B 1 24 ? 6.104   -0.115  -6.804  1.00 51.54 ? 24   LEU B CD2 1 
ATOM   580 N N   . GLU B 1 25 ? 6.003   3.325   -8.730  1.00 48.08 ? 25   GLU B N   1 
ATOM   581 C CA  . GLU B 1 25 ? 5.221   4.553   -8.652  1.00 46.67 ? 25   GLU B CA  1 
ATOM   582 C C   . GLU B 1 25 ? 4.473   4.478   -7.319  1.00 44.85 ? 25   GLU B C   1 
ATOM   583 O O   . GLU B 1 25 ? 4.419   5.443   -6.564  1.00 42.98 ? 25   GLU B O   1 
ATOM   584 C CB  . GLU B 1 25 ? 4.215   4.623   -9.800  1.00 50.40 ? 25   GLU B CB  1 
ATOM   585 C CG  . GLU B 1 25 ? 4.204   5.935   -10.542 1.00 56.41 ? 25   GLU B CG  1 
ATOM   586 C CD  . GLU B 1 25 ? 4.231   7.131   -9.615  1.00 61.13 ? 25   GLU B CD  1 
ATOM   587 O OE1 . GLU B 1 25 ? 3.285   7.289   -8.806  1.00 63.89 ? 25   GLU B OE1 1 
ATOM   588 O OE2 . GLU B 1 25 ? 5.206   7.911   -9.699  1.00 62.62 ? 25   GLU B OE2 1 
ATOM   589 N N   . LYS B 1 26 ? 3.891   3.315   -7.048  1.00 43.20 ? 26   LYS B N   1 
ATOM   590 C CA  . LYS B 1 26 ? 3.168   3.096   -5.805  1.00 42.51 ? 26   LYS B CA  1 
ATOM   591 C C   . LYS B 1 26 ? 2.912   1.619   -5.578  1.00 42.27 ? 26   LYS B C   1 
ATOM   592 O O   . LYS B 1 26 ? 2.943   0.805   -6.507  1.00 36.85 ? 26   LYS B O   1 
ATOM   593 C CB  . LYS B 1 26 ? 1.831   3.843   -5.809  1.00 44.05 ? 26   LYS B CB  1 
ATOM   594 C CG  . LYS B 1 26 ? 0.772   3.203   -6.656  1.00 45.50 ? 26   LYS B CG  1 
ATOM   595 C CD  . LYS B 1 26 ? -0.584  3.817   -6.380  1.00 50.41 ? 26   LYS B CD  1 
ATOM   596 C CE  . LYS B 1 26 ? -1.679  3.028   -7.057  1.00 51.12 ? 26   LYS B CE  1 
ATOM   597 N NZ  . LYS B 1 26 ? -3.000  3.707   -6.934  1.00 56.14 ? 26   LYS B NZ  1 
ATOM   598 N N   . LEU B 1 27 ? 2.639   1.294   -4.324  1.00 38.59 ? 27   LEU B N   1 
ATOM   599 C CA  . LEU B 1 27 ? 2.370   -0.060  -3.892  1.00 39.33 ? 27   LEU B CA  1 
ATOM   600 C C   . LEU B 1 27 ? 1.016   -0.025  -3.180  1.00 39.53 ? 27   LEU B C   1 
ATOM   601 O O   . LEU B 1 27 ? 0.794   0.837   -2.332  1.00 38.59 ? 27   LEU B O   1 
ATOM   602 C CB  . LEU B 1 27 ? 3.456   -0.492  -2.901  1.00 40.01 ? 27   LEU B CB  1 
ATOM   603 C CG  . LEU B 1 27 ? 3.510   -1.938  -2.421  1.00 42.40 ? 27   LEU B CG  1 
ATOM   604 C CD1 . LEU B 1 27 ? 3.895   -2.852  -3.589  1.00 41.70 ? 27   LEU B CD1 1 
ATOM   605 C CD2 . LEU B 1 27 ? 4.540   -2.053  -1.298  1.00 44.36 ? 27   LEU B CD2 1 
ATOM   606 N N   . GLU B 1 28 ? 0.117   -0.933  -3.544  1.00 39.72 ? 28   GLU B N   1 
ATOM   607 C CA  . GLU B 1 28 ? -1.191  -1.011  -2.906  1.00 37.93 ? 28   GLU B CA  1 
ATOM   608 C C   . GLU B 1 28 ? -1.281  -2.317  -2.134  1.00 38.87 ? 28   GLU B C   1 
ATOM   609 O O   . GLU B 1 28 ? -0.911  -3.395  -2.631  1.00 36.20 ? 28   GLU B O   1 
ATOM   610 C CB  . GLU B 1 28 ? -2.316  -0.955  -3.939  1.00 39.75 ? 28   GLU B CB  1 
ATOM   611 C CG  . GLU B 1 28 ? -2.280  0.277   -4.821  1.00 45.10 ? 28   GLU B CG  1 
ATOM   612 C CD  . GLU B 1 28 ? -3.338  0.244   -5.905  1.00 49.98 ? 28   GLU B CD  1 
ATOM   613 O OE1 . GLU B 1 28 ? -3.129  -0.465  -6.909  1.00 50.37 ? 28   GLU B OE1 1 
ATOM   614 O OE2 . GLU B 1 28 ? -4.384  0.919   -5.749  1.00 54.03 ? 28   GLU B OE2 1 
ATOM   615 N N   . ILE B 1 29 ? -1.756  -2.216  -0.900  1.00 37.63 ? 29   ILE B N   1 
ATOM   616 C CA  . ILE B 1 29 ? -1.914  -3.386  -0.059  1.00 40.05 ? 29   ILE B CA  1 
ATOM   617 C C   . ILE B 1 29 ? -3.396  -3.474  0.252   1.00 41.65 ? 29   ILE B C   1 
ATOM   618 O O   . ILE B 1 29 ? -3.971  -2.543  0.812   1.00 39.40 ? 29   ILE B O   1 
ATOM   619 C CB  . ILE B 1 29 ? -1.117  -3.255  1.250   1.00 41.64 ? 29   ILE B CB  1 
ATOM   620 C CG1 . ILE B 1 29 ? 0.378   -3.142  0.928   1.00 44.04 ? 29   ILE B CG1 1 
ATOM   621 C CG2 . ILE B 1 29 ? -1.378  -4.463  2.133   1.00 40.41 ? 29   ILE B CG2 1 
ATOM   622 C CD1 . ILE B 1 29 ? 1.269   -2.993  2.160   1.00 47.11 ? 29   ILE B CD1 1 
ATOM   623 N N   . ILE B 1 30 ? -4.005  -4.589  -0.137  1.00 41.05 ? 30   ILE B N   1 
ATOM   624 C CA  . ILE B 1 30 ? -5.428  -4.800  0.061   1.00 42.23 ? 30   ILE B CA  1 
ATOM   625 C C   . ILE B 1 30 ? -5.692  -5.985  0.979   1.00 41.26 ? 30   ILE B C   1 
ATOM   626 O O   . ILE B 1 30 ? -5.658  -7.138  0.553   1.00 41.36 ? 30   ILE B O   1 
ATOM   627 C CB  . ILE B 1 30 ? -6.117  -5.051  -1.282  1.00 43.75 ? 30   ILE B CB  1 
ATOM   628 C CG1 . ILE B 1 30 ? -5.690  -3.976  -2.281  1.00 43.67 ? 30   ILE B CG1 1 
ATOM   629 C CG2 . ILE B 1 30 ? -7.633  -5.051  -1.101  1.00 44.14 ? 30   ILE B CG2 1 
ATOM   630 C CD1 . ILE B 1 30 ? -6.308  -4.156  -3.646  1.00 46.49 ? 30   ILE B CD1 1 
ATOM   631 N N   . PRO B 1 31 ? -5.979  -5.717  2.261   1.00 43.19 ? 31   PRO B N   1 
ATOM   632 C CA  . PRO B 1 31 ? -6.234  -6.837  3.169   1.00 42.63 ? 31   PRO B CA  1 
ATOM   633 C C   . PRO B 1 31 ? -7.391  -7.728  2.751   1.00 42.39 ? 31   PRO B C   1 
ATOM   634 O O   . PRO B 1 31 ? -8.306  -7.298  2.039   1.00 42.02 ? 31   PRO B O   1 
ATOM   635 C CB  . PRO B 1 31 ? -6.458  -6.151  4.525   1.00 44.19 ? 31   PRO B CB  1 
ATOM   636 C CG  . PRO B 1 31 ? -6.904  -4.781  4.171   1.00 44.93 ? 31   PRO B CG  1 
ATOM   637 C CD  . PRO B 1 31 ? -6.063  -4.427  2.964   1.00 44.22 ? 31   PRO B CD  1 
ATOM   638 N N   . ALA B 1 32 ? -7.334  -8.979  3.194   1.00 44.30 ? 32   ALA B N   1 
ATOM   639 C CA  . ALA B 1 32 ? -8.370  -9.962  2.901   1.00 48.88 ? 32   ALA B CA  1 
ATOM   640 C C   . ALA B 1 32 ? -9.744  -9.423  3.285   1.00 50.53 ? 32   ALA B C   1 
ATOM   641 O O   . ALA B 1 32 ? -9.875  -8.622  4.212   1.00 50.50 ? 32   ALA B O   1 
ATOM   642 C CB  . ALA B 1 32 ? -8.090  -11.254 3.659   1.00 50.12 ? 32   ALA B CB  1 
ATOM   643 N N   . SER B 1 33 ? -10.764 -9.857  2.557   1.00 52.77 ? 33   SER B N   1 
ATOM   644 C CA  . SER B 1 33 ? -12.124 -9.432  2.831   1.00 56.25 ? 33   SER B CA  1 
ATOM   645 C C   . SER B 1 33 ? -13.052 -10.602 2.544   1.00 57.85 ? 33   SER B C   1 
ATOM   646 O O   . SER B 1 33 ? -12.597 -11.714 2.277   1.00 56.39 ? 33   SER B O   1 
ATOM   647 C CB  . SER B 1 33 ? -12.506 -8.241  1.948   1.00 56.14 ? 33   SER B CB  1 
ATOM   648 O OG  . SER B 1 33 ? -12.611 -8.625  0.589   1.00 58.33 ? 33   SER B OG  1 
ATOM   649 N N   . GLN B 1 34 ? -14.353 -10.351 2.601   1.00 60.36 ? 34   GLN B N   1 
ATOM   650 C CA  . GLN B 1 34 ? -15.324 -11.401 2.339   1.00 62.62 ? 34   GLN B CA  1 
ATOM   651 C C   . GLN B 1 34 ? -15.415 -11.633 0.838   1.00 62.60 ? 34   GLN B C   1 
ATOM   652 O O   . GLN B 1 34 ? -16.121 -12.530 0.377   1.00 63.43 ? 34   GLN B O   1 
ATOM   653 C CB  . GLN B 1 34 ? -16.685 -11.006 2.911   1.00 64.96 ? 34   GLN B CB  1 
ATOM   654 C CG  . GLN B 1 34 ? -17.179 -9.656  2.442   1.00 67.00 ? 34   GLN B CG  1 
ATOM   655 C CD  . GLN B 1 34 ? -18.305 -9.119  3.303   1.00 69.04 ? 34   GLN B CD  1 
ATOM   656 O OE1 . GLN B 1 34 ? -18.890 -8.081  2.997   1.00 69.54 ? 34   GLN B OE1 1 
ATOM   657 N NE2 . GLN B 1 34 ? -18.608 -9.820  4.394   1.00 69.23 ? 34   GLN B NE2 1 
ATOM   658 N N   . PHE B 1 35 ? -14.684 -10.819 0.080   1.00 62.59 ? 35   PHE B N   1 
ATOM   659 C CA  . PHE B 1 35 ? -14.672 -10.940 -1.372  1.00 61.74 ? 35   PHE B CA  1 
ATOM   660 C C   . PHE B 1 35 ? -13.375 -11.605 -1.851  1.00 58.90 ? 35   PHE B C   1 
ATOM   661 O O   . PHE B 1 35 ? -13.337 -12.215 -2.921  1.00 58.59 ? 35   PHE B O   1 
ATOM   662 C CB  . PHE B 1 35 ? -14.852 -9.560  -2.018  1.00 64.72 ? 35   PHE B CB  1 
ATOM   663 C CG  . PHE B 1 35 ? -16.101 -8.846  -1.575  1.00 68.60 ? 35   PHE B CG  1 
ATOM   664 C CD1 . PHE B 1 35 ? -16.101 -8.056  -0.427  1.00 69.88 ? 35   PHE B CD1 1 
ATOM   665 C CD2 . PHE B 1 35 ? -17.293 -8.996  -2.283  1.00 70.63 ? 35   PHE B CD2 1 
ATOM   666 C CE1 . PHE B 1 35 ? -17.271 -7.424  0.012   1.00 71.26 ? 35   PHE B CE1 1 
ATOM   667 C CE2 . PHE B 1 35 ? -18.470 -8.369  -1.855  1.00 71.53 ? 35   PHE B CE2 1 
ATOM   668 C CZ  . PHE B 1 35 ? -18.457 -7.582  -0.703  1.00 71.52 ? 35   PHE B CZ  1 
ATOM   669 N N   . CYS B 1 36 ? -12.321 -11.495 -1.050  1.00 55.28 ? 36   CYS B N   1 
ATOM   670 C CA  . CYS B 1 36 ? -11.040 -12.115 -1.389  1.00 53.27 ? 36   CYS B CA  1 
ATOM   671 C C   . CYS B 1 36 ? -10.364 -12.564 -0.094  1.00 52.87 ? 36   CYS B C   1 
ATOM   672 O O   . CYS B 1 36 ? -9.980  -11.740 0.733   1.00 52.47 ? 36   CYS B O   1 
ATOM   673 C CB  . CYS B 1 36 ? -10.147 -11.134 -2.169  1.00 51.10 ? 36   CYS B CB  1 
ATOM   674 S SG  . CYS B 1 36 ? -8.573  -11.890 -2.697  1.00 46.12 ? 36   CYS B SG  1 
ATOM   675 N N   . PRO B 1 37 ? -10.205 -13.890 0.090   1.00 52.64 ? 37   PRO B N   1 
ATOM   676 C CA  . PRO B 1 37 ? -9.594  -14.501 1.275   1.00 53.01 ? 37   PRO B CA  1 
ATOM   677 C C   . PRO B 1 37 ? -8.128  -14.219 1.570   1.00 53.86 ? 37   PRO B C   1 
ATOM   678 O O   . PRO B 1 37 ? -7.629  -14.593 2.629   1.00 55.15 ? 37   PRO B O   1 
ATOM   679 C CB  . PRO B 1 37 ? -9.872  -15.989 1.074   1.00 53.43 ? 37   PRO B CB  1 
ATOM   680 C CG  . PRO B 1 37 ? -9.819  -16.133 -0.401  1.00 52.85 ? 37   PRO B CG  1 
ATOM   681 C CD  . PRO B 1 37 ? -10.615 -14.932 -0.869  1.00 52.71 ? 37   PRO B CD  1 
ATOM   682 N N   . ARG B 1 38 ? -7.428  -13.567 0.651   1.00 52.51 ? 38   ARG B N   1 
ATOM   683 C CA  . ARG B 1 38 ? -6.028  -13.268 0.902   1.00 51.01 ? 38   ARG B CA  1 
ATOM   684 C C   . ARG B 1 38 ? -5.696  -11.802 0.672   1.00 48.56 ? 38   ARG B C   1 
ATOM   685 O O   . ARG B 1 38 ? -6.455  -11.070 0.041   1.00 48.04 ? 38   ARG B O   1 
ATOM   686 C CB  . ARG B 1 38 ? -5.137  -14.170 0.040   1.00 53.03 ? 38   ARG B CB  1 
ATOM   687 C CG  . ARG B 1 38 ? -5.611  -14.318 -1.385  1.00 57.26 ? 38   ARG B CG  1 
ATOM   688 C CD  . ARG B 1 38 ? -4.814  -15.368 -2.150  1.00 58.80 ? 38   ARG B CD  1 
ATOM   689 N NE  . ARG B 1 38 ? -5.170  -15.334 -3.564  1.00 61.36 ? 38   ARG B NE  1 
ATOM   690 C CZ  . ARG B 1 38 ? -6.308  -15.801 -4.060  1.00 61.79 ? 38   ARG B CZ  1 
ATOM   691 N NH1 . ARG B 1 38 ? -7.209  -16.357 -3.256  1.00 63.98 ? 38   ARG B NH1 1 
ATOM   692 N NH2 . ARG B 1 38 ? -6.560  -15.684 -5.358  1.00 64.91 ? 38   ARG B NH2 1 
ATOM   693 N N   . VAL B 1 39 ? -4.573  -11.374 1.236   1.00 45.86 ? 39   VAL B N   1 
ATOM   694 C CA  . VAL B 1 39 ? -4.101  -10.011 1.086   1.00 44.42 ? 39   VAL B CA  1 
ATOM   695 C C   . VAL B 1 39 ? -3.519  -9.952  -0.324  1.00 43.35 ? 39   VAL B C   1 
ATOM   696 O O   . VAL B 1 39 ? -2.844  -10.884 -0.753  1.00 42.13 ? 39   VAL B O   1 
ATOM   697 C CB  . VAL B 1 39 ? -2.968  -9.688  2.098   1.00 45.11 ? 39   VAL B CB  1 
ATOM   698 C CG1 . VAL B 1 39 ? -2.458  -8.274  1.887   1.00 45.07 ? 39   VAL B CG1 1 
ATOM   699 C CG2 . VAL B 1 39 ? -3.477  -9.853  3.516   1.00 47.31 ? 39   VAL B CG2 1 
ATOM   700 N N   . GLU B 1 40 ? -3.813  -8.884  -1.052  1.00 41.59 ? 40   GLU B N   1 
ATOM   701 C CA  . GLU B 1 40 ? -3.266  -8.731  -2.397  1.00 40.21 ? 40   GLU B CA  1 
ATOM   702 C C   . GLU B 1 40 ? -2.371  -7.507  -2.403  1.00 39.14 ? 40   GLU B C   1 
ATOM   703 O O   . GLU B 1 40 ? -2.722  -6.463  -1.846  1.00 37.46 ? 40   GLU B O   1 
ATOM   704 C CB  . GLU B 1 40 ? -4.392  -8.599  -3.419  1.00 39.23 ? 40   GLU B CB  1 
ATOM   705 C CG  . GLU B 1 40 ? -5.235  -9.858  -3.492  1.00 41.98 ? 40   GLU B CG  1 
ATOM   706 C CD  . GLU B 1 40 ? -6.024  -9.969  -4.768  1.00 42.43 ? 40   GLU B CD  1 
ATOM   707 O OE1 . GLU B 1 40 ? -6.928  -9.141  -4.983  1.00 43.42 ? 40   GLU B OE1 1 
ATOM   708 O OE2 . GLU B 1 40 ? -5.731  -10.890 -5.562  1.00 47.66 ? 40   GLU B OE2 1 
ATOM   709 N N   . ILE B 1 41 ? -1.198  -7.645  -3.015  1.00 38.09 ? 41   ILE B N   1 
ATOM   710 C CA  . ILE B 1 41 ? -0.233  -6.554  -3.079  1.00 37.34 ? 41   ILE B CA  1 
ATOM   711 C C   . ILE B 1 41 ? 0.067   -6.263  -4.534  1.00 36.83 ? 41   ILE B C   1 
ATOM   712 O O   . ILE B 1 41 ? 0.447   -7.161  -5.284  1.00 36.56 ? 41   ILE B O   1 
ATOM   713 C CB  . ILE B 1 41 ? 1.078   -6.933  -2.351  1.00 38.83 ? 41   ILE B CB  1 
ATOM   714 C CG1 . ILE B 1 41 ? 0.772   -7.260  -0.886  1.00 41.18 ? 41   ILE B CG1 1 
ATOM   715 C CG2 . ILE B 1 41 ? 2.073   -5.798  -2.451  1.00 36.39 ? 41   ILE B CG2 1 
ATOM   716 C CD1 . ILE B 1 41 ? 1.992   -7.680  -0.080  1.00 45.45 ? 41   ILE B CD1 1 
ATOM   717 N N   . ILE B 1 42 ? -0.110  -5.009  -4.931  1.00 37.23 ? 42   ILE B N   1 
ATOM   718 C CA  . ILE B 1 42 ? 0.103   -4.622  -6.319  1.00 36.91 ? 42   ILE B CA  1 
ATOM   719 C C   . ILE B 1 42 ? 1.022   -3.436  -6.478  1.00 34.66 ? 42   ILE B C   1 
ATOM   720 O O   . ILE B 1 42 ? 0.794   -2.358  -5.926  1.00 34.36 ? 42   ILE B O   1 
ATOM   721 C CB  . ILE B 1 42 ? -1.249  -4.298  -7.022  1.00 39.10 ? 42   ILE B CB  1 
ATOM   722 C CG1 . ILE B 1 42 ? -2.153  -5.531  -6.969  1.00 39.86 ? 42   ILE B CG1 1 
ATOM   723 C CG2 . ILE B 1 42 ? -1.000  -3.863  -8.479  1.00 38.00 ? 42   ILE B CG2 1 
ATOM   724 C CD1 . ILE B 1 42 ? -3.488  -5.362  -7.653  1.00 42.37 ? 42   ILE B CD1 1 
ATOM   725 N N   . ALA B 1 43 ? 2.087   -3.630  -7.247  1.00 34.54 ? 43   ALA B N   1 
ATOM   726 C CA  . ALA B 1 43 ? 3.005   -2.541  -7.468  1.00 33.58 ? 43   ALA B CA  1 
ATOM   727 C C   . ALA B 1 43 ? 2.679   -1.916  -8.815  1.00 33.98 ? 43   ALA B C   1 
ATOM   728 O O   . ALA B 1 43 ? 2.445   -2.631  -9.783  1.00 34.39 ? 43   ALA B O   1 
ATOM   729 C CB  . ALA B 1 43 ? 4.437   -3.054  -7.461  1.00 35.55 ? 43   ALA B CB  1 
ATOM   730 N N   . THR B 1 44 ? 2.630   -0.591  -8.867  1.00 34.40 ? 44   THR B N   1 
ATOM   731 C CA  . THR B 1 44 ? 2.388   0.094   -10.130 1.00 35.93 ? 44   THR B CA  1 
ATOM   732 C C   . THR B 1 44 ? 3.701   0.772   -10.488 1.00 35.10 ? 44   THR B C   1 
ATOM   733 O O   . THR B 1 44 ? 4.248   1.526   -9.690  1.00 34.89 ? 44   THR B O   1 
ATOM   734 C CB  . THR B 1 44 ? 1.265   1.150   -10.032 1.00 33.69 ? 44   THR B CB  1 
ATOM   735 O OG1 . THR B 1 44 ? 0.033   0.497   -9.701  1.00 33.71 ? 44   THR B OG1 1 
ATOM   736 C CG2 . THR B 1 44 ? 1.099   1.864   -11.381 1.00 31.74 ? 44   THR B CG2 1 
ATOM   737 N N   . MET B 1 45 ? 4.209   0.456   -11.678 1.00 38.86 ? 45   MET B N   1 
ATOM   738 C CA  . MET B 1 45 ? 5.472   1.001   -12.173 1.00 38.71 ? 45   MET B CA  1 
ATOM   739 C C   . MET B 1 45 ? 5.266   2.368   -12.800 1.00 39.99 ? 45   MET B C   1 
ATOM   740 O O   . MET B 1 45 ? 4.132   2.773   -13.076 1.00 38.26 ? 45   MET B O   1 
ATOM   741 C CB  . MET B 1 45 ? 6.078   0.058   -13.218 1.00 42.20 ? 45   MET B CB  1 
ATOM   742 C CG  . MET B 1 45 ? 6.041   -1.400  -12.816 1.00 45.78 ? 45   MET B CG  1 
ATOM   743 S SD  . MET B 1 45 ? 6.717   -1.701  -11.170 1.00 50.78 ? 45   MET B SD  1 
ATOM   744 C CE  . MET B 1 45 ? 6.671   -3.500  -11.139 1.00 50.34 ? 45   MET B CE  1 
ATOM   745 N N   . LYS B 1 46 ? 6.370   3.069   -13.049 1.00 40.70 ? 46   LYS B N   1 
ATOM   746 C CA  . LYS B 1 46 ? 6.311   4.403   -13.635 1.00 42.59 ? 46   LYS B CA  1 
ATOM   747 C C   . LYS B 1 46 ? 6.106   4.365   -15.141 1.00 41.78 ? 46   LYS B C   1 
ATOM   748 O O   . LYS B 1 46 ? 5.588   5.313   -15.727 1.00 41.47 ? 46   LYS B O   1 
ATOM   749 C CB  . LYS B 1 46 ? 7.600   5.179   -13.332 1.00 45.54 ? 46   LYS B CB  1 
ATOM   750 C CG  . LYS B 1 46 ? 7.864   5.432   -11.853 1.00 50.48 ? 46   LYS B CG  1 
ATOM   751 C CD  . LYS B 1 46 ? 9.188   6.167   -11.658 1.00 54.16 ? 46   LYS B CD  1 
ATOM   752 C CE  . LYS B 1 46 ? 9.481   6.427   -10.190 1.00 56.40 ? 46   LYS B CE  1 
ATOM   753 N NZ  . LYS B 1 46 ? 8.445   7.284   -9.551  1.00 59.58 ? 46   LYS B NZ  1 
ATOM   754 N N   . LYS B 1 47 ? 6.501   3.271   -15.776 1.00 40.59 ? 47   LYS B N   1 
ATOM   755 C CA  . LYS B 1 47 ? 6.371   3.205   -17.229 1.00 42.37 ? 47   LYS B CA  1 
ATOM   756 C C   . LYS B 1 47 ? 5.840   1.899   -17.777 1.00 40.51 ? 47   LYS B C   1 
ATOM   757 O O   . LYS B 1 47 ? 5.685   0.921   -17.044 1.00 42.30 ? 47   LYS B O   1 
ATOM   758 C CB  . LYS B 1 47 ? 7.730   3.509   -17.870 1.00 44.24 ? 47   LYS B CB  1 
ATOM   759 C CG  . LYS B 1 47 ? 8.283   4.882   -17.497 1.00 48.99 ? 47   LYS B CG  1 
ATOM   760 C CD  . LYS B 1 47 ? 9.691   5.106   -18.025 1.00 52.62 ? 47   LYS B CD  1 
ATOM   761 C CE  . LYS B 1 47 ? 10.196  6.494   -17.654 1.00 54.91 ? 47   LYS B CE  1 
ATOM   762 N NZ  . LYS B 1 47 ? 11.582  6.752   -18.149 1.00 58.96 ? 47   LYS B NZ  1 
ATOM   763 N N   . LYS B 1 48 ? 5.543   1.909   -19.074 1.00 40.01 ? 48   LYS B N   1 
ATOM   764 C CA  . LYS B 1 48 ? 5.050   0.741   -19.795 1.00 40.34 ? 48   LYS B CA  1 
ATOM   765 C C   . LYS B 1 48 ? 3.685   0.213   -19.341 1.00 38.30 ? 48   LYS B C   1 
ATOM   766 O O   . LYS B 1 48 ? 3.294   -0.891  -19.705 1.00 36.02 ? 48   LYS B O   1 
ATOM   767 C CB  . LYS B 1 48 ? 6.089   -0.380  -19.715 1.00 44.60 ? 48   LYS B CB  1 
ATOM   768 C CG  . LYS B 1 48 ? 7.428   -0.031  -20.358 1.00 48.12 ? 48   LYS B CG  1 
ATOM   769 C CD  . LYS B 1 48 ? 8.369   -1.222  -20.314 1.00 51.10 ? 48   LYS B CD  1 
ATOM   770 C CE  . LYS B 1 48 ? 9.339   -1.199  -21.486 1.00 55.14 ? 48   LYS B CE  1 
ATOM   771 N NZ  . LYS B 1 48 ? 10.105  -2.484  -21.597 1.00 57.37 ? 48   LYS B NZ  1 
ATOM   772 N N   . GLY B 1 49 ? 2.963   1.007   -18.562 1.00 37.37 ? 49   GLY B N   1 
ATOM   773 C CA  . GLY B 1 49 ? 1.659   0.573   -18.082 1.00 35.01 ? 49   GLY B CA  1 
ATOM   774 C C   . GLY B 1 49 ? 1.762   -0.681  -17.233 1.00 33.69 ? 49   GLY B C   1 
ATOM   775 O O   . GLY B 1 49 ? 0.764   -1.357  -16.988 1.00 33.12 ? 49   GLY B O   1 
ATOM   776 N N   . GLU B 1 50 ? 2.970   -0.984  -16.765 1.00 31.64 ? 50   GLU B N   1 
ATOM   777 C CA  . GLU B 1 50 ? 3.201   -2.187  -15.976 1.00 28.88 ? 50   GLU B CA  1 
ATOM   778 C C   . GLU B 1 50 ? 2.734   -2.133  -14.529 1.00 23.93 ? 50   GLU B C   1 
ATOM   779 O O   . GLU B 1 50 ? 2.945   -1.146  -13.846 1.00 29.61 ? 50   GLU B O   1 
ATOM   780 C CB  . GLU B 1 50 ? 4.695   -2.553  -15.931 1.00 29.41 ? 50   GLU B CB  1 
ATOM   781 C CG  . GLU B 1 50 ? 4.904   -3.854  -15.163 1.00 32.51 ? 50   GLU B CG  1 
ATOM   782 C CD  . GLU B 1 50 ? 6.342   -4.369  -15.211 1.00 35.39 ? 50   GLU B CD  1 
ATOM   783 O OE1 . GLU B 1 50 ? 7.225   -3.600  -15.632 1.00 37.43 ? 50   GLU B OE1 1 
ATOM   784 O OE2 . GLU B 1 50 ? 6.564   -5.538  -14.818 1.00 34.82 ? 50   GLU B OE2 1 
ATOM   785 N N   . LYS B 1 51 ? 2.131   -3.235  -14.104 1.00 30.21 ? 51   LYS B N   1 
ATOM   786 C CA  . LYS B 1 51 ? 1.663   -3.441  -12.740 1.00 31.39 ? 51   LYS B CA  1 
ATOM   787 C C   . LYS B 1 51 ? 2.099   -4.862  -12.431 1.00 30.19 ? 51   LYS B C   1 
ATOM   788 O O   . LYS B 1 51 ? 2.257   -5.697  -13.329 1.00 29.56 ? 51   LYS B O   1 
ATOM   789 C CB  . LYS B 1 51 ? 0.127   -3.322  -12.642 1.00 30.99 ? 51   LYS B CB  1 
ATOM   790 C CG  . LYS B 1 51 ? -0.373  -1.879  -12.530 1.00 30.47 ? 51   LYS B CG  1 
ATOM   791 C CD  . LYS B 1 51 ? -1.905  -1.823  -12.568 1.00 35.09 ? 51   LYS B CD  1 
ATOM   792 C CE  . LYS B 1 51 ? -2.417  -0.394  -12.464 1.00 32.33 ? 51   LYS B CE  1 
ATOM   793 N NZ  . LYS B 1 51 ? -2.328  0.190   -11.093 1.00 36.42 ? 51   LYS B NZ  1 
ATOM   794 N N   . ARG B 1 52 ? 2.302   -5.158  -11.160 1.00 29.76 ? 52   ARG B N   1 
ATOM   795 C CA  . ARG B 1 52 ? 2.725   -6.483  -10.819 1.00 29.72 ? 52   ARG B CA  1 
ATOM   796 C C   . ARG B 1 52 ? 2.192   -6.861  -9.454  1.00 29.00 ? 52   ARG B C   1 
ATOM   797 O O   . ARG B 1 52 ? 2.388   -6.133  -8.499  1.00 32.33 ? 52   ARG B O   1 
ATOM   798 C CB  . ARG B 1 52 ? 4.254   -6.563  -10.818 1.00 30.85 ? 52   ARG B CB  1 
ATOM   799 C CG  . ARG B 1 52 ? 4.795   -7.971  -10.604 1.00 34.47 ? 52   ARG B CG  1 
ATOM   800 C CD  . ARG B 1 52 ? 6.315   -7.947  -10.591 1.00 38.70 ? 52   ARG B CD  1 
ATOM   801 N NE  . ARG B 1 52 ? 6.838   -7.311  -11.798 1.00 40.27 ? 52   ARG B NE  1 
ATOM   802 C CZ  . ARG B 1 52 ? 8.111   -6.967  -11.966 1.00 44.65 ? 52   ARG B CZ  1 
ATOM   803 N NH1 . ARG B 1 52 ? 8.993   -7.201  -11.001 1.00 44.06 ? 52   ARG B NH1 1 
ATOM   804 N NH2 . ARG B 1 52 ? 8.499   -6.377  -13.096 1.00 48.01 ? 52   ARG B NH2 1 
ATOM   805 N N   . CYS B 1 53 ? 1.501   -7.989  -9.405  1.00 27.52 ? 53   CYS B N   1 
ATOM   806 C CA  . CYS B 1 53 ? 0.949   -8.527  -8.170  1.00 32.63 ? 53   CYS B CA  1 
ATOM   807 C C   . CYS B 1 53 ? 2.142   -9.221  -7.509  1.00 34.40 ? 53   CYS B C   1 
ATOM   808 O O   . CYS B 1 53 ? 2.803   -10.033 -8.150  1.00 35.10 ? 53   CYS B O   1 
ATOM   809 C CB  . CYS B 1 53 ? -0.109  -9.572  -8.494  1.00 29.24 ? 53   CYS B CB  1 
ATOM   810 S SG  . CYS B 1 53 ? -1.706  -8.947  -9.116  1.00 35.67 ? 53   CYS B SG  1 
ATOM   811 N N   . LEU B 1 54 ? 2.392   -8.911  -6.245  1.00 37.08 ? 54   LEU B N   1 
ATOM   812 C CA  . LEU B 1 54 ? 3.520   -9.476  -5.518  1.00 40.50 ? 54   LEU B CA  1 
ATOM   813 C C   . LEU B 1 54 ? 3.115   -10.495 -4.462  1.00 43.92 ? 54   LEU B C   1 
ATOM   814 O O   . LEU B 1 54 ? 1.990   -10.468 -3.944  1.00 41.81 ? 54   LEU B O   1 
ATOM   815 C CB  . LEU B 1 54 ? 4.317   -8.350  -4.858  1.00 38.85 ? 54   LEU B CB  1 
ATOM   816 C CG  . LEU B 1 54 ? 4.711   -7.163  -5.738  1.00 40.07 ? 54   LEU B CG  1 
ATOM   817 C CD1 . LEU B 1 54 ? 5.435   -6.134  -4.875  1.00 39.30 ? 54   LEU B CD1 1 
ATOM   818 C CD2 . LEU B 1 54 ? 5.584   -7.628  -6.906  1.00 39.37 ? 54   LEU B CD2 1 
ATOM   819 N N   . ASN B 1 55 ? 4.048   -11.391 -4.144  1.00 45.49 ? 55   ASN B N   1 
ATOM   820 C CA  . ASN B 1 55 ? 3.808   -12.432 -3.152  1.00 49.63 ? 55   ASN B CA  1 
ATOM   821 C C   . ASN B 1 55 ? 3.886   -11.841 -1.752  1.00 52.19 ? 55   ASN B C   1 
ATOM   822 O O   . ASN B 1 55 ? 4.945   -11.392 -1.315  1.00 53.32 ? 55   ASN B O   1 
ATOM   823 C CB  . ASN B 1 55 ? 4.846   -13.553 -3.293  1.00 49.27 ? 55   ASN B CB  1 
ATOM   824 C CG  . ASN B 1 55 ? 4.448   -14.824 -2.549  1.00 49.05 ? 55   ASN B CG  1 
ATOM   825 O OD1 . ASN B 1 55 ? 3.570   -14.809 -1.678  1.00 46.18 ? 55   ASN B OD1 1 
ATOM   826 N ND2 . ASN B 1 55 ? 5.104   -15.933 -2.886  1.00 47.60 ? 55   ASN B ND2 1 
ATOM   827 N N   . PRO B 1 56 ? 2.757   -11.819 -1.033  1.00 55.35 ? 56   PRO B N   1 
ATOM   828 C CA  . PRO B 1 56 ? 2.762   -11.267 0.323   1.00 59.28 ? 56   PRO B CA  1 
ATOM   829 C C   . PRO B 1 56 ? 3.491   -12.210 1.274   1.00 63.74 ? 56   PRO B C   1 
ATOM   830 O O   . PRO B 1 56 ? 4.028   -11.787 2.300   1.00 64.29 ? 56   PRO B O   1 
ATOM   831 C CB  . PRO B 1 56 ? 1.276   -11.138 0.644   1.00 58.16 ? 56   PRO B CB  1 
ATOM   832 C CG  . PRO B 1 56 ? 0.681   -12.289 -0.105  1.00 57.19 ? 56   PRO B CG  1 
ATOM   833 C CD  . PRO B 1 56 ? 1.401   -12.234 -1.431  1.00 55.25 ? 56   PRO B CD  1 
ATOM   834 N N   . GLU B 1 57 ? 3.512   -13.491 0.912   1.00 67.89 ? 57   GLU B N   1 
ATOM   835 C CA  . GLU B 1 57 ? 4.176   -14.511 1.715   1.00 72.78 ? 57   GLU B CA  1 
ATOM   836 C C   . GLU B 1 57 ? 5.637   -14.576 1.296   1.00 75.06 ? 57   GLU B C   1 
ATOM   837 O O   . GLU B 1 57 ? 6.259   -15.639 1.306   1.00 76.06 ? 57   GLU B O   1 
ATOM   838 C CB  . GLU B 1 57 ? 3.513   -15.874 1.499   1.00 73.83 ? 57   GLU B CB  1 
ATOM   839 C CG  . GLU B 1 57 ? 1.986   -15.828 1.433   1.00 76.03 ? 57   GLU B CG  1 
ATOM   840 C CD  . GLU B 1 57 ? 1.366   -15.051 2.581   1.00 77.16 ? 57   GLU B CD  1 
ATOM   841 O OE1 . GLU B 1 57 ? 1.641   -15.388 3.752   1.00 78.84 ? 57   GLU B OE1 1 
ATOM   842 O OE2 . GLU B 1 57 ? 0.597   -14.104 2.311   1.00 77.27 ? 57   GLU B OE2 1 
ATOM   843 N N   . SER B 1 58 ? 6.172   -13.422 0.915   1.00 77.91 ? 58   SER B N   1 
ATOM   844 C CA  . SER B 1 58 ? 7.558   -13.313 0.490   1.00 80.47 ? 58   SER B CA  1 
ATOM   845 C C   . SER B 1 58 ? 8.242   -12.203 1.278   1.00 82.49 ? 58   SER B C   1 
ATOM   846 O O   . SER B 1 58 ? 7.873   -11.032 1.168   1.00 82.88 ? 58   SER B O   1 
ATOM   847 C CB  . SER B 1 58 ? 7.628   -13.005 -1.006  1.00 80.42 ? 58   SER B CB  1 
ATOM   848 O OG  . SER B 1 58 ? 8.967   -12.808 -1.422  1.00 81.80 ? 58   SER B OG  1 
ATOM   849 N N   . LYS B 1 59 ? 9.232   -12.576 2.081   1.00 84.40 ? 59   LYS B N   1 
ATOM   850 C CA  . LYS B 1 59 ? 9.965   -11.605 2.883   1.00 86.60 ? 59   LYS B CA  1 
ATOM   851 C C   . LYS B 1 59 ? 10.625  -10.586 1.960   1.00 87.34 ? 59   LYS B C   1 
ATOM   852 O O   . LYS B 1 59 ? 10.729  -9.405  2.295   1.00 86.92 ? 59   LYS B O   1 
ATOM   853 C CB  . LYS B 1 59 ? 11.033  -12.313 3.725   1.00 87.40 ? 59   LYS B CB  1 
ATOM   854 C CG  . LYS B 1 59 ? 10.509  -13.500 4.529   1.00 88.09 ? 59   LYS B CG  1 
ATOM   855 C CD  . LYS B 1 59 ? 9.407   -13.084 5.493   1.00 89.00 ? 59   LYS B CD  1 
ATOM   856 C CE  . LYS B 1 59 ? 8.832   -14.286 6.229   1.00 89.36 ? 59   LYS B CE  1 
ATOM   857 N NZ  . LYS B 1 59 ? 9.861   -14.990 7.044   1.00 89.25 ? 59   LYS B NZ  1 
ATOM   858 N N   . ALA B 1 60 ? 11.062  -11.054 0.793   1.00 88.85 ? 60   ALA B N   1 
ATOM   859 C CA  . ALA B 1 60 ? 11.715  -10.203 -0.195  1.00 90.33 ? 60   ALA B CA  1 
ATOM   860 C C   . ALA B 1 60 ? 10.809  -9.051  -0.618  1.00 91.52 ? 60   ALA B C   1 
ATOM   861 O O   . ALA B 1 60 ? 11.275  -7.938  -0.869  1.00 92.04 ? 60   ALA B O   1 
ATOM   862 C CB  . ALA B 1 60 ? 12.112  -11.030 -1.412  1.00 90.19 ? 60   ALA B CB  1 
ATOM   863 N N   . ILE B 1 61 ? 9.510   -9.323  -0.702  1.00 92.46 ? 61   ILE B N   1 
ATOM   864 C CA  . ILE B 1 61 ? 8.546   -8.301  -1.084  1.00 93.42 ? 61   ILE B CA  1 
ATOM   865 C C   . ILE B 1 61 ? 8.496   -7.221  -0.005  1.00 93.22 ? 61   ILE B C   1 
ATOM   866 O O   . ILE B 1 61 ? 8.102   -6.084  -0.263  1.00 93.15 ? 61   ILE B O   1 
ATOM   867 C CB  . ILE B 1 61 ? 7.137   -8.917  -1.276  1.00 94.42 ? 61   ILE B CB  1 
ATOM   868 C CG1 . ILE B 1 61 ? 7.173   -9.938  -2.420  1.00 94.68 ? 61   ILE B CG1 1 
ATOM   869 C CG2 . ILE B 1 61 ? 6.112   -7.824  -1.554  1.00 94.90 ? 61   ILE B CG2 1 
ATOM   870 C CD1 . ILE B 1 61 ? 7.644   -9.377  -3.754  1.00 95.22 ? 61   ILE B CD1 1 
ATOM   871 N N   . LYS B 1 62 ? 8.909   -7.585  1.204   1.00 93.52 ? 62   LYS B N   1 
ATOM   872 C CA  . LYS B 1 62 ? 8.922   -6.650  2.322   1.00 93.52 ? 62   LYS B CA  1 
ATOM   873 C C   . LYS B 1 62 ? 10.223  -5.852  2.303   1.00 93.57 ? 62   LYS B C   1 
ATOM   874 O O   . LYS B 1 62 ? 10.426  -4.943  3.111   1.00 93.39 ? 62   LYS B O   1 
ATOM   875 C CB  . LYS B 1 62 ? 8.778   -7.415  3.642   1.00 93.77 ? 62   LYS B CB  1 
ATOM   876 C CG  . LYS B 1 62 ? 7.547   -8.312  3.680   1.00 93.54 ? 62   LYS B CG  1 
ATOM   877 C CD  . LYS B 1 62 ? 7.452   -9.101  4.972   1.00 94.26 ? 62   LYS B CD  1 
ATOM   878 C CE  . LYS B 1 62 ? 6.265   -10.053 4.939   1.00 94.39 ? 62   LYS B CE  1 
ATOM   879 N NZ  . LYS B 1 62 ? 6.145   -10.848 6.193   1.00 94.88 ? 62   LYS B NZ  1 
ATOM   880 N N   . ASN B 1 63 ? 11.103  -6.204  1.369   1.00 93.31 ? 63   ASN B N   1 
ATOM   881 C CA  . ASN B 1 63 ? 12.380  -5.519  1.212   1.00 93.52 ? 63   ASN B CA  1 
ATOM   882 C C   . ASN B 1 63 ? 12.152  -4.213  0.460   1.00 93.67 ? 63   ASN B C   1 
ATOM   883 O O   . ASN B 1 63 ? 12.613  -3.164  0.955   1.00 93.38 ? 63   ASN B O   1 
ATOM   884 C CB  . ASN B 1 63 ? 13.368  -6.394  0.434   1.00 93.68 ? 63   ASN B CB  1 
ATOM   885 C CG  . ASN B 1 63 ? 13.869  -7.576  1.244   1.00 94.10 ? 63   ASN B CG  1 
ATOM   886 O OD1 . ASN B 1 63 ? 15.186  -7.707  1.343   1.00 94.22 ? 63   ASN B OD1 1 
ATOM   887 N ND2 . ASN B 1 63 ? 13.084  -8.362  1.769   1.00 94.96 ? 63   ASN B ND2 1 
ATOM   888 N N   . LEU B 1 64 ? 11.517  -4.259  -0.618  1.00 60.06 ? 64   LEU B N   1 
HETATM 889 O O   . HOH C 2 .  ? 2.399   18.716  -5.817  1.00 76.46 ? 2001 HOH A O   1 
HETATM 890 O O   . HOH C 2 .  ? -5.204  13.158  5.804   1.00 50.93 ? 2002 HOH A O   1 
HETATM 891 O O   . HOH C 2 .  ? -7.191  12.948  12.329  1.00 58.36 ? 2003 HOH A O   1 
HETATM 892 O O   . HOH C 2 .  ? -9.838  3.167   12.066  1.00 64.56 ? 2004 HOH A O   1 
HETATM 893 O O   . HOH C 2 .  ? -6.308  6.767   -3.329  1.00 73.65 ? 2005 HOH A O   1 
HETATM 894 O O   . HOH C 2 .  ? -5.749  3.785   -0.287  1.00 47.38 ? 2006 HOH A O   1 
HETATM 895 O O   . HOH C 2 .  ? 4.822   11.315  -5.320  1.00 55.11 ? 2007 HOH A O   1 
HETATM 896 O O   . HOH C 2 .  ? 2.264   19.404  0.880   1.00 61.20 ? 2008 HOH A O   1 
HETATM 897 O O   . HOH C 2 .  ? 5.235   10.783  -2.646  1.00 49.60 ? 2009 HOH A O   1 
HETATM 898 O O   . HOH C 2 .  ? 3.552   11.799  4.278   1.00 44.24 ? 2010 HOH A O   1 
HETATM 899 O O   . HOH C 2 .  ? 9.302   10.403  3.562   1.00 73.67 ? 2011 HOH A O   1 
HETATM 900 O O   . HOH C 2 .  ? 2.828   11.416  -3.172  1.00 50.77 ? 2012 HOH A O   1 
HETATM 901 O O   . HOH C 2 .  ? 1.217   10.038  4.386   1.00 46.82 ? 2013 HOH A O   1 
HETATM 902 O O   . HOH D 2 .  ? -11.138 -8.645  -6.340  1.00 69.31 ? 2001 HOH B O   1 
HETATM 903 O O   . HOH D 2 .  ? -13.856 -10.554 -5.659  1.00 71.37 ? 2002 HOH B O   1 
HETATM 904 O O   . HOH D 2 .  ? -7.731  -10.810 -12.300 1.00 57.55 ? 2003 HOH B O   1 
HETATM 905 O O   . HOH D 2 .  ? -9.162  -7.633  -11.475 1.00 56.97 ? 2004 HOH B O   1 
HETATM 906 O O   . HOH D 2 .  ? -2.470  -11.293 -11.453 1.00 29.17 ? 2005 HOH B O   1 
HETATM 907 O O   . HOH D 2 .  ? 1.502   -17.599 -12.127 1.00 52.10 ? 2006 HOH B O   1 
HETATM 908 O O   . HOH D 2 .  ? 7.264   -13.200 -11.999 1.00 51.11 ? 2007 HOH B O   1 
HETATM 909 O O   . HOH D 2 .  ? 12.746  -4.290  -4.161  1.00 54.24 ? 2008 HOH B O   1 
HETATM 910 O O   . HOH D 2 .  ? 10.648  -3.513  -11.996 1.00 55.77 ? 2009 HOH B O   1 
HETATM 911 O O   . HOH D 2 .  ? 6.196   7.641   -6.337  1.00 41.04 ? 2010 HOH B O   1 
HETATM 912 O O   . HOH D 2 .  ? 11.781  -2.114  -16.137 1.00 46.53 ? 2011 HOH B O   1 
HETATM 913 O O   . HOH D 2 .  ? -3.694  -1.486  -9.341  1.00 47.11 ? 2012 HOH B O   1 
HETATM 914 O O   . HOH D 2 .  ? -5.918  -9.496  5.732   1.00 57.07 ? 2013 HOH B O   1 
HETATM 915 O O   . HOH D 2 .  ? -10.345 -8.143  -0.566  1.00 54.10 ? 2014 HOH B O   1 
HETATM 916 O O   . HOH D 2 .  ? -13.725 -13.772 -5.706  1.00 52.49 ? 2015 HOH B O   1 
HETATM 917 O O   . HOH D 2 .  ? -7.816  -8.853  -0.673  1.00 41.08 ? 2016 HOH B O   1 
HETATM 918 O O   . HOH D 2 .  ? -1.812  -12.253 -2.759  1.00 45.74 ? 2017 HOH B O   1 
HETATM 919 O O   . HOH D 2 .  ? -7.923  -7.840  -3.215  1.00 52.76 ? 2018 HOH B O   1 
HETATM 920 O O   . HOH D 2 .  ? -4.505  -13.021 -4.858  1.00 54.06 ? 2019 HOH B O   1 
HETATM 921 O O   . HOH D 2 .  ? -0.425  -0.237  -7.297  1.00 32.91 ? 2020 HOH B O   1 
HETATM 922 O O   . HOH D 2 .  ? 2.174   1.676   -14.704 1.00 29.83 ? 2021 HOH B O   1 
HETATM 923 O O   . HOH D 2 .  ? 7.692   -0.583  -16.140 1.00 44.07 ? 2022 HOH B O   1 
HETATM 924 O O   . HOH D 2 .  ? 8.609   1.527   -14.860 1.00 49.56 ? 2023 HOH B O   1 
HETATM 925 O O   . HOH D 2 .  ? 4.679   -3.509  -19.479 1.00 39.07 ? 2024 HOH B O   1 
HETATM 926 O O   . HOH D 2 .  ? 4.675   -6.979  -14.148 1.00 39.11 ? 2025 HOH B O   1 
HETATM 927 O O   . HOH D 2 .  ? 9.691   -3.978  -15.274 1.00 54.41 ? 2026 HOH B O   1 
HETATM 928 O O   . HOH D 2 .  ? -0.693  -10.183 -4.381  1.00 36.24 ? 2027 HOH B O   1 
HETATM 929 O O   . HOH D 2 .  ? 4.354   -18.651 -1.320  1.00 54.20 ? 2028 HOH B O   1 
HETATM 930 O O   . HOH D 2 .  ? 9.189   -12.750 -4.058  1.00 69.37 ? 2029 HOH B O   1 
# 
